data_8TZF
#
_entry.id   8TZF
#
_cell.length_a   1.00
_cell.length_b   1.00
_cell.length_c   1.00
_cell.angle_alpha   90.00
_cell.angle_beta   90.00
_cell.angle_gamma   90.00
#
_symmetry.space_group_name_H-M   'P 1'
#
loop_
_entity.id
_entity.type
_entity.pdbx_description
1 polymer 'Leucine-rich repeat serine/threonine-protein kinase 2'
2 polymer 'designed ankyrin repeat proteins E11'
3 non-polymer "GUANOSINE-5'-DIPHOSPHATE"
4 non-polymer 4-methyl-N-{4-[(4-methylpiperazin-1-yl)methyl]-3-(trifluoromethyl)phenyl}-3-[(1H-pyrazolo[3,4-b]pyridin-5-yl)ethynyl]benzamide
#
loop_
_entity_poly.entity_id
_entity_poly.type
_entity_poly.pdbx_seq_one_letter_code
_entity_poly.pdbx_strand_id
1 'polypeptide(L)'
;MASGSCQGCEEDEETLKKLIVRLNNVQEGKQIETLVQILEDLLVFTYSERASKLFQGKNIHVPLLIVLDSYMRVASVQQV
GWSLLCKLIEVCPGTMQSLMGPQDVGNDWEVLGVHQLILKMLTVHNASVNLSVIGLKTLDLLLTSGKITLLILDEESDIF
MLIFDAMHSFPANDEVQKLGCKALHVLFERVSEEQLTEFVENKDYMILLSALTNFKDEEEIVLHVLHCLHSLAIPCNNVE
VLMSGNVRCYNIVVEAMKAFPMSERIQEVSCCLLHRLTLGNFFNILVLNEVHEFVVKAVQQYPENAALQISALSCLALLT
ETIFLNQDLEEKNENQENDDEGEEDKLFWLEACYKALTWHRKNKHVQEAACWALNNLLMYQNSLHEKIGDEDGHFPAHRE
VMLSMLMHSSSKEVFQASANALSTLLEQNVNFRKILLSKGIHLNVLELMQKHIHSPEVAESGCKMLNHLFEGSNTSLDIM
AAVVPKILTVMKRHETSLPVQLEALRAILHFIVPGMPEESREDTEFHHKLNMVKKQCFKNDIHKLVLAALNRFIGNPGIQ
KCGLKVISSIVHFPDALEMLSLEGAMDSVLHTLQMYPDDQEIQCLGLSLIGYLITKKNVFIGTGHLLAKILVSSLYRFKD
VAEIQTKGFQTILAILKLSASFSKLLVHHSFDLVIFHQMSSNIMEQKDQQFLNLCCKCFAKVAMDDYLKNVMLERACDQN
NSIMVECLLLLGADANQAKEGSSLICQVCEKESSPKLVELLLNSGSREQDVRKALTISIGKGDSQIISLLLRRLALDVAN
NSICLGGFCIGKVEPSWLGPLFPDKTSNLRKQTNIASTLARMVIRYQMKSAVEEGTASGSDGNFSEDVLSKFDEWTFIPD
SSMDSVFAQSDDLDSEGSEGSFLVKKKSNSISVGEFYRDAVLQRCSPNLQRHSNSLGPIFDHEDLLKRKRKILSSDDSLR
SSKLQSHMRHSDSISSLASEREYITSLDLSANELRDIDALSQKCCISVHLEHLEKLELHQNALTSFPQQLCETLKSLTHL
DLHSNKFTSFPSYLLKMSCIANLDVSRNDIGPSVVLDPTVKCPTLKQFNLSYNQLSFVPENLTDVVEKLEQLILEGNKIS
GICSPLRLKELKILNLSKNHISSLSENFLEACPKVESFSARMNFLAAMPFLPPSMTILKLSQNKFSCIPEAILNLPHLRS
LDMSSNDIQYLPGPAHWKSLNLRELLFSHNQISILDLSEKAYLWSRVEKLHLSHNKLKEIPPEIGCLENLTSLDVSYNLE
LRSFPNEMGKLSKIWDLPLDELHLNFDFKHIGCKAKDIIRFLQQRLKKAVPYNRMKLMIVGNTGSGKTTLLQQLMKTKKS
DLGMQSATVGIDVKDWPIQIRDKRKRDLVLNVWDFAGREEFYSTHPHFMTQRALYLAVYDLSKGQAEVDAMKPWLFNIKA
RASSSPVILVGTHLDVSDEKQRKACMSKITKELLNKRGFPAIRDYHFVNATEESDALAKLRKTIINESLNFKIRDQLVVG
QLIPDCYVELEKIILSERKNVPIEFPVIDRKRLLQLVRENQLQLDENELPHAVHFLNESGVLLHFQDPALQLSDLYFVEP
KWLCKIMAQILTVKVEGCPKHPKGIISRRDVEKFLSKKRKFPKNYMSQYFKLLEKFQIALPIGEEYLLVPSSLSDHRPVI
ELPHCENSEIIIRLYEMPYFPMGFWSRLINRLLEISPYMLSGRERALRPNRMYWRQGIYLNWSPEAYCLVGSEVLDNHPE
SFLKITVPSCRKGCILLGQVVDHIDSLMEEWFPGLLEIDICGEGETLLKKWALYSFNDGEEHQKILLDDLMKKAEEGDLL
VNPDQPRLTIPISQIAPDLILADLPRNIMLNNDELEFEQAPEFLLGDGSFGSVYRAAYEGEEVAVKIFNKHTSLRLLRQE
LVVLCHLHHPSLISLLAAGIRPRMLVMELASKGSLDRLLQQDKASLTRTLQHRIALHVADGLRYLHSAMIIYRDLKPHNV
LLFTLYPNAAIIAKIADYGTAQYCCRMGIKTSEGTPGFRAPEVARGNVIYNQQADVYSFGLLLYDILTTGGRIVEGLKFP
NEFDELEIQGKLPDPVKEYGCAPWPMVEKLIKQCLKENPQERPTSAQVFDILNSAELVCLTRRILLPKNVIVECMVATHH
NSRNASIWLGCGHTDRGQLSFLDLNTEGYTSEEVADSRILCLALVHLPVEKESWIVSGTQSGTLLVINTEDGKKRHTLEK
MTDSVTCLYCNSFSKQSKQKNFLLVGTADGKLAIFEDKTVKLKGAAPLKILNIGNVSTPLMCLSESTNSTERNVMWGGCG
TKIFSFSNDFTIQKLIETRTSQLFSYAAFSDSNIITVVVDTALYIAKQNSPVVEVWDKKTEKLCGLIDCVHFLREVMVKE
NKESKHKMSYSGRVKTLCLQKNTALWIGTGGGHILLLDLSTRRLIRVIYNFCNSVRVMMTAQLGSLKNVMLVLGYNRKNT
EGTQKQKEIQSCLTVWDINLPHEVQNLEKHIEVRKELAEKMRRTSVE
;
A
2 'polypeptide(L)'
;MRGSHHHHHHHHGSDLGKKLLEAARAGQDDEVRILMANGADVNATDEAGVTPLHLAADSGHLEIVEVLLKTGADVNAWDH
YGFTPLHLAAHVGHLEIVEVLLKAGADVNAQDHAGWTPLHLAALYGHLEIVEVLLKHGADVNAQDMWGETPFDLAIDNGN
EDIAEVLQKAAKLNDYKDDDDK
;
B
#
# COMPACT_ATOMS: atom_id res chain seq x y z
N ASP A 587 -51.12 40.62 -22.90
CA ASP A 587 -49.93 41.28 -23.43
C ASP A 587 -50.14 42.79 -23.52
N SER A 588 -51.40 43.22 -23.47
CA SER A 588 -51.70 44.65 -23.51
C SER A 588 -51.16 45.37 -22.30
N VAL A 589 -51.32 44.77 -21.11
CA VAL A 589 -50.82 45.39 -19.89
C VAL A 589 -49.30 45.47 -19.92
N LEU A 590 -48.63 44.40 -20.37
CA LEU A 590 -47.18 44.41 -20.45
C LEU A 590 -46.70 45.46 -21.45
N HIS A 591 -47.37 45.58 -22.60
CA HIS A 591 -47.00 46.58 -23.58
C HIS A 591 -47.18 47.98 -23.01
N THR A 592 -48.28 48.22 -22.30
CA THR A 592 -48.52 49.52 -21.70
C THR A 592 -47.45 49.85 -20.66
N LEU A 593 -47.08 48.87 -19.83
CA LEU A 593 -46.05 49.10 -18.83
C LEU A 593 -44.70 49.39 -19.47
N GLN A 594 -44.36 48.65 -20.53
CA GLN A 594 -43.08 48.85 -21.19
C GLN A 594 -43.03 50.20 -21.90
N MET A 595 -44.13 50.60 -22.53
CA MET A 595 -44.15 51.86 -23.27
C MET A 595 -44.26 53.07 -22.37
N TYR A 596 -44.61 52.88 -21.09
CA TYR A 596 -44.80 53.98 -20.15
C TYR A 596 -43.95 53.71 -18.91
N PRO A 597 -42.66 54.01 -18.95
CA PRO A 597 -41.81 53.80 -17.78
C PRO A 597 -41.78 55.00 -16.85
N ASP A 598 -41.03 54.88 -15.75
CA ASP A 598 -40.87 55.96 -14.77
C ASP A 598 -42.22 56.42 -14.22
N ASP A 599 -43.12 55.46 -13.94
CA ASP A 599 -44.44 55.76 -13.39
C ASP A 599 -44.74 54.73 -12.31
N GLN A 600 -44.48 55.09 -11.05
CA GLN A 600 -44.67 54.15 -9.95
C GLN A 600 -46.13 53.79 -9.78
N GLU A 601 -47.03 54.77 -9.91
CA GLU A 601 -48.46 54.50 -9.76
C GLU A 601 -48.94 53.52 -10.83
N ILE A 602 -48.54 53.75 -12.09
CA ILE A 602 -48.90 52.82 -13.16
C ILE A 602 -48.19 51.49 -12.96
N GLN A 603 -46.96 51.50 -12.46
CA GLN A 603 -46.23 50.26 -12.23
C GLN A 603 -46.93 49.38 -11.21
N CYS A 604 -47.50 49.99 -10.17
CA CYS A 604 -48.21 49.20 -9.16
C CYS A 604 -49.41 48.49 -9.77
N LEU A 605 -50.19 49.20 -10.59
CA LEU A 605 -51.34 48.58 -11.25
C LEU A 605 -50.89 47.49 -12.22
N GLY A 606 -49.79 47.73 -12.95
CA GLY A 606 -49.29 46.71 -13.85
C GLY A 606 -48.84 45.46 -13.11
N LEU A 607 -48.17 45.63 -11.97
CA LEU A 607 -47.77 44.48 -11.18
C LEU A 607 -48.98 43.75 -10.62
N SER A 608 -50.01 44.50 -10.19
CA SER A 608 -51.22 43.86 -9.68
C SER A 608 -51.92 43.05 -10.77
N LEU A 609 -51.98 43.59 -11.98
CA LEU A 609 -52.63 42.90 -13.09
C LEU A 609 -51.76 41.82 -13.72
N ILE A 610 -50.46 41.80 -13.42
CA ILE A 610 -49.57 40.78 -13.99
C ILE A 610 -49.95 39.41 -13.47
N GLY A 611 -50.22 39.29 -12.16
CA GLY A 611 -50.60 38.03 -11.58
C GLY A 611 -52.02 37.59 -11.86
N TYR A 612 -52.84 38.46 -12.45
CA TYR A 612 -54.21 38.13 -12.79
C TYR A 612 -54.62 38.78 -14.10
N GLY A 624 -43.55 33.64 -22.94
CA GLY A 624 -43.33 34.78 -22.06
C GLY A 624 -41.87 34.99 -21.72
N HIS A 625 -40.99 34.69 -22.68
CA HIS A 625 -39.55 34.87 -22.45
C HIS A 625 -39.20 36.33 -22.22
N LEU A 626 -39.76 37.22 -23.03
CA LEU A 626 -39.52 38.66 -22.87
C LEU A 626 -40.48 39.31 -21.89
N LEU A 627 -41.49 38.58 -21.41
CA LEU A 627 -42.43 39.15 -20.44
C LEU A 627 -41.73 39.47 -19.13
N ALA A 628 -40.82 38.60 -18.69
CA ALA A 628 -40.11 38.83 -17.44
C ALA A 628 -39.17 40.03 -17.51
N LYS A 629 -38.82 40.49 -18.72
CA LYS A 629 -37.93 41.64 -18.84
C LYS A 629 -38.58 42.89 -18.25
N ILE A 630 -39.87 43.09 -18.53
CA ILE A 630 -40.57 44.26 -18.00
C ILE A 630 -40.61 44.20 -16.47
N LEU A 631 -40.90 43.02 -15.92
CA LEU A 631 -40.95 42.88 -14.47
C LEU A 631 -39.59 43.14 -13.83
N VAL A 632 -38.52 42.64 -14.46
CA VAL A 632 -37.18 42.87 -13.95
C VAL A 632 -36.84 44.35 -13.99
N SER A 633 -37.18 45.03 -15.09
CA SER A 633 -36.91 46.46 -15.19
C SER A 633 -37.68 47.24 -14.14
N SER A 634 -38.95 46.88 -13.92
CA SER A 634 -39.75 47.57 -12.92
C SER A 634 -39.17 47.35 -11.52
N LEU A 635 -38.76 46.12 -11.21
CA LEU A 635 -38.18 45.85 -9.90
C LEU A 635 -36.88 46.61 -9.69
N TYR A 636 -36.03 46.66 -10.73
CA TYR A 636 -34.76 47.38 -10.61
C TYR A 636 -34.98 48.87 -10.45
N ARG A 637 -35.96 49.43 -11.17
CA ARG A 637 -36.20 50.87 -11.10
C ARG A 637 -36.66 51.29 -9.72
N PHE A 638 -37.54 50.51 -9.10
CA PHE A 638 -38.12 50.83 -7.81
C PHE A 638 -37.74 49.80 -6.75
N LYS A 639 -36.46 49.41 -6.74
CA LYS A 639 -35.99 48.44 -5.75
C LYS A 639 -36.13 48.98 -4.33
N ASP A 640 -35.80 50.26 -4.13
CA ASP A 640 -35.90 50.87 -2.81
C ASP A 640 -36.64 52.20 -2.84
N VAL A 641 -37.18 52.59 -3.99
CA VAL A 641 -37.92 53.85 -4.07
C VAL A 641 -39.20 53.77 -3.23
N ALA A 642 -39.91 52.64 -3.31
CA ALA A 642 -41.16 52.47 -2.58
C ALA A 642 -41.31 51.01 -2.20
N GLU A 643 -42.14 50.77 -1.18
CA GLU A 643 -42.39 49.41 -0.69
C GLU A 643 -43.65 48.83 -1.34
N ILE A 644 -43.58 48.65 -2.65
CA ILE A 644 -44.66 48.08 -3.42
C ILE A 644 -44.28 46.70 -3.96
N GLN A 645 -43.27 46.06 -3.37
CA GLN A 645 -42.76 44.80 -3.86
C GLN A 645 -43.60 43.60 -3.44
N THR A 646 -44.62 43.80 -2.58
CA THR A 646 -45.46 42.70 -2.16
C THR A 646 -46.22 42.10 -3.34
N LYS A 647 -46.78 42.96 -4.21
CA LYS A 647 -47.49 42.47 -5.38
C LYS A 647 -46.55 41.71 -6.32
N GLY A 648 -45.33 42.24 -6.51
CA GLY A 648 -44.37 41.54 -7.34
C GLY A 648 -43.98 40.19 -6.78
N PHE A 649 -43.79 40.12 -5.47
CA PHE A 649 -43.47 38.84 -4.83
C PHE A 649 -44.62 37.85 -4.99
N GLN A 650 -45.86 38.33 -4.82
CA GLN A 650 -47.02 37.45 -5.00
C GLN A 650 -47.11 36.95 -6.43
N THR A 651 -46.85 37.83 -7.40
CA THR A 651 -46.87 37.42 -8.80
C THR A 651 -45.78 36.40 -9.10
N ILE A 652 -44.58 36.62 -8.53
CA ILE A 652 -43.48 35.67 -8.73
C ILE A 652 -43.83 34.32 -8.14
N LEU A 653 -44.43 34.31 -6.95
CA LEU A 653 -44.88 33.06 -6.35
C LEU A 653 -45.92 32.37 -7.22
N ALA A 654 -46.85 33.16 -7.79
CA ALA A 654 -47.84 32.58 -8.69
C ALA A 654 -47.19 32.01 -9.94
N ILE A 655 -46.19 32.70 -10.49
CA ILE A 655 -45.47 32.23 -11.66
C ILE A 655 -44.61 31.03 -11.32
N SER A 661 -40.12 26.92 -15.40
CA SER A 661 -39.03 27.44 -16.22
C SER A 661 -38.94 28.96 -16.11
N PHE A 662 -39.95 29.56 -15.46
CA PHE A 662 -39.95 31.01 -15.28
C PHE A 662 -38.80 31.47 -14.41
N SER A 663 -38.48 30.70 -13.36
CA SER A 663 -37.43 31.10 -12.43
C SER A 663 -36.08 31.18 -13.13
N LYS A 664 -35.80 30.23 -14.03
CA LYS A 664 -34.53 30.26 -14.76
C LYS A 664 -34.41 31.52 -15.61
N LEU A 665 -35.47 31.89 -16.31
CA LEU A 665 -35.46 33.11 -17.10
C LEU A 665 -35.30 34.34 -16.21
N LEU A 666 -35.98 34.34 -15.06
CA LEU A 666 -35.85 35.48 -14.14
C LEU A 666 -34.42 35.62 -13.64
N VAL A 667 -33.77 34.50 -13.30
CA VAL A 667 -32.38 34.54 -12.89
C VAL A 667 -31.50 35.04 -14.03
N HIS A 668 -31.76 34.56 -15.25
CA HIS A 668 -31.05 35.07 -16.41
C HIS A 668 -31.37 36.53 -16.69
N HIS A 669 -32.51 37.02 -16.22
CA HIS A 669 -32.92 38.41 -16.38
C HIS A 669 -32.28 39.32 -15.34
N SER A 670 -31.23 38.87 -14.66
CA SER A 670 -30.51 39.66 -13.66
C SER A 670 -31.40 40.07 -12.49
N PHE A 671 -32.42 39.26 -12.19
CA PHE A 671 -33.25 39.51 -11.02
C PHE A 671 -32.49 39.31 -9.72
N ASP A 672 -31.35 38.61 -9.77
CA ASP A 672 -30.54 38.43 -8.57
C ASP A 672 -30.02 39.77 -8.05
N LEU A 673 -29.68 40.69 -8.96
CA LEU A 673 -29.25 42.01 -8.53
C LEU A 673 -30.36 42.74 -7.79
N VAL A 674 -31.59 42.66 -8.29
CA VAL A 674 -32.72 43.29 -7.62
C VAL A 674 -32.97 42.66 -6.27
N ILE A 675 -32.88 41.32 -6.19
CA ILE A 675 -33.09 40.64 -4.91
C ILE A 675 -32.04 41.05 -3.90
N PHE A 676 -30.78 41.12 -4.34
CA PHE A 676 -29.70 41.55 -3.45
C PHE A 676 -29.90 42.99 -3.00
N HIS A 677 -30.31 43.88 -3.92
CA HIS A 677 -30.54 45.26 -3.55
C HIS A 677 -31.66 45.38 -2.53
N GLN A 678 -32.72 44.60 -2.69
CA GLN A 678 -33.80 44.59 -1.72
C GLN A 678 -33.32 44.07 -0.36
N MET A 679 -32.56 42.98 -0.38
CA MET A 679 -32.05 42.41 0.87
C MET A 679 -30.98 43.29 1.51
N SER A 680 -30.30 44.12 0.72
CA SER A 680 -29.28 45.01 1.26
C SER A 680 -29.84 46.43 1.45
N ASP A 688 -41.29 45.15 8.98
CA ASP A 688 -41.24 44.57 7.64
C ASP A 688 -41.23 43.05 7.69
N GLN A 689 -41.94 42.50 8.67
CA GLN A 689 -41.99 41.04 8.83
C GLN A 689 -42.64 40.37 7.63
N GLN A 690 -43.75 40.93 7.14
CA GLN A 690 -44.44 40.34 6.00
C GLN A 690 -43.58 40.41 4.74
N PHE A 691 -42.95 41.55 4.50
CA PHE A 691 -42.09 41.69 3.32
C PHE A 691 -40.89 40.75 3.41
N LEU A 692 -40.30 40.64 4.59
CA LEU A 692 -39.16 39.72 4.77
C LEU A 692 -39.59 38.28 4.53
N ASN A 693 -40.75 37.88 5.05
CA ASN A 693 -41.23 36.53 4.83
C ASN A 693 -41.50 36.27 3.36
N LEU A 694 -42.10 37.25 2.67
CA LEU A 694 -42.36 37.10 1.24
C LEU A 694 -41.06 36.96 0.45
N CYS A 695 -40.07 37.78 0.79
CA CYS A 695 -38.77 37.71 0.11
C CYS A 695 -38.10 36.35 0.36
N CYS A 696 -38.18 35.86 1.59
CA CYS A 696 -37.60 34.56 1.90
C CYS A 696 -38.29 33.45 1.12
N LYS A 697 -39.62 33.50 1.03
CA LYS A 697 -40.36 32.49 0.28
C LYS A 697 -40.01 32.56 -1.21
N CYS A 698 -39.90 33.77 -1.75
CA CYS A 698 -39.53 33.91 -3.16
C CYS A 698 -38.13 33.36 -3.42
N PHE A 699 -37.17 33.67 -2.53
CA PHE A 699 -35.83 33.15 -2.69
C PHE A 699 -35.79 31.63 -2.60
N ALA A 700 -36.53 31.06 -1.65
CA ALA A 700 -36.57 29.61 -1.51
C ALA A 700 -37.19 28.95 -2.73
N LYS A 701 -38.26 29.54 -3.27
CA LYS A 701 -38.89 28.98 -4.46
C LYS A 701 -37.96 29.08 -5.67
N VAL A 702 -37.25 30.20 -5.81
CA VAL A 702 -36.37 30.39 -6.95
C VAL A 702 -35.17 29.46 -6.89
N ALA A 703 -34.59 29.30 -5.69
CA ALA A 703 -33.35 28.55 -5.53
C ALA A 703 -33.59 27.06 -5.34
N MET A 704 -34.76 26.55 -5.73
CA MET A 704 -35.01 25.11 -5.65
C MET A 704 -34.06 24.35 -6.57
N ASP A 705 -33.87 24.84 -7.80
CA ASP A 705 -33.01 24.18 -8.76
C ASP A 705 -31.55 24.44 -8.42
N ASP A 706 -30.73 23.39 -8.50
CA ASP A 706 -29.32 23.52 -8.16
C ASP A 706 -28.59 24.44 -9.13
N TYR A 707 -28.93 24.37 -10.42
CA TYR A 707 -28.30 25.24 -11.40
C TYR A 707 -28.57 26.70 -11.11
N LEU A 708 -29.82 27.03 -10.76
CA LEU A 708 -30.15 28.41 -10.41
C LEU A 708 -29.39 28.86 -9.17
N LYS A 709 -29.27 27.98 -8.17
CA LYS A 709 -28.52 28.33 -6.97
C LYS A 709 -27.06 28.59 -7.28
N ASN A 710 -26.45 27.74 -8.12
CA ASN A 710 -25.06 27.94 -8.49
C ASN A 710 -24.88 29.24 -9.28
N VAL A 711 -25.81 29.53 -10.19
CA VAL A 711 -25.73 30.77 -10.96
C VAL A 711 -25.85 31.98 -10.03
N MET A 712 -26.76 31.92 -9.06
CA MET A 712 -26.90 33.01 -8.11
C MET A 712 -25.64 33.19 -7.27
N LEU A 713 -25.05 32.07 -6.84
CA LEU A 713 -23.80 32.16 -6.08
C LEU A 713 -22.69 32.78 -6.91
N GLU A 714 -22.59 32.39 -8.19
CA GLU A 714 -21.57 32.98 -9.05
C GLU A 714 -21.80 34.47 -9.24
N ARG A 715 -23.05 34.88 -9.45
CA ARG A 715 -23.37 36.28 -9.66
C ARG A 715 -23.33 37.11 -8.38
N ALA A 716 -23.29 36.47 -7.22
CA ALA A 716 -23.17 37.19 -5.96
C ALA A 716 -21.75 37.22 -5.42
N CYS A 717 -20.90 36.26 -5.79
CA CYS A 717 -19.54 36.23 -5.29
C CYS A 717 -18.69 37.35 -5.88
N ASP A 718 -18.94 37.72 -7.14
CA ASP A 718 -18.12 38.76 -7.77
C ASP A 718 -18.27 40.09 -7.06
N GLN A 719 -19.48 40.46 -6.68
CA GLN A 719 -19.66 41.67 -5.89
C GLN A 719 -19.31 41.39 -4.43
N ASN A 720 -18.93 42.44 -3.72
CA ASN A 720 -18.48 42.33 -2.34
C ASN A 720 -19.68 42.36 -1.41
N ASN A 721 -20.00 41.20 -0.84
CA ASN A 721 -21.12 41.09 0.10
C ASN A 721 -20.82 39.96 1.07
N SER A 722 -21.54 39.96 2.19
CA SER A 722 -21.30 38.96 3.23
C SER A 722 -22.57 38.23 3.62
N ILE A 723 -23.72 38.90 3.48
CA ILE A 723 -24.96 38.32 3.96
C ILE A 723 -25.58 37.39 2.92
N MET A 724 -25.72 37.87 1.69
CA MET A 724 -26.34 37.07 0.64
C MET A 724 -25.52 35.82 0.34
N VAL A 725 -24.19 35.96 0.30
CA VAL A 725 -23.33 34.81 0.02
C VAL A 725 -23.44 33.78 1.13
N GLU A 726 -23.45 34.24 2.39
CA GLU A 726 -23.58 33.29 3.51
C GLU A 726 -24.92 32.59 3.48
N CYS A 727 -26.00 33.33 3.18
CA CYS A 727 -27.32 32.71 3.09
C CYS A 727 -27.36 31.67 1.98
N LEU A 728 -26.79 31.99 0.81
CA LEU A 728 -26.78 31.05 -0.29
C LEU A 728 -25.93 29.83 0.03
N LEU A 729 -24.80 30.03 0.71
CA LEU A 729 -23.97 28.90 1.12
C LEU A 729 -24.72 27.99 2.08
N LEU A 730 -25.44 28.58 3.04
CA LEU A 730 -26.26 27.77 3.94
C LEU A 730 -27.33 27.02 3.18
N LEU A 731 -27.95 27.67 2.20
CA LEU A 731 -28.91 26.99 1.33
C LEU A 731 -28.26 25.96 0.41
N GLY A 732 -26.94 26.00 0.28
CA GLY A 732 -26.23 25.09 -0.61
C GLY A 732 -25.20 25.79 -1.45
N ALA A 733 -25.32 25.71 -2.77
CA ALA A 733 -24.48 26.45 -3.72
C ALA A 733 -23.00 26.12 -3.50
N ASP A 734 -22.67 24.87 -3.79
CA ASP A 734 -21.30 24.40 -3.60
C ASP A 734 -20.31 25.20 -4.43
N ALA A 735 -19.12 25.40 -3.87
CA ALA A 735 -18.09 26.24 -4.47
C ALA A 735 -17.11 25.44 -5.32
N ASN A 736 -17.56 24.35 -5.94
CA ASN A 736 -16.74 23.54 -6.84
C ASN A 736 -17.51 23.40 -8.15
N GLN A 737 -17.31 24.37 -9.04
CA GLN A 737 -17.99 24.37 -10.34
C GLN A 737 -16.99 24.53 -11.47
N SER A 742 -11.79 28.84 -14.56
CA SER A 742 -11.34 28.97 -13.18
C SER A 742 -12.51 28.74 -12.22
N SER A 743 -12.18 28.24 -11.02
CA SER A 743 -13.19 27.96 -10.01
C SER A 743 -13.52 29.25 -9.25
N LEU A 744 -14.29 29.12 -8.16
CA LEU A 744 -14.78 30.29 -7.45
C LEU A 744 -13.66 31.06 -6.78
N ILE A 745 -12.78 30.37 -6.05
CA ILE A 745 -11.84 31.06 -5.17
C ILE A 745 -10.85 31.89 -5.99
N CYS A 746 -10.45 31.38 -7.16
CA CYS A 746 -9.58 32.17 -8.02
C CYS A 746 -10.26 33.48 -8.44
N GLN A 747 -11.55 33.41 -8.80
CA GLN A 747 -12.27 34.61 -9.18
C GLN A 747 -12.40 35.58 -8.02
N VAL A 748 -12.74 35.07 -6.83
CA VAL A 748 -12.93 35.97 -5.69
C VAL A 748 -11.61 36.50 -5.17
N CYS A 749 -10.48 35.87 -5.51
CA CYS A 749 -9.18 36.38 -5.12
C CYS A 749 -8.57 37.30 -6.17
N GLU A 750 -9.00 37.21 -7.43
CA GLU A 750 -8.46 38.09 -8.46
C GLU A 750 -9.04 39.49 -8.35
N LYS A 751 -10.24 39.64 -7.78
CA LYS A 751 -10.92 40.92 -7.73
C LYS A 751 -10.63 41.73 -6.48
N GLU A 752 -9.75 41.24 -5.60
CA GLU A 752 -9.40 41.93 -4.36
C GLU A 752 -10.66 42.16 -3.50
N SER A 753 -11.27 41.07 -3.08
CA SER A 753 -12.49 41.12 -2.29
C SER A 753 -12.17 41.25 -0.81
N SER A 754 -13.23 41.38 -0.01
CA SER A 754 -13.07 41.53 1.42
C SER A 754 -12.59 40.22 2.04
N PRO A 755 -11.86 40.29 3.15
CA PRO A 755 -11.42 39.05 3.83
C PRO A 755 -12.58 38.18 4.29
N LYS A 756 -13.73 38.76 4.60
CA LYS A 756 -14.87 37.98 5.06
C LYS A 756 -15.34 37.00 3.99
N LEU A 757 -15.41 37.46 2.74
CA LEU A 757 -15.82 36.58 1.64
C LEU A 757 -14.88 35.39 1.51
N VAL A 758 -13.58 35.65 1.53
CA VAL A 758 -12.60 34.57 1.36
C VAL A 758 -12.70 33.60 2.53
N GLU A 759 -12.82 34.11 3.77
CA GLU A 759 -12.92 33.23 4.92
C GLU A 759 -14.17 32.37 4.85
N LEU A 760 -15.29 32.97 4.46
CA LEU A 760 -16.54 32.22 4.35
C LEU A 760 -16.44 31.14 3.28
N LEU A 761 -15.79 31.45 2.15
CA LEU A 761 -15.64 30.46 1.10
C LEU A 761 -14.72 29.33 1.54
N LEU A 762 -13.65 29.66 2.28
CA LEU A 762 -12.73 28.64 2.76
C LEU A 762 -13.42 27.69 3.73
N ASN A 763 -14.24 28.24 4.63
CA ASN A 763 -14.95 27.39 5.58
C ASN A 763 -15.88 26.40 4.89
N SER A 764 -16.33 26.71 3.67
CA SER A 764 -17.17 25.80 2.92
C SER A 764 -16.33 24.76 2.21
N GLY A 765 -16.98 23.89 1.45
CA GLY A 765 -16.29 22.85 0.71
C GLY A 765 -15.65 23.36 -0.57
N SER A 766 -14.33 23.25 -0.66
CA SER A 766 -13.60 23.72 -1.83
C SER A 766 -12.35 22.87 -2.00
N ARG A 767 -11.84 22.87 -3.22
CA ARG A 767 -10.68 22.03 -3.55
C ARG A 767 -9.40 22.62 -3.00
N GLU A 768 -8.49 21.74 -2.58
CA GLU A 768 -7.19 22.19 -2.07
C GLU A 768 -6.36 22.83 -3.18
N GLN A 769 -6.35 22.22 -4.37
CA GLN A 769 -5.58 22.79 -5.47
C GLN A 769 -6.11 24.15 -5.87
N ASP A 770 -7.43 24.36 -5.78
CA ASP A 770 -7.99 25.68 -6.05
C ASP A 770 -7.49 26.71 -5.06
N VAL A 771 -7.42 26.33 -3.78
CA VAL A 771 -6.89 27.25 -2.78
C VAL A 771 -5.42 27.53 -3.04
N ARG A 772 -4.67 26.53 -3.52
CA ARG A 772 -3.26 26.76 -3.83
C ARG A 772 -3.11 27.72 -5.01
N LYS A 773 -3.94 27.57 -6.04
CA LYS A 773 -3.92 28.51 -7.16
C LYS A 773 -4.30 29.91 -6.69
N ALA A 774 -5.28 30.01 -5.81
CA ALA A 774 -5.63 31.30 -5.23
C ALA A 774 -4.47 31.87 -4.42
N LEU A 775 -3.70 31.01 -3.76
CA LEU A 775 -2.52 31.47 -3.04
C LEU A 775 -1.49 32.07 -4.00
N THR A 776 -1.26 31.40 -5.12
CA THR A 776 -0.35 31.95 -6.12
C THR A 776 -0.85 33.30 -6.63
N ILE A 777 -2.16 33.38 -6.91
CA ILE A 777 -2.74 34.61 -7.44
C ILE A 777 -2.60 35.74 -6.43
N SER A 778 -2.92 35.46 -5.16
CA SER A 778 -2.87 36.49 -4.14
C SER A 778 -1.44 36.88 -3.80
N ILE A 779 -0.49 35.96 -3.91
CA ILE A 779 0.91 36.31 -3.76
C ILE A 779 1.35 37.21 -4.90
N GLY A 780 0.81 36.99 -6.09
CA GLY A 780 1.10 37.90 -7.20
C GLY A 780 0.72 39.33 -6.88
N LYS A 781 -0.40 39.52 -6.20
CA LYS A 781 -0.82 40.84 -5.74
C LYS A 781 -0.23 41.11 -4.34
N GLY A 782 -0.40 42.35 -3.90
CA GLY A 782 0.04 42.70 -2.56
C GLY A 782 -1.08 42.73 -1.55
N ASP A 783 -1.23 41.66 -0.78
CA ASP A 783 -2.29 41.55 0.20
C ASP A 783 -1.81 40.69 1.36
N SER A 784 -2.46 40.87 2.50
CA SER A 784 -2.08 40.13 3.70
C SER A 784 -3.21 39.31 4.30
N GLN A 785 -4.43 39.86 4.35
CA GLN A 785 -5.53 39.16 4.99
C GLN A 785 -5.91 37.91 4.20
N ILE A 786 -6.12 38.04 2.90
CA ILE A 786 -6.52 36.91 2.08
C ILE A 786 -5.41 35.87 2.03
N ILE A 787 -4.16 36.32 1.90
CA ILE A 787 -3.03 35.41 1.87
C ILE A 787 -2.94 34.63 3.18
N SER A 788 -3.11 35.33 4.31
CA SER A 788 -3.04 34.65 5.60
C SER A 788 -4.17 33.64 5.76
N LEU A 789 -5.37 33.99 5.32
CA LEU A 789 -6.48 33.03 5.39
C LEU A 789 -6.20 31.81 4.53
N LEU A 790 -5.65 32.01 3.34
CA LEU A 790 -5.34 30.89 2.47
C LEU A 790 -4.27 30.00 3.08
N LEU A 791 -3.24 30.61 3.67
CA LEU A 791 -2.20 29.82 4.33
C LEU A 791 -2.78 29.03 5.51
N ARG A 792 -3.66 29.65 6.30
CA ARG A 792 -4.26 28.97 7.44
C ARG A 792 -5.10 27.79 6.98
N ARG A 793 -5.87 27.96 5.90
CA ARG A 793 -6.62 26.84 5.36
C ARG A 793 -5.68 25.75 4.85
N LEU A 794 -4.57 26.15 4.23
CA LEU A 794 -3.67 25.19 3.60
C LEU A 794 -2.71 24.57 4.60
N ALA A 795 -2.04 25.39 5.40
CA ALA A 795 -0.95 24.94 6.27
C ALA A 795 -1.15 25.50 7.68
N LEU A 796 -1.90 24.77 8.50
CA LEU A 796 -2.01 25.09 9.92
C LEU A 796 -2.53 23.84 10.63
N ASP A 797 -1.72 23.28 11.52
CA ASP A 797 -2.08 22.10 12.30
C ASP A 797 -2.11 22.52 13.77
N VAL A 798 -3.26 23.00 14.23
CA VAL A 798 -3.39 23.44 15.61
C VAL A 798 -3.27 22.26 16.57
N ALA A 799 -3.78 21.10 16.16
CA ALA A 799 -3.73 19.92 17.03
C ALA A 799 -2.30 19.50 17.31
N ASN A 800 -1.43 19.56 16.31
CA ASN A 800 -0.04 19.19 16.47
C ASN A 800 0.86 20.36 16.84
N ASN A 801 0.32 21.58 16.88
CA ASN A 801 1.10 22.79 17.13
C ASN A 801 2.24 22.93 16.13
N SER A 802 1.87 22.97 14.85
CA SER A 802 2.85 23.04 13.78
C SER A 802 2.23 23.76 12.59
N ILE A 803 3.10 24.31 11.74
CA ILE A 803 2.70 24.97 10.50
C ILE A 803 3.44 24.28 9.38
N CYS A 804 2.69 23.60 8.50
CA CYS A 804 3.28 22.78 7.45
C CYS A 804 3.34 23.55 6.13
N LEU A 805 4.17 24.61 6.13
CA LEU A 805 4.31 25.50 4.99
C LEU A 805 5.36 25.01 4.00
N GLY A 806 5.62 23.71 3.94
CA GLY A 806 6.70 23.20 3.13
C GLY A 806 6.48 23.25 1.62
N GLY A 807 5.58 22.42 1.12
CA GLY A 807 5.52 22.14 -0.32
C GLY A 807 5.26 23.34 -1.20
N PHE A 808 4.68 24.41 -0.65
CA PHE A 808 4.33 25.57 -1.47
C PHE A 808 5.58 26.32 -1.89
N CYS A 809 5.52 26.91 -3.08
CA CYS A 809 6.64 27.69 -3.62
C CYS A 809 6.43 29.18 -3.33
N ILE A 810 6.40 29.51 -2.05
CA ILE A 810 6.27 30.89 -1.62
C ILE A 810 7.58 31.62 -1.88
N GLY A 811 7.50 32.77 -2.53
CA GLY A 811 8.71 33.51 -2.87
C GLY A 811 9.46 34.00 -1.66
N LYS A 812 8.74 34.45 -0.64
CA LYS A 812 9.38 35.04 0.54
C LYS A 812 8.39 34.95 1.70
N VAL A 813 8.90 35.23 2.90
CA VAL A 813 8.09 35.21 4.11
C VAL A 813 8.26 36.53 4.84
N GLU A 814 7.13 37.14 5.21
CA GLU A 814 7.11 38.37 5.98
C GLU A 814 6.23 38.18 7.21
N PRO A 815 6.49 38.92 8.28
CA PRO A 815 5.68 38.76 9.50
C PRO A 815 4.22 39.12 9.31
N SER A 816 3.88 39.90 8.28
CA SER A 816 2.48 40.26 8.06
C SER A 816 1.63 39.03 7.76
N TRP A 817 2.15 38.09 6.97
CA TRP A 817 1.40 36.87 6.68
C TRP A 817 1.37 35.96 7.91
N LEU A 818 2.51 35.77 8.57
CA LEU A 818 2.60 34.81 9.66
C LEU A 818 1.94 35.30 10.95
N GLY A 819 1.62 36.58 11.05
CA GLY A 819 1.03 37.13 12.25
C GLY A 819 -0.27 36.45 12.64
N PRO A 820 -1.30 36.64 11.82
CA PRO A 820 -2.59 35.98 12.11
C PRO A 820 -2.52 34.46 12.09
N LEU A 821 -1.51 33.88 11.46
CA LEU A 821 -1.39 32.43 11.46
C LEU A 821 -1.18 31.88 12.86
N PHE A 822 -0.36 32.55 13.66
CA PHE A 822 -0.12 32.11 15.02
C PHE A 822 -1.37 32.35 15.88
N PRO A 823 -1.60 31.50 16.88
CA PRO A 823 -2.78 31.68 17.73
C PRO A 823 -2.69 32.95 18.57
N ASP A 824 -3.85 33.51 18.88
CA ASP A 824 -3.93 34.70 19.71
C ASP A 824 -5.04 34.57 20.74
N ASN A 834 -24.92 37.16 12.18
CA ASN A 834 -25.97 36.29 12.72
C ASN A 834 -27.26 36.45 11.92
N ILE A 835 -27.42 37.60 11.28
CA ILE A 835 -28.62 37.86 10.50
C ILE A 835 -28.69 36.91 9.31
N ALA A 836 -27.55 36.58 8.71
CA ALA A 836 -27.53 35.67 7.58
C ALA A 836 -28.05 34.29 7.97
N SER A 837 -27.67 33.81 9.15
CA SER A 837 -28.16 32.52 9.63
C SER A 837 -29.68 32.55 9.81
N THR A 838 -30.21 33.63 10.36
CA THR A 838 -31.65 33.75 10.55
C THR A 838 -32.38 33.77 9.21
N LEU A 839 -31.84 34.54 8.24
CA LEU A 839 -32.46 34.58 6.92
C LEU A 839 -32.43 33.20 6.26
N ALA A 840 -31.31 32.49 6.39
CA ALA A 840 -31.22 31.15 5.81
C ALA A 840 -32.21 30.19 6.47
N ARG A 841 -32.36 30.29 7.79
CA ARG A 841 -33.33 29.44 8.49
C ARG A 841 -34.75 29.75 8.02
N MET A 842 -35.08 31.04 7.86
CA MET A 842 -36.40 31.40 7.36
C MET A 842 -36.62 30.88 5.95
N VAL A 843 -35.61 30.98 5.09
CA VAL A 843 -35.72 30.48 3.72
C VAL A 843 -35.95 28.97 3.73
N ILE A 844 -35.20 28.25 4.56
CA ILE A 844 -35.35 26.80 4.64
C ILE A 844 -36.74 26.43 5.14
N ARG A 845 -37.24 27.15 6.15
CA ARG A 845 -38.58 26.88 6.67
C ARG A 845 -39.63 27.14 5.60
N TYR A 846 -39.49 28.22 4.84
CA TYR A 846 -40.44 28.51 3.78
C TYR A 846 -40.40 27.43 2.69
N GLN A 847 -39.20 26.98 2.33
CA GLN A 847 -39.08 25.96 1.30
C GLN A 847 -39.68 24.63 1.76
N MET A 848 -39.49 24.28 3.03
CA MET A 848 -40.03 23.03 3.55
C MET A 848 -41.55 23.02 3.49
N LYS A 849 -42.19 24.13 3.86
CA LYS A 849 -43.64 24.22 3.86
C LYS A 849 -44.20 24.21 2.45
N GLU A 982 -0.88 27.37 25.01
CA GLU A 982 -0.73 26.48 23.86
C GLU A 982 0.02 27.16 22.72
N TYR A 983 1.22 27.66 23.01
CA TYR A 983 2.02 28.29 21.98
C TYR A 983 2.35 27.28 20.89
N ILE A 984 2.30 27.74 19.64
CA ILE A 984 2.68 26.88 18.52
C ILE A 984 4.19 26.78 18.48
N THR A 985 4.70 25.62 18.05
CA THR A 985 6.13 25.37 18.11
C THR A 985 6.77 25.23 16.73
N SER A 986 6.35 24.26 15.93
CA SER A 986 7.08 23.89 14.73
C SER A 986 6.66 24.78 13.56
N LEU A 987 7.64 25.32 12.86
CA LEU A 987 7.41 26.13 11.66
C LEU A 987 8.25 25.53 10.54
N ASP A 988 7.59 24.97 9.53
CA ASP A 988 8.25 24.34 8.40
C ASP A 988 8.16 25.26 7.19
N LEU A 989 9.32 25.66 6.67
CA LEU A 989 9.42 26.57 5.53
C LEU A 989 10.38 26.00 4.49
N SER A 990 10.18 24.74 4.14
CA SER A 990 11.24 24.01 3.43
C SER A 990 11.28 24.32 1.94
N ALA A 991 10.25 23.91 1.20
CA ALA A 991 10.35 23.93 -0.26
C ALA A 991 10.13 25.31 -0.86
N ASN A 992 9.72 26.30 -0.06
CA ASN A 992 9.60 27.66 -0.57
C ASN A 992 10.97 28.18 -0.95
N GLU A 993 11.07 28.81 -2.12
CA GLU A 993 12.36 29.28 -2.63
C GLU A 993 12.81 30.52 -1.87
N LEU A 994 13.05 30.34 -0.58
CA LEU A 994 13.38 31.44 0.33
C LEU A 994 14.81 31.87 0.08
N ARG A 995 15.01 32.76 -0.88
CA ARG A 995 16.35 33.29 -1.12
C ARG A 995 16.86 34.12 0.04
N ASP A 996 15.97 34.59 0.92
CA ASP A 996 16.36 35.45 2.02
C ASP A 996 15.23 35.45 3.05
N ILE A 997 15.61 35.53 4.33
CA ILE A 997 14.64 35.36 5.41
C ILE A 997 14.72 36.52 6.41
N ASP A 998 15.50 37.54 6.09
CA ASP A 998 15.76 38.61 7.06
C ASP A 998 14.50 39.40 7.42
N ALA A 999 13.41 39.25 6.67
CA ALA A 999 12.17 39.92 7.01
C ALA A 999 11.58 39.43 8.32
N LEU A 1000 11.97 38.25 8.79
CA LEU A 1000 11.51 37.71 10.07
C LEU A 1000 12.42 38.08 11.23
N SER A 1001 13.48 38.85 10.99
CA SER A 1001 14.42 39.23 12.04
C SER A 1001 14.08 40.58 12.65
N GLN A 1002 12.92 41.16 12.33
CA GLN A 1002 12.53 42.43 12.87
C GLN A 1002 11.82 42.25 14.22
N LYS A 1003 11.32 43.35 14.77
CA LYS A 1003 10.67 43.37 16.08
C LYS A 1003 9.16 43.45 15.97
N CYS A 1004 8.58 42.73 15.01
CA CYS A 1004 7.15 42.81 14.75
C CYS A 1004 6.36 42.16 15.88
N CYS A 1005 5.05 42.05 15.70
CA CYS A 1005 4.18 41.49 16.72
C CYS A 1005 4.40 40.01 16.97
N ILE A 1006 5.16 39.32 16.11
CA ILE A 1006 5.40 37.89 16.28
C ILE A 1006 6.77 37.59 16.87
N SER A 1007 7.68 38.55 16.91
CA SER A 1007 8.98 38.30 17.52
C SER A 1007 8.85 37.94 18.99
N VAL A 1008 7.84 38.48 19.66
CA VAL A 1008 7.50 38.03 21.01
C VAL A 1008 6.98 36.60 20.96
N HIS A 1009 6.20 36.26 19.93
CA HIS A 1009 5.68 34.91 19.79
C HIS A 1009 6.68 33.96 19.16
N LEU A 1010 7.75 34.48 18.55
CA LEU A 1010 8.79 33.64 17.97
C LEU A 1010 9.78 33.13 19.01
N GLU A 1011 9.43 33.16 20.29
CA GLU A 1011 10.28 32.65 21.34
C GLU A 1011 9.85 31.27 21.83
N HIS A 1012 8.98 30.59 21.10
CA HIS A 1012 8.50 29.28 21.47
C HIS A 1012 8.50 28.34 20.28
N LEU A 1013 9.59 28.36 19.49
CA LEU A 1013 9.63 27.57 18.27
C LEU A 1013 10.01 26.12 18.55
N GLU A 1014 11.22 25.88 19.04
CA GLU A 1014 11.79 24.56 19.30
C GLU A 1014 11.99 23.74 18.04
N LYS A 1015 11.64 24.25 16.86
CA LYS A 1015 11.85 23.54 15.61
C LYS A 1015 11.69 24.51 14.45
N LEU A 1016 12.76 24.76 13.71
CA LEU A 1016 12.71 25.60 12.53
C LEU A 1016 13.32 24.84 11.36
N GLU A 1017 12.54 24.70 10.29
CA GLU A 1017 12.94 23.90 9.14
C GLU A 1017 13.05 24.78 7.91
N LEU A 1018 14.28 24.99 7.42
CA LEU A 1018 14.53 25.69 6.16
C LEU A 1018 15.48 24.83 5.34
N HIS A 1019 14.94 23.83 4.64
CA HIS A 1019 15.74 22.93 3.84
C HIS A 1019 15.18 22.87 2.44
N GLN A 1020 16.05 22.66 1.46
CA GLN A 1020 15.72 22.82 0.04
C GLN A 1020 15.27 24.26 -0.23
N ASN A 1021 16.22 25.17 -0.05
CA ASN A 1021 15.98 26.61 -0.18
C ASN A 1021 17.15 27.20 -0.96
N ALA A 1022 17.36 28.50 -0.80
CA ALA A 1022 18.53 29.15 -1.37
C ALA A 1022 19.08 30.22 -0.43
N LEU A 1023 19.09 29.92 0.87
CA LEU A 1023 19.58 30.89 1.84
C LEU A 1023 21.09 31.07 1.71
N THR A 1024 21.58 32.13 2.34
CA THR A 1024 23.00 32.42 2.38
C THR A 1024 23.56 32.51 3.79
N SER A 1025 22.84 33.12 4.72
CA SER A 1025 23.31 33.21 6.09
C SER A 1025 22.12 33.43 7.02
N PHE A 1026 22.13 32.74 8.16
CA PHE A 1026 21.10 32.92 9.17
C PHE A 1026 21.26 34.29 9.82
N PRO A 1027 20.20 35.10 9.89
CA PRO A 1027 20.32 36.41 10.52
C PRO A 1027 20.68 36.29 12.00
N GLN A 1028 21.62 37.12 12.44
CA GLN A 1028 22.04 37.08 13.83
C GLN A 1028 20.91 37.50 14.76
N GLN A 1029 20.14 38.51 14.36
CA GLN A 1029 19.00 38.93 15.18
C GLN A 1029 18.00 37.81 15.34
N LEU A 1030 17.74 37.06 14.26
CA LEU A 1030 16.82 35.93 14.34
C LEU A 1030 17.33 34.87 15.31
N CYS A 1031 18.63 34.59 15.27
CA CYS A 1031 19.16 33.55 16.14
C CYS A 1031 19.16 33.99 17.61
N GLU A 1032 19.40 35.27 17.89
CA GLU A 1032 19.38 35.71 19.28
C GLU A 1032 17.97 35.92 19.80
N THR A 1033 16.98 36.15 18.94
CA THR A 1033 15.59 36.22 19.38
C THR A 1033 14.93 34.85 19.39
N LEU A 1034 15.58 33.82 18.86
CA LEU A 1034 15.07 32.45 18.86
C LEU A 1034 15.76 31.71 20.00
N LYS A 1035 15.30 31.97 21.22
CA LYS A 1035 15.98 31.51 22.42
C LYS A 1035 15.42 30.19 22.95
N SER A 1036 14.52 29.54 22.22
CA SER A 1036 13.96 28.27 22.65
C SER A 1036 13.87 27.30 21.48
N LEU A 1037 14.94 27.21 20.70
CA LEU A 1037 14.96 26.42 19.47
C LEU A 1037 16.00 25.32 19.59
N THR A 1038 15.55 24.05 19.54
CA THR A 1038 16.44 22.92 19.77
C THR A 1038 16.38 21.88 18.67
N HIS A 1039 15.84 22.21 17.49
CA HIS A 1039 15.78 21.21 16.42
C HIS A 1039 16.04 21.83 15.05
N LEU A 1040 16.78 22.93 15.00
CA LEU A 1040 16.94 23.68 13.76
C LEU A 1040 17.72 22.90 12.73
N ASP A 1041 17.20 22.80 11.51
CA ASP A 1041 17.94 22.26 10.39
C ASP A 1041 17.89 23.21 9.22
N LEU A 1042 18.97 23.22 8.43
CA LEU A 1042 19.01 24.02 7.22
C LEU A 1042 20.05 23.39 6.29
N HIS A 1043 19.57 22.60 5.35
CA HIS A 1043 20.44 21.96 4.36
C HIS A 1043 19.89 22.22 2.97
N SER A 1044 20.64 21.79 1.97
CA SER A 1044 20.35 22.09 0.57
C SER A 1044 20.23 23.61 0.36
N ASN A 1045 21.08 24.35 1.05
CA ASN A 1045 21.15 25.80 0.94
C ASN A 1045 22.50 26.21 0.38
N LYS A 1046 22.56 27.44 -0.13
CA LYS A 1046 23.79 27.94 -0.73
C LYS A 1046 24.59 28.76 0.29
N PHE A 1047 24.91 28.12 1.41
CA PHE A 1047 25.78 28.74 2.40
C PHE A 1047 27.21 28.76 1.88
N THR A 1048 28.00 29.68 2.44
CA THR A 1048 29.41 29.79 2.09
C THR A 1048 30.35 29.79 3.29
N SER A 1049 29.86 30.00 4.50
CA SER A 1049 30.68 29.92 5.69
C SER A 1049 29.77 29.70 6.88
N PHE A 1050 30.26 28.96 7.87
CA PHE A 1050 29.49 28.73 9.07
C PHE A 1050 29.23 30.06 9.78
N PRO A 1051 28.01 30.30 10.26
CA PRO A 1051 27.72 31.60 10.87
C PRO A 1051 28.62 31.94 12.04
N SER A 1052 29.01 30.93 12.84
CA SER A 1052 29.83 31.05 14.04
C SER A 1052 29.11 31.75 15.18
N TYR A 1053 27.90 32.26 14.95
CA TYR A 1053 27.03 32.76 16.01
C TYR A 1053 25.80 31.90 16.20
N LEU A 1054 25.58 30.91 15.35
CA LEU A 1054 24.40 30.05 15.42
C LEU A 1054 24.37 29.26 16.72
N LEU A 1055 25.53 29.07 17.36
CA LEU A 1055 25.61 28.35 18.63
C LEU A 1055 25.51 29.25 19.84
N LYS A 1056 25.27 30.55 19.63
CA LYS A 1056 25.17 31.47 20.75
C LYS A 1056 23.79 31.49 21.40
N MET A 1057 22.83 30.72 20.87
CA MET A 1057 21.51 30.72 21.45
C MET A 1057 21.51 30.00 22.80
N SER A 1058 20.42 30.16 23.54
CA SER A 1058 20.33 29.60 24.88
C SER A 1058 20.44 28.07 24.85
N CYS A 1059 19.48 27.41 24.21
CA CYS A 1059 19.47 25.97 24.09
C CYS A 1059 19.32 25.62 22.62
N ILE A 1060 20.16 24.72 22.13
CA ILE A 1060 20.10 24.26 20.73
C ILE A 1060 20.61 22.82 20.66
N ALA A 1061 19.98 22.02 19.83
CA ALA A 1061 20.43 20.67 19.55
C ALA A 1061 20.06 20.32 18.12
N ASN A 1062 20.63 19.23 17.62
CA ASN A 1062 20.28 18.69 16.31
C ASN A 1062 20.49 19.72 15.19
N LEU A 1063 21.60 20.44 15.24
CA LEU A 1063 21.98 21.31 14.14
C LEU A 1063 22.25 20.47 12.88
N ASP A 1064 21.89 21.02 11.72
CA ASP A 1064 21.95 20.24 10.49
C ASP A 1064 22.24 21.18 9.32
N VAL A 1065 23.47 21.14 8.81
CA VAL A 1065 23.87 21.87 7.62
C VAL A 1065 24.57 20.87 6.71
N SER A 1066 23.80 20.16 5.89
CA SER A 1066 24.28 18.93 5.26
C SER A 1066 24.37 18.96 3.74
N ARG A 1067 24.09 20.07 3.09
CA ARG A 1067 24.36 20.19 1.66
C ARG A 1067 24.93 21.54 1.28
N ASN A 1068 25.20 22.41 2.25
CA ASN A 1068 25.75 23.72 1.99
C ASN A 1068 27.20 23.61 1.54
N ASP A 1069 27.68 24.65 0.86
CA ASP A 1069 29.06 24.69 0.40
C ASP A 1069 29.86 25.58 1.35
N ILE A 1070 30.18 25.02 2.51
CA ILE A 1070 30.97 25.72 3.52
C ILE A 1070 32.43 25.75 3.08
N GLY A 1071 33.10 26.87 3.34
CA GLY A 1071 34.47 27.06 2.93
C GLY A 1071 35.42 26.12 3.65
N PRO A 1072 36.69 26.12 3.23
CA PRO A 1072 37.65 25.17 3.82
C PRO A 1072 37.81 25.33 5.32
N SER A 1073 37.76 26.56 5.83
CA SER A 1073 37.95 26.83 7.25
C SER A 1073 36.60 27.04 7.91
N VAL A 1074 36.36 26.30 9.00
CA VAL A 1074 35.09 26.37 9.71
C VAL A 1074 35.33 26.64 11.19
N VAL A 1075 36.46 27.27 11.49
CA VAL A 1075 36.90 27.52 12.86
C VAL A 1075 35.80 28.17 13.68
N LEU A 1076 35.33 27.46 14.71
CA LEU A 1076 34.32 27.98 15.59
C LEU A 1076 34.91 29.05 16.50
N ASP A 1077 34.10 30.03 16.84
CA ASP A 1077 34.59 31.15 17.65
C ASP A 1077 34.89 30.69 19.08
N PRO A 1078 36.11 30.88 19.57
CA PRO A 1078 36.44 30.39 20.93
C PRO A 1078 35.63 31.05 22.03
N THR A 1079 35.08 32.25 21.79
CA THR A 1079 34.34 32.95 22.83
C THR A 1079 33.00 32.30 23.16
N VAL A 1080 32.54 31.36 22.34
CA VAL A 1080 31.27 30.68 22.55
C VAL A 1080 31.52 29.38 23.28
N LYS A 1081 30.76 29.13 24.35
CA LYS A 1081 30.90 27.93 25.17
C LYS A 1081 29.55 27.23 25.31
N CYS A 1082 28.86 27.03 24.19
CA CYS A 1082 27.53 26.42 24.23
C CYS A 1082 27.64 24.94 24.57
N PRO A 1083 27.05 24.49 25.68
CA PRO A 1083 27.11 23.07 26.02
C PRO A 1083 25.88 22.30 25.59
N THR A 1084 24.85 23.01 25.13
CA THR A 1084 23.56 22.38 24.84
C THR A 1084 23.58 21.57 23.55
N LEU A 1085 24.56 21.81 22.67
CA LEU A 1085 24.60 21.11 21.40
C LEU A 1085 24.81 19.62 21.60
N LYS A 1086 24.07 18.82 20.85
CA LYS A 1086 24.21 17.36 20.89
C LYS A 1086 24.73 16.81 19.58
N GLN A 1087 24.05 17.08 18.47
CA GLN A 1087 24.46 16.60 17.16
C GLN A 1087 24.91 17.77 16.30
N PHE A 1088 25.90 17.52 15.45
CA PHE A 1088 26.51 18.55 14.61
C PHE A 1088 26.76 17.95 13.23
N ASN A 1089 25.77 18.06 12.36
CA ASN A 1089 25.89 17.53 11.01
C ASN A 1089 26.59 18.54 10.11
N LEU A 1090 27.63 18.09 9.43
CA LEU A 1090 28.34 18.91 8.45
C LEU A 1090 28.64 18.09 7.21
N SER A 1091 27.70 17.24 6.82
CA SER A 1091 27.91 16.33 5.71
C SER A 1091 27.91 17.07 4.38
N TYR A 1092 28.62 16.51 3.41
CA TYR A 1092 28.53 16.89 1.99
C TYR A 1092 28.83 18.36 1.75
N ASN A 1093 29.62 18.98 2.61
CA ASN A 1093 30.06 20.36 2.40
C ASN A 1093 31.38 20.34 1.62
N GLN A 1094 32.07 21.47 1.62
CA GLN A 1094 33.38 21.60 0.97
C GLN A 1094 34.47 21.90 1.99
N LEU A 1095 34.46 21.19 3.10
CA LEU A 1095 35.47 21.35 4.13
C LEU A 1095 36.77 20.65 3.73
N SER A 1096 37.87 21.11 4.33
CA SER A 1096 39.15 20.45 4.16
C SER A 1096 39.94 20.30 5.46
N PHE A 1097 39.56 20.99 6.53
CA PHE A 1097 40.04 20.71 7.87
C PHE A 1097 38.85 20.59 8.81
N VAL A 1098 39.00 19.75 9.83
CA VAL A 1098 37.95 19.57 10.83
C VAL A 1098 37.82 20.87 11.61
N PRO A 1099 36.67 21.14 12.22
CA PRO A 1099 36.52 22.35 13.04
C PRO A 1099 37.63 22.46 14.08
N GLU A 1100 38.24 23.63 14.16
CA GLU A 1100 39.46 23.80 14.95
C GLU A 1100 39.19 24.07 16.42
N ASN A 1101 37.95 24.33 16.81
CA ASN A 1101 37.62 24.58 18.21
C ASN A 1101 36.46 23.72 18.65
N LEU A 1102 36.43 22.46 18.18
CA LEU A 1102 35.37 21.55 18.60
C LEU A 1102 35.48 21.21 20.07
N THR A 1103 36.69 21.24 20.64
CA THR A 1103 36.88 20.82 22.03
C THR A 1103 36.41 21.88 23.03
N ASP A 1104 36.54 23.16 22.70
CA ASP A 1104 36.24 24.24 23.63
C ASP A 1104 34.84 24.81 23.45
N VAL A 1105 34.41 25.04 22.21
CA VAL A 1105 33.12 25.67 21.98
C VAL A 1105 31.99 24.77 22.46
N VAL A 1106 32.06 23.48 22.13
CA VAL A 1106 31.06 22.52 22.56
C VAL A 1106 31.74 21.42 23.37
N GLU A 1107 31.04 20.94 24.38
CA GLU A 1107 31.57 19.91 25.27
C GLU A 1107 30.75 18.63 25.24
N LYS A 1108 29.43 18.74 25.36
CA LYS A 1108 28.57 17.56 25.43
C LYS A 1108 28.10 17.10 24.06
N LEU A 1109 28.87 17.38 23.01
CA LEU A 1109 28.50 16.93 21.68
C LEU A 1109 28.43 15.42 21.63
N GLU A 1110 27.37 14.89 21.04
CA GLU A 1110 27.14 13.45 21.00
C GLU A 1110 27.54 12.85 19.65
N GLN A 1111 26.91 13.30 18.57
CA GLN A 1111 27.17 12.78 17.24
C GLN A 1111 27.82 13.85 16.38
N LEU A 1112 28.96 13.53 15.79
CA LEU A 1112 29.69 14.42 14.90
C LEU A 1112 29.82 13.72 13.55
N ILE A 1113 29.03 14.17 12.58
CA ILE A 1113 28.97 13.54 11.26
C ILE A 1113 29.64 14.47 10.26
N LEU A 1114 30.61 13.94 9.51
CA LEU A 1114 31.31 14.73 8.50
C LEU A 1114 31.49 13.93 7.22
N GLU A 1115 30.53 13.07 6.88
CA GLU A 1115 30.67 12.25 5.69
C GLU A 1115 30.53 13.10 4.43
N GLY A 1116 31.28 12.73 3.39
CA GLY A 1116 31.19 13.40 2.11
C GLY A 1116 32.03 14.65 1.97
N ASN A 1117 32.56 15.18 3.06
CA ASN A 1117 33.43 16.36 2.98
C ASN A 1117 34.74 15.99 2.29
N LYS A 1118 35.64 16.96 2.20
CA LYS A 1118 36.96 16.75 1.63
C LYS A 1118 38.06 17.09 2.63
N ILE A 1119 37.90 16.63 3.87
CA ILE A 1119 38.89 16.89 4.91
C ILE A 1119 40.16 16.14 4.54
N SER A 1120 41.20 16.89 4.15
CA SER A 1120 42.44 16.30 3.65
C SER A 1120 43.51 16.16 4.72
N GLY A 1121 43.65 17.16 5.59
CA GLY A 1121 44.73 17.15 6.56
C GLY A 1121 44.58 16.05 7.58
N ILE A 1122 45.67 15.81 8.31
CA ILE A 1122 45.66 14.81 9.36
C ILE A 1122 44.67 15.24 10.44
N CYS A 1123 44.20 14.24 11.19
CA CYS A 1123 43.20 14.51 12.21
C CYS A 1123 43.83 15.14 13.46
N SER A 1124 43.07 16.03 14.07
CA SER A 1124 43.44 16.65 15.33
C SER A 1124 43.20 15.67 16.47
N PRO A 1125 43.73 15.95 17.67
CA PRO A 1125 43.51 15.04 18.80
C PRO A 1125 42.04 14.80 19.12
N LEU A 1126 41.16 15.76 18.82
CA LEU A 1126 39.72 15.63 19.03
C LEU A 1126 39.42 15.34 20.50
N ARG A 1127 39.70 16.35 21.32
CA ARG A 1127 39.53 16.25 22.78
C ARG A 1127 38.07 16.52 23.16
N LEU A 1128 37.22 15.55 22.81
CA LEU A 1128 35.80 15.59 23.15
C LEU A 1128 35.50 14.48 24.15
N LYS A 1129 34.87 14.84 25.26
CA LYS A 1129 34.69 13.92 26.37
C LYS A 1129 33.42 13.08 26.28
N GLU A 1130 32.34 13.62 25.73
CA GLU A 1130 31.06 12.92 25.68
C GLU A 1130 30.74 12.36 24.31
N LEU A 1131 31.69 12.32 23.39
CA LEU A 1131 31.39 11.88 22.03
C LEU A 1131 30.89 10.44 22.03
N LYS A 1132 29.83 10.20 21.27
CA LYS A 1132 29.24 8.87 21.16
C LYS A 1132 29.41 8.27 19.78
N ILE A 1133 29.02 8.98 18.72
CA ILE A 1133 29.10 8.48 17.36
C ILE A 1133 29.91 9.46 16.53
N LEU A 1134 30.87 8.94 15.77
CA LEU A 1134 31.71 9.72 14.89
C LEU A 1134 31.62 9.16 13.48
N ASN A 1135 31.52 10.05 12.50
CA ASN A 1135 31.42 9.65 11.10
C ASN A 1135 32.45 10.41 10.29
N LEU A 1136 33.22 9.69 9.47
CA LEU A 1136 34.22 10.30 8.60
C LEU A 1136 34.24 9.63 7.23
N SER A 1137 33.11 9.10 6.80
CA SER A 1137 33.05 8.38 5.55
C SER A 1137 33.22 9.32 4.36
N LYS A 1138 33.56 8.74 3.21
CA LYS A 1138 33.62 9.46 1.93
C LYS A 1138 34.48 10.72 2.02
N ASN A 1139 35.63 10.60 2.67
CA ASN A 1139 36.57 11.70 2.79
C ASN A 1139 37.83 11.39 1.99
N HIS A 1140 38.79 12.32 2.08
CA HIS A 1140 40.12 12.14 1.48
C HIS A 1140 41.13 12.26 2.62
N ILE A 1141 41.35 11.15 3.32
CA ILE A 1141 42.18 11.15 4.51
C ILE A 1141 43.33 10.17 4.29
N SER A 1142 44.51 10.54 4.78
CA SER A 1142 45.73 9.78 4.53
C SER A 1142 46.16 8.99 5.76
N SER A 1143 46.38 9.66 6.89
CA SER A 1143 46.84 8.98 8.09
C SER A 1143 46.23 9.65 9.31
N LEU A 1144 45.94 8.85 10.32
CA LEU A 1144 45.35 9.33 11.56
C LEU A 1144 46.44 9.58 12.59
N SER A 1145 46.35 10.72 13.27
CA SER A 1145 47.29 11.01 14.35
C SER A 1145 47.14 9.98 15.46
N GLU A 1146 48.25 9.67 16.13
CA GLU A 1146 48.23 8.65 17.17
C GLU A 1146 47.29 9.00 18.31
N ASN A 1147 47.00 10.28 18.52
CA ASN A 1147 46.11 10.73 19.59
C ASN A 1147 44.75 11.14 19.05
N PHE A 1148 44.33 10.58 17.91
CA PHE A 1148 43.06 10.97 17.32
C PHE A 1148 41.88 10.59 18.20
N LEU A 1149 41.90 9.39 18.77
CA LEU A 1149 40.81 8.90 19.59
C LEU A 1149 41.30 8.56 20.99
N GLU A 1150 42.25 9.34 21.50
CA GLU A 1150 42.83 9.11 22.81
C GLU A 1150 42.14 9.89 23.92
N ALA A 1151 41.08 10.64 23.60
CA ALA A 1151 40.39 11.41 24.63
C ALA A 1151 38.87 11.35 24.48
N CYS A 1152 38.34 10.32 23.82
CA CYS A 1152 36.90 10.16 23.62
C CYS A 1152 36.51 8.78 24.11
N PRO A 1153 36.40 8.60 25.43
CA PRO A 1153 36.22 7.27 26.00
C PRO A 1153 34.82 6.70 25.87
N LYS A 1154 33.95 7.27 25.03
CA LYS A 1154 32.60 6.76 24.89
C LYS A 1154 32.21 6.44 23.44
N VAL A 1155 33.12 6.61 22.48
CA VAL A 1155 32.77 6.44 21.08
C VAL A 1155 32.25 5.04 20.84
N GLU A 1156 31.20 4.93 20.03
CA GLU A 1156 30.55 3.66 19.78
C GLU A 1156 30.58 3.23 18.32
N SER A 1157 30.43 4.15 17.38
CA SER A 1157 30.25 3.80 15.97
C SER A 1157 31.13 4.66 15.07
N PHE A 1158 32.41 4.75 15.37
CA PHE A 1158 33.33 5.42 14.46
C PHE A 1158 33.30 4.75 13.09
N SER A 1159 33.15 5.57 12.05
CA SER A 1159 33.00 5.07 10.69
C SER A 1159 33.91 5.86 9.77
N ALA A 1160 34.67 5.14 8.93
CA ALA A 1160 35.55 5.77 7.94
C ALA A 1160 35.50 4.89 6.69
N ARG A 1161 34.58 5.22 5.78
CA ARG A 1161 34.45 4.50 4.52
C ARG A 1161 35.06 5.31 3.39
N MET A 1162 35.54 4.60 2.37
CA MET A 1162 36.12 5.21 1.18
C MET A 1162 37.16 6.25 1.54
N ASN A 1163 38.14 5.84 2.34
CA ASN A 1163 39.23 6.69 2.76
C ASN A 1163 40.55 5.99 2.46
N PHE A 1164 41.60 6.77 2.28
CA PHE A 1164 42.93 6.24 2.01
C PHE A 1164 43.73 6.11 3.32
N LEU A 1165 43.24 5.24 4.19
CA LEU A 1165 43.86 4.99 5.48
C LEU A 1165 44.78 3.77 5.40
N ALA A 1166 45.76 3.74 6.30
CA ALA A 1166 46.76 2.68 6.28
C ALA A 1166 46.87 1.99 7.64
N ALA A 1167 46.51 2.70 8.70
CA ALA A 1167 46.61 2.17 10.05
C ALA A 1167 45.58 2.85 10.93
N MET A 1168 45.42 2.33 12.14
CA MET A 1168 44.45 2.86 13.08
C MET A 1168 45.14 3.24 14.38
N PRO A 1169 44.91 4.44 14.91
CA PRO A 1169 45.52 4.83 16.18
C PRO A 1169 44.85 4.17 17.37
N PHE A 1170 45.22 4.58 18.57
CA PHE A 1170 44.66 4.04 19.80
C PHE A 1170 43.14 4.21 19.79
N LEU A 1171 42.42 3.10 19.71
CA LEU A 1171 40.96 3.11 19.81
C LEU A 1171 40.54 3.03 21.27
N PRO A 1172 39.62 3.88 21.72
CA PRO A 1172 39.22 3.84 23.13
C PRO A 1172 38.62 2.48 23.46
N PRO A 1173 38.82 2.00 24.70
CA PRO A 1173 38.33 0.66 25.05
C PRO A 1173 36.83 0.49 24.91
N SER A 1174 36.06 1.56 25.05
CA SER A 1174 34.60 1.50 24.92
C SER A 1174 34.14 1.34 23.51
N MET A 1175 35.07 1.07 22.60
CA MET A 1175 34.76 1.01 21.19
C MET A 1175 33.79 -0.14 20.92
N THR A 1176 32.82 0.11 20.05
CA THR A 1176 31.86 -0.96 19.82
C THR A 1176 31.61 -1.27 18.35
N ILE A 1177 31.61 -0.26 17.48
CA ILE A 1177 31.29 -0.44 16.06
C ILE A 1177 32.36 0.25 15.24
N LEU A 1178 32.86 -0.43 14.22
CA LEU A 1178 33.80 0.15 13.27
C LEU A 1178 33.26 0.00 11.86
N LYS A 1179 33.38 1.05 11.07
CA LYS A 1179 33.00 1.03 9.65
C LYS A 1179 34.21 1.50 8.86
N LEU A 1180 35.05 0.56 8.44
CA LEU A 1180 36.29 0.88 7.75
C LEU A 1180 36.31 0.28 6.34
N SER A 1181 35.14 0.08 5.75
CA SER A 1181 35.05 -0.49 4.42
C SER A 1181 35.62 0.48 3.39
N GLN A 1182 35.86 -0.03 2.19
CA GLN A 1182 36.33 0.74 1.04
C GLN A 1182 37.64 1.47 1.31
N ASN A 1183 38.39 1.06 2.32
CA ASN A 1183 39.71 1.61 2.58
C ASN A 1183 40.74 0.87 1.74
N LYS A 1184 42.01 1.11 2.00
CA LYS A 1184 43.11 0.34 1.41
C LYS A 1184 43.94 -0.17 2.59
N PHE A 1185 43.54 -1.30 3.15
CA PHE A 1185 44.19 -1.90 4.30
C PHE A 1185 44.82 -3.22 3.88
N SER A 1186 46.14 -3.35 4.10
CA SER A 1186 46.81 -4.60 3.79
C SER A 1186 46.46 -5.67 4.82
N CYS A 1187 46.46 -5.31 6.11
CA CYS A 1187 46.18 -6.25 7.17
C CYS A 1187 45.37 -5.54 8.25
N ILE A 1188 44.66 -6.33 9.04
CA ILE A 1188 43.83 -5.77 10.12
C ILE A 1188 44.73 -5.25 11.22
N PRO A 1189 44.63 -3.97 11.60
CA PRO A 1189 45.55 -3.40 12.58
C PRO A 1189 45.51 -4.13 13.92
N GLU A 1190 46.58 -3.96 14.69
CA GLU A 1190 46.63 -4.52 16.03
C GLU A 1190 45.59 -3.87 16.93
N ALA A 1191 45.36 -2.58 16.75
CA ALA A 1191 44.41 -1.87 17.61
C ALA A 1191 43.00 -2.42 17.45
N ILE A 1192 42.59 -2.71 16.23
CA ILE A 1192 41.25 -3.26 16.01
C ILE A 1192 41.12 -4.62 16.68
N LEU A 1193 42.17 -5.44 16.60
CA LEU A 1193 42.13 -6.76 17.24
C LEU A 1193 42.08 -6.65 18.76
N ASN A 1194 42.75 -5.65 19.33
CA ASN A 1194 42.80 -5.52 20.79
C ASN A 1194 41.54 -4.88 21.37
N LEU A 1195 40.52 -4.62 20.56
CA LEU A 1195 39.28 -4.09 21.08
C LEU A 1195 38.51 -5.16 21.85
N PRO A 1196 37.97 -4.83 23.03
CA PRO A 1196 37.29 -5.84 23.85
C PRO A 1196 35.78 -5.91 23.66
N HIS A 1197 35.17 -4.97 22.92
CA HIS A 1197 33.72 -4.93 22.81
C HIS A 1197 33.27 -4.77 21.35
N LEU A 1198 34.09 -5.20 20.41
CA LEU A 1198 33.74 -5.06 19.00
C LEU A 1198 32.50 -5.88 18.68
N ARG A 1199 31.55 -5.27 17.99
CA ARG A 1199 30.35 -5.96 17.57
C ARG A 1199 30.08 -5.85 16.08
N SER A 1200 30.36 -4.70 15.46
CA SER A 1200 30.06 -4.49 14.04
C SER A 1200 31.27 -3.84 13.39
N LEU A 1201 32.17 -4.67 12.87
CA LEU A 1201 33.32 -4.20 12.10
C LEU A 1201 33.13 -4.65 10.65
N ASP A 1202 33.14 -3.69 9.74
CA ASP A 1202 33.04 -3.97 8.31
C ASP A 1202 34.31 -3.53 7.62
N MET A 1203 34.93 -4.44 6.88
CA MET A 1203 36.19 -4.18 6.21
C MET A 1203 36.11 -4.57 4.74
N SER A 1204 34.93 -4.43 4.15
CA SER A 1204 34.72 -4.81 2.76
C SER A 1204 35.48 -3.88 1.82
N SER A 1205 35.61 -4.31 0.57
CA SER A 1205 36.27 -3.57 -0.49
C SER A 1205 37.73 -3.27 -0.18
N ASN A 1206 38.30 -3.90 0.83
CA ASN A 1206 39.71 -3.78 1.13
C ASN A 1206 40.48 -4.88 0.40
N ASP A 1207 41.75 -5.06 0.75
CA ASP A 1207 42.54 -6.20 0.28
C ASP A 1207 43.36 -6.70 1.48
N ILE A 1208 42.76 -7.63 2.24
CA ILE A 1208 43.40 -8.21 3.42
C ILE A 1208 43.73 -9.65 3.10
N GLN A 1209 45.02 -9.97 3.10
CA GLN A 1209 45.44 -11.34 2.81
C GLN A 1209 45.17 -12.26 4.01
N TYR A 1210 45.42 -11.77 5.22
CA TYR A 1210 45.34 -12.58 6.43
C TYR A 1210 44.13 -12.14 7.25
N LEU A 1211 43.18 -13.05 7.43
CA LEU A 1211 42.04 -12.82 8.32
C LEU A 1211 42.24 -13.69 9.56
N PRO A 1212 42.56 -13.10 10.72
CA PRO A 1212 42.89 -13.92 11.88
C PRO A 1212 41.69 -14.72 12.38
N GLY A 1213 41.99 -15.88 12.96
CA GLY A 1213 40.97 -16.72 13.55
C GLY A 1213 40.57 -16.22 14.92
N PRO A 1214 39.66 -16.97 15.55
CA PRO A 1214 39.09 -16.51 16.83
C PRO A 1214 40.11 -16.36 17.94
N ALA A 1215 41.26 -17.00 17.85
CA ALA A 1215 42.25 -16.90 18.91
C ALA A 1215 42.78 -15.48 19.05
N HIS A 1216 43.07 -14.82 17.93
CA HIS A 1216 43.71 -13.52 17.94
C HIS A 1216 42.72 -12.36 17.98
N TRP A 1217 41.52 -12.60 18.50
CA TRP A 1217 40.49 -11.57 18.62
C TRP A 1217 40.12 -11.43 20.09
N LYS A 1218 40.58 -10.35 20.72
CA LYS A 1218 40.33 -10.16 22.14
C LYS A 1218 38.85 -9.96 22.45
N SER A 1219 38.09 -9.43 21.49
CA SER A 1219 36.67 -9.20 21.71
C SER A 1219 35.92 -10.52 21.77
N LEU A 1220 34.92 -10.57 22.64
CA LEU A 1220 34.06 -11.73 22.78
C LEU A 1220 32.65 -11.51 22.27
N ASN A 1221 32.25 -10.26 22.03
CA ASN A 1221 30.88 -9.91 21.68
C ASN A 1221 30.73 -9.59 20.20
N LEU A 1222 31.44 -10.32 19.34
CA LEU A 1222 31.37 -10.07 17.90
C LEU A 1222 29.96 -10.28 17.37
N ARG A 1223 29.30 -9.18 16.98
CA ARG A 1223 27.93 -9.24 16.47
C ARG A 1223 27.90 -9.34 14.95
N GLU A 1224 28.67 -8.48 14.27
CA GLU A 1224 28.69 -8.43 12.81
C GLU A 1224 30.13 -8.39 12.31
N LEU A 1225 30.34 -8.96 11.13
CA LEU A 1225 31.64 -8.92 10.46
C LEU A 1225 31.39 -8.90 8.96
N LEU A 1226 31.83 -7.83 8.29
CA LEU A 1226 31.69 -7.71 6.85
C LEU A 1226 33.07 -7.70 6.21
N PHE A 1227 33.33 -8.68 5.35
CA PHE A 1227 34.62 -8.83 4.69
C PHE A 1227 34.44 -9.20 3.23
N SER A 1228 33.43 -8.63 2.58
CA SER A 1228 33.22 -8.87 1.17
C SER A 1228 34.26 -8.14 0.33
N HIS A 1229 34.46 -8.62 -0.89
CA HIS A 1229 35.35 -7.97 -1.87
C HIS A 1229 36.76 -7.81 -1.34
N ASN A 1230 37.26 -8.84 -0.66
CA ASN A 1230 38.64 -8.89 -0.20
C ASN A 1230 39.35 -10.05 -0.88
N GLN A 1231 40.66 -10.13 -0.68
CA GLN A 1231 41.46 -11.22 -1.22
C GLN A 1231 41.89 -12.09 -0.04
N ILE A 1232 41.02 -13.02 0.34
CA ILE A 1232 41.24 -13.91 1.48
C ILE A 1232 41.24 -15.33 0.97
N SER A 1233 42.31 -16.08 1.30
CA SER A 1233 42.43 -17.46 0.88
C SER A 1233 42.29 -18.46 2.02
N ILE A 1234 42.41 -18.03 3.27
CA ILE A 1234 42.31 -18.92 4.41
C ILE A 1234 41.24 -18.39 5.37
N LEU A 1235 40.51 -19.31 5.97
CA LEU A 1235 39.45 -19.04 6.93
C LEU A 1235 39.71 -19.78 8.23
N ASP A 1236 40.92 -19.64 8.75
CA ASP A 1236 41.37 -20.40 9.92
C ASP A 1236 40.34 -20.38 11.03
N LEU A 1237 39.85 -21.55 11.39
CA LEU A 1237 38.83 -21.68 12.43
C LEU A 1237 39.07 -22.86 13.36
N SER A 1238 40.10 -23.67 13.14
CA SER A 1238 40.26 -24.89 13.92
C SER A 1238 40.73 -24.63 15.33
N GLU A 1239 41.30 -23.46 15.61
CA GLU A 1239 41.84 -23.18 16.93
C GLU A 1239 40.75 -23.21 17.99
N LYS A 1240 39.82 -22.26 17.93
CA LYS A 1240 38.75 -22.13 18.92
C LYS A 1240 37.47 -21.76 18.19
N ALA A 1241 36.72 -22.79 17.78
CA ALA A 1241 35.51 -22.55 17.01
C ALA A 1241 34.36 -21.99 17.85
N TYR A 1242 34.46 -22.05 19.18
CA TYR A 1242 33.39 -21.58 20.04
C TYR A 1242 33.51 -20.12 20.44
N LEU A 1243 34.64 -19.47 20.15
CA LEU A 1243 34.82 -18.10 20.59
C LEU A 1243 33.95 -17.13 19.78
N TRP A 1244 33.76 -17.41 18.50
CA TRP A 1244 32.92 -16.58 17.63
C TRP A 1244 31.47 -17.04 17.60
N SER A 1245 31.01 -17.72 18.66
CA SER A 1245 29.65 -18.25 18.67
C SER A 1245 28.58 -17.17 18.69
N ARG A 1246 28.96 -15.93 18.95
CA ARG A 1246 28.00 -14.83 19.00
C ARG A 1246 27.90 -14.05 17.69
N VAL A 1247 28.62 -14.46 16.65
CA VAL A 1247 28.57 -13.75 15.38
C VAL A 1247 27.30 -14.13 14.63
N GLU A 1248 26.59 -13.12 14.13
CA GLU A 1248 25.39 -13.33 13.32
C GLU A 1248 25.61 -13.10 11.84
N LYS A 1249 26.33 -12.05 11.46
CA LYS A 1249 26.61 -11.74 10.08
C LYS A 1249 28.09 -11.93 9.80
N LEU A 1250 28.39 -12.67 8.74
CA LEU A 1250 29.77 -12.89 8.30
C LEU A 1250 29.76 -12.93 6.79
N HIS A 1251 30.28 -11.88 6.15
CA HIS A 1251 30.26 -11.74 4.71
C HIS A 1251 31.65 -12.01 4.14
N LEU A 1252 31.73 -12.87 3.13
CA LEU A 1252 33.01 -13.20 2.51
C LEU A 1252 32.89 -13.30 0.99
N SER A 1253 32.01 -12.51 0.38
CA SER A 1253 31.83 -12.56 -1.06
C SER A 1253 33.00 -11.90 -1.78
N HIS A 1254 33.17 -12.27 -3.05
CA HIS A 1254 34.26 -11.77 -3.89
C HIS A 1254 35.62 -12.02 -3.23
N ASN A 1255 35.80 -13.23 -2.70
CA ASN A 1255 37.02 -13.60 -1.99
C ASN A 1255 37.60 -14.86 -2.62
N LYS A 1256 38.91 -15.00 -2.52
CA LYS A 1256 39.62 -16.12 -3.15
C LYS A 1256 39.67 -17.32 -2.20
N LEU A 1257 38.49 -17.76 -1.79
CA LEU A 1257 38.36 -18.87 -0.85
C LEU A 1257 38.39 -20.20 -1.60
N LYS A 1258 39.03 -21.19 -1.00
CA LYS A 1258 39.15 -22.53 -1.57
C LYS A 1258 38.20 -23.52 -0.91
N GLU A 1259 38.13 -23.51 0.42
CA GLU A 1259 37.28 -24.45 1.14
C GLU A 1259 36.88 -23.82 2.47
N ILE A 1260 35.68 -24.15 2.92
CA ILE A 1260 35.20 -23.75 4.24
C ILE A 1260 35.70 -24.77 5.26
N PRO A 1261 36.49 -24.35 6.25
CA PRO A 1261 37.06 -25.31 7.19
C PRO A 1261 35.98 -25.98 8.02
N PRO A 1262 36.26 -27.17 8.60
CA PRO A 1262 35.25 -27.93 9.34
C PRO A 1262 35.08 -27.48 10.79
N GLU A 1263 34.92 -26.17 10.97
CA GLU A 1263 34.58 -25.63 12.28
C GLU A 1263 33.52 -24.54 12.16
N ILE A 1264 32.96 -24.33 10.96
CA ILE A 1264 31.96 -23.29 10.76
C ILE A 1264 30.65 -23.62 11.46
N GLY A 1265 30.46 -24.86 11.89
CA GLY A 1265 29.22 -25.24 12.56
C GLY A 1265 29.13 -24.83 14.01
N CYS A 1266 30.22 -24.31 14.59
CA CYS A 1266 30.19 -23.89 15.99
C CYS A 1266 29.67 -22.47 16.17
N LEU A 1267 29.44 -21.73 15.11
CA LEU A 1267 28.84 -20.40 15.20
C LEU A 1267 27.32 -20.52 15.06
N GLU A 1268 26.71 -21.11 16.10
CA GLU A 1268 25.29 -21.42 16.05
C GLU A 1268 24.42 -20.18 15.89
N ASN A 1269 24.90 -19.01 16.31
CA ASN A 1269 24.13 -17.78 16.19
C ASN A 1269 24.26 -17.14 14.81
N LEU A 1270 25.10 -17.69 13.94
CA LEU A 1270 25.32 -17.13 12.61
C LEU A 1270 24.03 -17.15 11.79
N THR A 1271 23.44 -16.00 11.53
CA THR A 1271 22.17 -15.93 10.82
C THR A 1271 22.33 -15.57 9.35
N SER A 1272 23.50 -15.10 8.93
CA SER A 1272 23.74 -14.78 7.53
C SER A 1272 25.22 -14.94 7.26
N LEU A 1273 25.57 -15.98 6.51
CA LEU A 1273 26.93 -16.22 6.04
C LEU A 1273 26.91 -16.13 4.53
N ASP A 1274 27.71 -15.23 3.97
CA ASP A 1274 27.72 -14.98 2.54
C ASP A 1274 29.09 -15.38 2.02
N VAL A 1275 29.14 -16.47 1.25
CA VAL A 1275 30.36 -16.90 0.57
C VAL A 1275 29.97 -17.11 -0.88
N SER A 1276 30.13 -16.08 -1.70
CA SER A 1276 29.69 -16.12 -3.09
C SER A 1276 30.77 -15.53 -3.99
N TYR A 1277 30.70 -15.89 -5.27
CA TYR A 1277 31.64 -15.44 -6.29
C TYR A 1277 33.08 -15.84 -5.98
N ASN A 1278 33.28 -16.86 -5.15
CA ASN A 1278 34.63 -17.35 -4.88
C ASN A 1278 35.16 -18.18 -6.04
N LEU A 1279 34.27 -18.80 -6.82
CA LEU A 1279 34.59 -19.53 -8.04
C LEU A 1279 35.54 -20.70 -7.82
N GLU A 1280 35.81 -21.07 -6.57
CA GLU A 1280 36.74 -22.16 -6.31
C GLU A 1280 36.29 -23.07 -5.17
N LEU A 1281 35.09 -22.88 -4.62
CA LEU A 1281 34.70 -23.66 -3.45
C LEU A 1281 34.34 -25.08 -3.84
N ARG A 1282 33.25 -25.25 -4.58
CA ARG A 1282 32.80 -26.55 -5.06
C ARG A 1282 32.66 -27.58 -3.94
N SER A 1283 32.67 -27.12 -2.68
CA SER A 1283 32.68 -28.05 -1.55
C SER A 1283 32.15 -27.33 -0.32
N PHE A 1284 30.90 -27.60 0.03
CA PHE A 1284 30.35 -27.16 1.31
C PHE A 1284 30.51 -28.27 2.33
N PRO A 1285 31.24 -28.05 3.42
CA PRO A 1285 31.44 -29.13 4.40
C PRO A 1285 30.13 -29.53 5.05
N ASN A 1286 30.03 -30.81 5.41
CA ASN A 1286 28.81 -31.36 5.98
C ASN A 1286 28.52 -30.85 7.38
N GLU A 1287 29.46 -30.16 8.02
CA GLU A 1287 29.23 -29.58 9.33
C GLU A 1287 28.21 -28.45 9.30
N MET A 1288 27.84 -27.96 8.12
CA MET A 1288 26.85 -26.90 8.01
C MET A 1288 25.44 -27.45 8.14
N GLY A 1289 25.21 -28.24 9.20
CA GLY A 1289 23.90 -28.79 9.46
C GLY A 1289 23.42 -28.37 10.83
N LYS A 1290 24.37 -27.96 11.67
CA LYS A 1290 24.07 -27.43 12.99
C LYS A 1290 23.92 -25.91 12.98
N LEU A 1291 23.60 -25.33 11.82
CA LEU A 1291 23.48 -23.88 11.68
C LEU A 1291 22.07 -23.51 11.26
N SER A 1292 21.08 -24.10 11.93
CA SER A 1292 19.68 -23.93 11.56
C SER A 1292 19.20 -22.49 11.72
N LYS A 1293 20.08 -21.59 12.15
CA LYS A 1293 19.73 -20.19 12.30
C LYS A 1293 20.04 -19.35 11.06
N ILE A 1294 20.51 -19.97 9.98
CA ILE A 1294 20.78 -19.26 8.74
C ILE A 1294 19.52 -19.28 7.89
N TRP A 1295 18.99 -18.10 7.58
CA TRP A 1295 17.80 -18.02 6.73
C TRP A 1295 18.09 -17.54 5.32
N ASP A 1296 19.25 -16.94 5.08
CA ASP A 1296 19.67 -16.58 3.73
C ASP A 1296 21.11 -17.03 3.51
N LEU A 1297 21.39 -17.47 2.29
CA LEU A 1297 22.71 -17.97 1.94
C LEU A 1297 22.90 -17.83 0.44
N PRO A 1298 23.49 -16.73 -0.03
CA PRO A 1298 23.63 -16.53 -1.47
C PRO A 1298 24.52 -17.60 -2.08
N LEU A 1299 24.01 -18.24 -3.14
CA LEU A 1299 24.73 -19.30 -3.86
C LEU A 1299 24.74 -18.91 -5.34
N ASP A 1300 25.73 -18.11 -5.73
CA ASP A 1300 25.86 -17.65 -7.10
C ASP A 1300 27.29 -17.88 -7.57
N GLU A 1301 27.43 -18.31 -8.83
CA GLU A 1301 28.73 -18.64 -9.41
C GLU A 1301 29.45 -19.69 -8.56
N LEU A 1302 28.67 -20.60 -7.98
CA LEU A 1302 29.18 -21.75 -7.25
C LEU A 1302 28.52 -22.98 -7.87
N HIS A 1303 29.28 -23.70 -8.71
CA HIS A 1303 28.75 -24.86 -9.42
C HIS A 1303 28.80 -26.07 -8.50
N LEU A 1304 28.01 -25.99 -7.43
CA LEU A 1304 27.96 -27.07 -6.45
C LEU A 1304 27.24 -28.28 -7.01
N ASN A 1305 27.65 -29.45 -6.56
CA ASN A 1305 27.08 -30.70 -7.05
C ASN A 1305 25.64 -30.91 -6.62
N PHE A 1306 25.12 -30.10 -5.70
CA PHE A 1306 23.74 -30.26 -5.24
C PHE A 1306 22.79 -29.99 -6.40
N ASP A 1307 21.80 -30.87 -6.55
CA ASP A 1307 20.84 -30.78 -7.65
C ASP A 1307 19.86 -29.66 -7.36
N PHE A 1308 20.12 -28.48 -7.90
CA PHE A 1308 19.31 -27.31 -7.58
C PHE A 1308 17.89 -27.42 -8.12
N LYS A 1309 16.96 -26.80 -7.41
CA LYS A 1309 15.55 -26.79 -7.78
C LYS A 1309 15.08 -25.36 -8.01
N HIS A 1310 14.05 -25.22 -8.82
CA HIS A 1310 13.52 -23.89 -9.11
C HIS A 1310 12.86 -23.27 -7.88
N ILE A 1311 12.00 -24.03 -7.22
CA ILE A 1311 11.29 -23.53 -6.04
C ILE A 1311 11.63 -24.39 -4.83
N GLY A 1312 11.97 -25.64 -5.07
CA GLY A 1312 12.31 -26.56 -3.99
C GLY A 1312 13.74 -26.40 -3.53
N CYS A 1313 14.25 -25.16 -3.57
CA CYS A 1313 15.61 -24.86 -3.16
C CYS A 1313 15.58 -23.52 -2.44
N LYS A 1314 15.40 -23.57 -1.12
CA LYS A 1314 15.54 -22.42 -0.25
C LYS A 1314 16.75 -22.64 0.65
N ALA A 1315 17.23 -21.57 1.27
CA ALA A 1315 18.44 -21.65 2.06
C ALA A 1315 18.31 -22.70 3.18
N LYS A 1316 17.27 -22.57 4.00
CA LYS A 1316 17.05 -23.52 5.08
C LYS A 1316 16.92 -24.94 4.55
N ASP A 1317 16.34 -25.10 3.35
CA ASP A 1317 16.29 -26.41 2.73
C ASP A 1317 17.68 -26.94 2.43
N ILE A 1318 18.59 -26.06 2.01
CA ILE A 1318 19.96 -26.49 1.74
C ILE A 1318 20.65 -26.91 3.04
N ILE A 1319 20.45 -26.15 4.12
CA ILE A 1319 21.03 -26.58 5.40
C ILE A 1319 20.45 -27.92 5.84
N ARG A 1320 19.15 -28.14 5.63
CA ARG A 1320 18.56 -29.41 6.01
C ARG A 1320 19.16 -30.56 5.20
N PHE A 1321 19.34 -30.35 3.89
CA PHE A 1321 19.97 -31.37 3.05
C PHE A 1321 21.39 -31.66 3.52
N LEU A 1322 22.15 -30.61 3.84
CA LEU A 1322 23.52 -30.80 4.30
C LEU A 1322 23.55 -31.55 5.62
N GLN A 1323 22.61 -31.26 6.52
CA GLN A 1323 22.53 -31.99 7.78
C GLN A 1323 22.22 -33.47 7.54
N GLN A 1324 21.27 -33.75 6.64
CA GLN A 1324 20.96 -35.14 6.34
C GLN A 1324 22.17 -35.86 5.77
N ARG A 1325 22.92 -35.18 4.89
CA ARG A 1325 24.16 -35.76 4.38
C ARG A 1325 25.18 -35.98 5.50
N LEU A 1326 25.19 -35.09 6.49
CA LEU A 1326 26.06 -35.26 7.65
C LEU A 1326 25.69 -36.52 8.42
N LYS A 1327 24.39 -36.82 8.52
CA LYS A 1327 23.95 -38.01 9.24
C LYS A 1327 24.56 -39.27 8.62
N LYS A 1328 24.40 -39.44 7.31
CA LYS A 1328 24.97 -40.58 6.61
C LYS A 1328 25.01 -40.27 5.12
N ALA A 1329 26.19 -40.40 4.51
CA ALA A 1329 26.39 -40.06 3.12
C ALA A 1329 26.73 -41.31 2.32
N VAL A 1330 26.12 -41.43 1.14
CA VAL A 1330 26.41 -42.53 0.22
C VAL A 1330 26.55 -41.95 -1.18
N PRO A 1331 27.55 -42.39 -1.96
CA PRO A 1331 27.64 -41.92 -3.35
C PRO A 1331 26.43 -42.35 -4.16
N TYR A 1332 26.03 -41.50 -5.09
CA TYR A 1332 24.90 -41.78 -5.97
C TYR A 1332 25.39 -42.20 -7.34
N ASN A 1333 24.75 -43.24 -7.89
CA ASN A 1333 25.11 -43.78 -9.20
C ASN A 1333 23.84 -43.90 -10.03
N ARG A 1334 23.47 -42.82 -10.71
CA ARG A 1334 22.34 -42.83 -11.64
C ARG A 1334 22.57 -41.81 -12.72
N MET A 1335 22.35 -42.21 -13.97
CA MET A 1335 22.55 -41.36 -15.13
C MET A 1335 21.40 -41.60 -16.09
N LYS A 1336 21.11 -40.63 -16.94
CA LYS A 1336 20.06 -40.75 -17.93
C LYS A 1336 20.69 -40.93 -19.31
N LEU A 1337 20.43 -42.07 -19.94
CA LEU A 1337 20.94 -42.37 -21.27
C LEU A 1337 19.75 -42.33 -22.22
N MET A 1338 19.50 -41.16 -22.80
CA MET A 1338 18.35 -40.97 -23.66
C MET A 1338 18.77 -41.00 -25.12
N ILE A 1339 18.15 -41.88 -25.89
CA ILE A 1339 18.53 -42.18 -27.26
C ILE A 1339 17.64 -41.40 -28.21
N VAL A 1340 18.23 -40.65 -29.13
CA VAL A 1340 17.48 -39.84 -30.07
C VAL A 1340 17.80 -40.30 -31.49
N GLY A 1341 16.87 -40.03 -32.40
CA GLY A 1341 17.05 -40.42 -33.79
C GLY A 1341 15.77 -40.21 -34.58
N ASN A 1342 15.84 -40.61 -35.85
CA ASN A 1342 14.73 -40.47 -36.77
C ASN A 1342 14.05 -41.82 -37.00
N THR A 1343 12.93 -41.79 -37.71
CA THR A 1343 12.15 -42.99 -37.95
C THR A 1343 12.94 -43.99 -38.77
N GLY A 1344 12.81 -45.27 -38.42
CA GLY A 1344 13.48 -46.32 -39.14
C GLY A 1344 14.96 -46.43 -38.85
N SER A 1345 15.46 -45.63 -37.90
CA SER A 1345 16.89 -45.60 -37.62
C SER A 1345 17.34 -46.73 -36.70
N GLY A 1346 16.41 -47.47 -36.12
CA GLY A 1346 16.78 -48.59 -35.27
C GLY A 1346 17.23 -48.22 -33.87
N LYS A 1347 16.58 -47.25 -33.25
CA LYS A 1347 16.89 -46.94 -31.85
C LYS A 1347 16.47 -48.08 -30.94
N THR A 1348 15.23 -48.57 -31.09
CA THR A 1348 14.70 -49.59 -30.21
C THR A 1348 15.46 -50.90 -30.38
N THR A 1349 15.73 -51.31 -31.62
CA THR A 1349 16.47 -52.56 -31.83
C THR A 1349 17.89 -52.44 -31.30
N LEU A 1350 18.53 -51.28 -31.47
CA LEU A 1350 19.86 -51.09 -30.92
C LEU A 1350 19.83 -51.20 -29.40
N LEU A 1351 18.81 -50.62 -28.76
CA LEU A 1351 18.70 -50.74 -27.32
C LEU A 1351 18.51 -52.20 -26.90
N GLN A 1352 17.65 -52.92 -27.62
CA GLN A 1352 17.37 -54.32 -27.26
C GLN A 1352 18.61 -55.19 -27.41
N GLN A 1353 19.38 -54.99 -28.48
CA GLN A 1353 20.64 -55.72 -28.61
C GLN A 1353 21.63 -55.28 -27.53
N LEU A 1354 21.63 -53.99 -27.20
CA LEU A 1354 22.41 -53.53 -26.07
C LEU A 1354 21.88 -54.09 -24.75
N MET A 1355 20.57 -54.32 -24.67
CA MET A 1355 19.96 -54.85 -23.46
C MET A 1355 20.55 -56.20 -23.08
N LYS A 1356 21.16 -56.90 -24.04
CA LYS A 1356 21.47 -58.33 -23.92
C LYS A 1356 20.21 -59.14 -23.66
N THR A 1357 19.11 -58.71 -24.28
CA THR A 1357 17.80 -59.32 -24.10
C THR A 1357 17.39 -59.99 -25.40
N LYS A 1358 16.98 -61.26 -25.32
CA LYS A 1358 16.46 -61.99 -26.46
C LYS A 1358 15.00 -62.37 -26.30
N LYS A 1359 14.38 -62.07 -25.15
CA LYS A 1359 12.99 -62.41 -24.92
C LYS A 1359 12.04 -61.57 -25.76
N SER A 1360 12.52 -60.50 -26.40
CA SER A 1360 11.67 -59.67 -27.24
C SER A 1360 11.49 -60.30 -28.61
N MET A 1364 9.74 -57.21 -35.23
CA MET A 1364 9.06 -55.98 -35.57
C MET A 1364 8.80 -55.13 -34.33
N GLN A 1365 9.48 -53.98 -34.24
CA GLN A 1365 9.31 -53.09 -33.10
C GLN A 1365 8.00 -52.32 -33.15
N SER A 1366 7.31 -52.32 -34.29
CA SER A 1366 6.03 -51.64 -34.45
C SER A 1366 6.13 -50.17 -34.05
N ALA A 1367 7.19 -49.52 -34.52
CA ALA A 1367 7.46 -48.11 -34.27
C ALA A 1367 7.55 -47.90 -32.76
N THR A 1368 7.34 -46.66 -32.31
CA THR A 1368 7.47 -46.33 -30.89
C THR A 1368 6.70 -45.05 -30.63
N VAL A 1369 5.64 -45.16 -29.84
CA VAL A 1369 4.87 -43.99 -29.40
C VAL A 1369 5.40 -43.54 -28.07
N GLY A 1370 5.36 -42.23 -27.81
CA GLY A 1370 5.84 -41.72 -26.56
C GLY A 1370 7.35 -41.85 -26.42
N ILE A 1371 7.81 -41.98 -25.17
CA ILE A 1371 9.22 -41.95 -24.87
C ILE A 1371 9.76 -43.31 -24.43
N ASP A 1372 8.94 -44.15 -23.79
CA ASP A 1372 9.29 -45.54 -23.48
C ASP A 1372 10.54 -45.64 -22.60
N VAL A 1373 10.39 -45.12 -21.38
CA VAL A 1373 11.46 -45.18 -20.39
C VAL A 1373 11.61 -46.61 -19.87
N LYS A 1374 12.85 -47.02 -19.61
CA LYS A 1374 13.08 -48.28 -18.90
C LYS A 1374 14.47 -48.24 -18.27
N ASP A 1375 14.59 -48.90 -17.11
CA ASP A 1375 15.84 -48.88 -16.35
C ASP A 1375 16.83 -49.90 -16.90
N TRP A 1376 18.09 -49.76 -16.46
CA TRP A 1376 19.18 -50.63 -16.85
C TRP A 1376 20.28 -50.64 -15.81
N PRO A 1377 20.64 -51.79 -15.26
CA PRO A 1377 21.80 -51.87 -14.38
C PRO A 1377 23.09 -52.34 -15.06
N ILE A 1378 24.20 -51.91 -14.49
CA ILE A 1378 25.53 -52.09 -15.08
C ILE A 1378 26.38 -52.90 -14.11
N GLN A 1379 27.06 -53.93 -14.64
CA GLN A 1379 27.74 -54.92 -13.82
C GLN A 1379 29.26 -54.78 -13.85
N ILE A 1380 29.80 -53.56 -13.93
CA ILE A 1380 31.23 -53.40 -13.80
C ILE A 1380 31.64 -53.58 -12.34
N ARG A 1381 32.82 -54.14 -12.12
CA ARG A 1381 33.32 -54.38 -10.77
C ARG A 1381 34.75 -53.89 -10.63
N ARG A 1386 31.00 -50.52 -9.76
CA ARG A 1386 29.85 -49.72 -9.38
C ARG A 1386 28.56 -50.28 -9.96
N ASP A 1387 27.45 -50.05 -9.28
CA ASP A 1387 26.16 -50.49 -9.81
C ASP A 1387 25.79 -49.69 -11.06
N LEU A 1388 25.88 -48.37 -10.98
CA LEU A 1388 25.63 -47.48 -12.12
C LEU A 1388 24.34 -47.83 -12.84
N VAL A 1389 23.22 -47.68 -12.13
CA VAL A 1389 21.92 -47.86 -12.75
C VAL A 1389 21.58 -46.61 -13.55
N LEU A 1390 21.23 -46.80 -14.83
CA LEU A 1390 20.88 -45.72 -15.73
C LEU A 1390 19.57 -46.03 -16.43
N ASN A 1391 18.74 -45.02 -16.62
CA ASN A 1391 17.43 -45.19 -17.24
C ASN A 1391 17.47 -44.67 -18.67
N VAL A 1392 17.11 -45.51 -19.60
CA VAL A 1392 17.10 -45.16 -21.02
C VAL A 1392 15.71 -44.68 -21.41
N TRP A 1393 15.67 -43.75 -22.37
CA TRP A 1393 14.43 -43.16 -22.84
C TRP A 1393 14.42 -43.32 -24.36
N ASP A 1394 13.79 -44.39 -24.86
CA ASP A 1394 13.79 -44.68 -26.29
C ASP A 1394 12.88 -43.67 -27.00
N PHE A 1395 13.45 -42.51 -27.31
CA PHE A 1395 12.67 -41.41 -27.87
C PHE A 1395 12.01 -41.81 -29.17
N ALA A 1396 10.80 -41.31 -29.39
CA ALA A 1396 10.11 -41.55 -30.64
C ALA A 1396 10.81 -40.82 -31.77
N GLY A 1397 10.58 -41.31 -32.99
CA GLY A 1397 11.24 -40.73 -34.15
C GLY A 1397 10.33 -39.98 -35.09
N ARG A 1398 9.09 -40.43 -35.19
CA ARG A 1398 8.15 -39.82 -36.14
C ARG A 1398 7.94 -38.34 -35.82
N GLU A 1399 7.80 -37.53 -36.86
CA GLU A 1399 7.77 -36.09 -36.68
C GLU A 1399 6.40 -35.59 -36.26
N GLU A 1400 5.80 -36.23 -35.28
CA GLU A 1400 4.60 -35.72 -34.63
C GLU A 1400 4.76 -35.59 -33.14
N PHE A 1401 5.46 -36.54 -32.50
CA PHE A 1401 5.83 -36.39 -31.09
C PHE A 1401 7.12 -35.58 -30.96
N TYR A 1402 7.17 -34.43 -31.63
CA TYR A 1402 8.37 -33.61 -31.61
C TYR A 1402 8.21 -32.37 -30.74
N SER A 1403 7.08 -32.23 -30.06
CA SER A 1403 6.87 -31.12 -29.14
C SER A 1403 6.98 -31.51 -27.68
N THR A 1404 6.67 -32.77 -27.36
CA THR A 1404 6.82 -33.25 -25.98
C THR A 1404 8.28 -33.58 -25.68
N HIS A 1405 9.08 -33.84 -26.71
CA HIS A 1405 10.47 -34.24 -26.49
C HIS A 1405 11.30 -33.21 -25.75
N PRO A 1406 11.26 -31.91 -26.07
CA PRO A 1406 12.17 -30.97 -25.37
C PRO A 1406 11.97 -30.93 -23.87
N HIS A 1407 10.81 -31.33 -23.37
CA HIS A 1407 10.60 -31.37 -21.93
C HIS A 1407 11.38 -32.50 -21.28
N PHE A 1408 11.59 -33.60 -21.99
CA PHE A 1408 12.30 -34.77 -21.48
C PHE A 1408 13.77 -34.79 -21.91
N MET A 1409 14.34 -33.62 -22.18
CA MET A 1409 15.75 -33.48 -22.51
C MET A 1409 16.43 -32.67 -21.42
N THR A 1410 17.35 -33.28 -20.70
CA THR A 1410 17.96 -32.68 -19.53
C THR A 1410 19.45 -32.50 -19.76
N GLN A 1411 20.01 -31.45 -19.15
CA GLN A 1411 21.45 -31.22 -19.27
C GLN A 1411 22.25 -32.31 -18.59
N ARG A 1412 21.76 -32.81 -17.46
CA ARG A 1412 22.47 -33.83 -16.68
C ARG A 1412 22.16 -35.23 -17.21
N ALA A 1413 22.53 -35.46 -18.47
CA ALA A 1413 22.27 -36.73 -19.13
C ALA A 1413 23.22 -36.86 -20.30
N LEU A 1414 23.34 -38.09 -20.81
CA LEU A 1414 24.18 -38.38 -21.95
C LEU A 1414 23.32 -38.93 -23.07
N TYR A 1415 23.37 -38.30 -24.24
CA TYR A 1415 22.51 -38.63 -25.36
C TYR A 1415 23.18 -39.67 -26.25
N LEU A 1416 22.45 -40.07 -27.29
CA LEU A 1416 22.99 -40.81 -28.41
C LEU A 1416 22.56 -40.12 -29.69
N ALA A 1417 22.89 -40.73 -30.82
CA ALA A 1417 22.44 -40.26 -32.13
C ALA A 1417 22.65 -41.40 -33.09
N VAL A 1418 21.58 -41.90 -33.70
CA VAL A 1418 21.59 -43.20 -34.35
C VAL A 1418 21.29 -43.01 -35.84
N TYR A 1419 22.16 -43.57 -36.68
CA TYR A 1419 22.12 -43.37 -38.13
C TYR A 1419 21.07 -44.26 -38.78
N ASP A 1420 21.11 -44.29 -40.12
CA ASP A 1420 20.50 -45.34 -40.92
C ASP A 1420 21.33 -45.43 -42.21
N LEU A 1421 22.28 -46.36 -42.22
CA LEU A 1421 23.21 -46.44 -43.33
C LEU A 1421 22.68 -47.27 -44.49
N SER A 1422 21.46 -47.81 -44.40
CA SER A 1422 20.84 -48.43 -45.56
C SER A 1422 20.70 -47.43 -46.70
N LYS A 1423 20.55 -46.15 -46.38
CA LYS A 1423 20.58 -45.09 -47.38
C LYS A 1423 21.98 -44.49 -47.52
N GLY A 1424 22.53 -43.94 -46.45
CA GLY A 1424 23.88 -43.41 -46.48
C GLY A 1424 23.96 -42.07 -47.17
N GLN A 1425 24.87 -41.21 -46.70
CA GLN A 1425 25.18 -39.89 -47.26
C GLN A 1425 24.03 -38.90 -47.12
N ALA A 1426 22.84 -39.34 -46.75
CA ALA A 1426 21.69 -38.47 -46.61
C ALA A 1426 21.07 -38.51 -45.23
N GLU A 1427 21.03 -39.70 -44.60
CA GLU A 1427 20.58 -39.78 -43.23
C GLU A 1427 21.55 -39.11 -42.27
N VAL A 1428 22.85 -39.12 -42.60
CA VAL A 1428 23.81 -38.36 -41.82
C VAL A 1428 23.49 -36.88 -41.87
N ASP A 1429 22.86 -36.43 -42.96
CA ASP A 1429 22.40 -35.06 -43.07
C ASP A 1429 21.05 -34.83 -42.41
N ALA A 1430 20.42 -35.87 -41.90
CA ALA A 1430 19.15 -35.73 -41.21
C ALA A 1430 19.28 -35.56 -39.71
N MET A 1431 20.49 -35.67 -39.16
CA MET A 1431 20.70 -35.45 -37.73
C MET A 1431 20.97 -34.01 -37.38
N LYS A 1432 21.14 -33.12 -38.35
CA LYS A 1432 21.28 -31.71 -38.04
C LYS A 1432 20.12 -31.19 -37.19
N PRO A 1433 18.84 -31.54 -37.46
CA PRO A 1433 17.78 -31.19 -36.50
C PRO A 1433 18.05 -31.72 -35.11
N TRP A 1434 18.25 -33.03 -35.00
CA TRP A 1434 18.42 -33.67 -33.69
C TRP A 1434 19.65 -33.12 -32.97
N LEU A 1435 20.78 -32.99 -33.68
CA LEU A 1435 22.00 -32.55 -33.03
C LEU A 1435 21.91 -31.08 -32.63
N PHE A 1436 21.30 -30.24 -33.48
CA PHE A 1436 21.13 -28.85 -33.09
C PHE A 1436 20.22 -28.74 -31.88
N ASN A 1437 19.19 -29.57 -31.80
CA ASN A 1437 18.30 -29.55 -30.64
C ASN A 1437 19.02 -30.01 -29.39
N ILE A 1438 19.87 -31.02 -29.50
CA ILE A 1438 20.68 -31.48 -28.37
C ILE A 1438 21.58 -30.35 -27.90
N LYS A 1439 22.18 -29.61 -28.84
CA LYS A 1439 23.00 -28.46 -28.45
C LYS A 1439 22.17 -27.39 -27.76
N ALA A 1440 20.98 -27.11 -28.28
CA ALA A 1440 20.14 -26.06 -27.72
C ALA A 1440 19.69 -26.40 -26.30
N ARG A 1441 19.18 -27.60 -26.09
CA ARG A 1441 18.64 -27.97 -24.78
C ARG A 1441 19.75 -28.35 -23.81
N ALA A 1442 20.69 -29.18 -24.23
CA ALA A 1442 21.78 -29.66 -23.38
C ALA A 1442 23.10 -29.24 -24.00
N SER A 1443 23.58 -28.05 -23.65
CA SER A 1443 24.80 -27.54 -24.25
C SER A 1443 26.02 -28.36 -23.85
N SER A 1444 26.12 -28.76 -22.58
CA SER A 1444 27.32 -29.41 -22.08
C SER A 1444 27.31 -30.91 -22.23
N SER A 1445 26.19 -31.51 -22.63
CA SER A 1445 26.09 -32.95 -22.68
C SER A 1445 26.85 -33.52 -23.88
N PRO A 1446 27.34 -34.76 -23.78
CA PRO A 1446 28.00 -35.40 -24.92
C PRO A 1446 27.04 -36.23 -25.75
N VAL A 1447 27.45 -36.48 -26.99
CA VAL A 1447 26.68 -37.25 -27.96
C VAL A 1447 27.57 -38.35 -28.51
N ILE A 1448 26.97 -39.51 -28.78
CA ILE A 1448 27.69 -40.66 -29.30
C ILE A 1448 26.95 -41.12 -30.56
N LEU A 1449 27.39 -40.64 -31.72
CA LEU A 1449 26.77 -41.05 -32.97
C LEU A 1449 26.94 -42.55 -33.16
N VAL A 1450 25.93 -43.21 -33.72
CA VAL A 1450 25.94 -44.66 -33.85
C VAL A 1450 25.31 -45.04 -35.18
N GLY A 1451 26.12 -45.52 -36.12
CA GLY A 1451 25.55 -46.11 -37.32
C GLY A 1451 24.79 -47.38 -36.99
N THR A 1452 23.76 -47.67 -37.77
CA THR A 1452 22.87 -48.75 -37.35
C THR A 1452 22.45 -49.62 -38.54
N HIS A 1453 23.28 -49.67 -39.59
CA HIS A 1453 22.97 -50.57 -40.70
C HIS A 1453 24.28 -50.87 -41.43
N LEU A 1454 24.86 -52.03 -41.15
CA LEU A 1454 26.10 -52.44 -41.81
C LEU A 1454 25.89 -53.74 -42.58
N ASP A 1455 24.92 -54.55 -42.13
CA ASP A 1455 24.66 -55.82 -42.77
C ASP A 1455 23.95 -55.66 -44.11
N VAL A 1456 23.34 -54.51 -44.37
CA VAL A 1456 22.67 -54.23 -45.62
C VAL A 1456 23.32 -53.06 -46.37
N SER A 1457 24.38 -52.49 -45.82
CA SER A 1457 25.09 -51.38 -46.43
C SER A 1457 26.51 -51.83 -46.76
N ASP A 1458 26.94 -51.59 -48.00
CA ASP A 1458 28.27 -51.98 -48.43
C ASP A 1458 29.33 -51.09 -47.79
N GLU A 1459 30.60 -51.46 -48.00
CA GLU A 1459 31.70 -50.64 -47.54
C GLU A 1459 31.72 -49.28 -48.20
N LYS A 1460 31.13 -49.14 -49.40
CA LYS A 1460 31.06 -47.88 -50.11
C LYS A 1460 30.39 -46.82 -49.23
N GLN A 1461 29.14 -47.06 -48.84
CA GLN A 1461 28.40 -46.04 -48.11
C GLN A 1461 29.06 -45.70 -46.79
N ARG A 1462 29.56 -46.70 -46.07
CA ARG A 1462 30.33 -46.42 -44.85
C ARG A 1462 31.56 -45.60 -45.18
N LYS A 1463 32.28 -45.96 -46.25
CA LYS A 1463 33.41 -45.17 -46.68
C LYS A 1463 32.96 -43.85 -47.31
N ALA A 1464 31.67 -43.71 -47.59
CA ALA A 1464 31.13 -42.43 -48.03
C ALA A 1464 31.30 -41.39 -46.94
N CYS A 1465 30.92 -40.15 -47.23
CA CYS A 1465 31.12 -39.08 -46.28
C CYS A 1465 30.33 -39.31 -45.00
N MET A 1466 29.55 -40.39 -44.95
CA MET A 1466 28.94 -40.79 -43.68
C MET A 1466 29.99 -40.97 -42.60
N SER A 1467 31.20 -41.38 -43.00
CA SER A 1467 32.34 -41.40 -42.08
C SER A 1467 33.25 -40.20 -42.27
N LYS A 1468 33.11 -39.45 -43.36
CA LYS A 1468 33.94 -38.27 -43.63
C LYS A 1468 33.24 -36.96 -43.32
N ILE A 1469 32.00 -36.78 -43.79
CA ILE A 1469 31.25 -35.58 -43.44
C ILE A 1469 31.03 -35.51 -41.93
N THR A 1470 30.96 -36.68 -41.29
CA THR A 1470 30.91 -36.71 -39.83
C THR A 1470 32.16 -36.07 -39.23
N LYS A 1471 33.32 -36.33 -39.82
CA LYS A 1471 34.56 -35.72 -39.39
C LYS A 1471 34.83 -34.39 -40.06
N GLU A 1472 33.97 -33.94 -40.98
CA GLU A 1472 34.16 -32.70 -41.71
C GLU A 1472 33.15 -31.62 -41.33
N LEU A 1473 31.86 -31.92 -41.40
CA LEU A 1473 30.82 -30.93 -41.09
C LEU A 1473 30.02 -31.23 -39.85
N LEU A 1474 29.87 -32.51 -39.47
CA LEU A 1474 29.08 -32.85 -38.30
C LEU A 1474 29.85 -32.68 -36.99
N ASN A 1475 31.18 -32.55 -37.05
CA ASN A 1475 31.97 -32.55 -35.84
C ASN A 1475 31.89 -31.22 -35.10
N LYS A 1476 31.81 -30.11 -35.81
CA LYS A 1476 31.84 -28.79 -35.20
C LYS A 1476 30.89 -27.88 -35.98
N ARG A 1477 31.01 -26.57 -35.73
CA ARG A 1477 30.22 -25.54 -36.42
C ARG A 1477 28.73 -25.67 -36.12
N GLY A 1478 28.39 -25.48 -34.84
CA GLY A 1478 27.01 -25.42 -34.42
C GLY A 1478 26.44 -26.67 -33.78
N PHE A 1479 27.29 -27.62 -33.40
CA PHE A 1479 26.85 -28.89 -32.85
C PHE A 1479 27.59 -29.17 -31.55
N PRO A 1480 27.00 -29.96 -30.65
CA PRO A 1480 27.63 -30.18 -29.34
C PRO A 1480 28.91 -30.99 -29.41
N ALA A 1481 29.51 -31.24 -28.25
CA ALA A 1481 30.81 -31.92 -28.18
C ALA A 1481 30.60 -33.40 -28.42
N ILE A 1482 30.61 -33.79 -29.70
CA ILE A 1482 30.50 -35.20 -30.06
C ILE A 1482 31.78 -35.92 -29.68
N ARG A 1483 31.64 -37.00 -28.91
CA ARG A 1483 32.79 -37.69 -28.33
C ARG A 1483 33.28 -38.86 -29.18
N ASP A 1484 32.38 -39.71 -29.66
CA ASP A 1484 32.82 -40.87 -30.42
C ASP A 1484 31.65 -41.34 -31.27
N TYR A 1485 31.96 -42.02 -32.36
CA TYR A 1485 30.96 -42.53 -33.28
C TYR A 1485 31.31 -43.96 -33.69
N HIS A 1486 30.28 -44.76 -33.97
CA HIS A 1486 30.47 -46.15 -34.32
C HIS A 1486 29.56 -46.52 -35.47
N PHE A 1487 29.73 -47.74 -35.97
CA PHE A 1487 28.98 -48.28 -37.09
C PHE A 1487 28.51 -49.69 -36.78
N VAL A 1488 27.90 -49.86 -35.61
CA VAL A 1488 27.46 -51.18 -35.18
C VAL A 1488 26.32 -51.68 -36.05
N ASN A 1489 26.15 -53.01 -36.04
CA ASN A 1489 25.02 -53.66 -36.69
C ASN A 1489 24.07 -54.08 -35.57
N ALA A 1490 23.00 -53.33 -35.39
CA ALA A 1490 22.14 -53.46 -34.21
C ALA A 1490 21.09 -54.56 -34.42
N THR A 1491 21.57 -55.76 -34.69
CA THR A 1491 20.67 -56.91 -34.74
C THR A 1491 21.22 -58.14 -34.01
N GLU A 1492 22.51 -58.17 -33.66
CA GLU A 1492 23.08 -59.28 -32.93
C GLU A 1492 24.36 -58.81 -32.26
N GLU A 1493 24.75 -59.53 -31.21
CA GLU A 1493 25.96 -59.17 -30.47
C GLU A 1493 27.19 -59.35 -31.35
N SER A 1494 28.08 -58.36 -31.31
CA SER A 1494 29.28 -58.39 -32.13
C SER A 1494 30.36 -57.56 -31.44
N ASP A 1495 31.53 -57.50 -32.07
CA ASP A 1495 32.63 -56.72 -31.52
C ASP A 1495 32.29 -55.23 -31.49
N ALA A 1496 31.62 -54.74 -32.55
CA ALA A 1496 31.22 -53.34 -32.57
C ALA A 1496 30.25 -53.02 -31.44
N LEU A 1497 29.30 -53.92 -31.20
CA LEU A 1497 28.34 -53.70 -30.11
C LEU A 1497 29.04 -53.69 -28.76
N ALA A 1498 29.99 -54.60 -28.55
CA ALA A 1498 30.73 -54.63 -27.29
C ALA A 1498 31.53 -53.35 -27.10
N LYS A 1499 32.18 -52.88 -28.17
CA LYS A 1499 32.92 -51.63 -28.09
C LYS A 1499 31.99 -50.47 -27.77
N LEU A 1500 30.80 -50.47 -28.37
CA LEU A 1500 29.82 -49.43 -28.08
C LEU A 1500 29.41 -49.45 -26.60
N ARG A 1501 29.18 -50.64 -26.06
CA ARG A 1501 28.84 -50.74 -24.65
C ARG A 1501 29.97 -50.24 -23.77
N LYS A 1502 31.21 -50.61 -24.11
CA LYS A 1502 32.36 -50.18 -23.31
C LYS A 1502 32.52 -48.67 -23.35
N THR A 1503 32.35 -48.05 -24.52
CA THR A 1503 32.52 -46.61 -24.59
C THR A 1503 31.35 -45.87 -23.94
N ILE A 1504 30.15 -46.44 -23.97
CA ILE A 1504 29.03 -45.87 -23.22
C ILE A 1504 29.35 -45.86 -21.73
N ILE A 1505 29.85 -46.99 -21.22
CA ILE A 1505 30.18 -47.08 -19.80
C ILE A 1505 31.30 -46.10 -19.46
N ASN A 1506 32.32 -46.02 -20.31
CA ASN A 1506 33.44 -45.13 -20.02
C ASN A 1506 33.01 -43.67 -20.02
N GLU A 1507 32.17 -43.28 -20.98
CA GLU A 1507 31.68 -41.90 -21.00
C GLU A 1507 30.79 -41.62 -19.80
N SER A 1508 29.99 -42.59 -19.36
CA SER A 1508 29.17 -42.41 -18.18
C SER A 1508 30.02 -42.21 -16.93
N LEU A 1509 31.08 -43.01 -16.79
CA LEU A 1509 31.94 -42.88 -15.61
C LEU A 1509 32.67 -41.54 -15.57
N ASN A 1510 32.81 -40.86 -16.71
CA ASN A 1510 33.65 -39.67 -16.81
C ASN A 1510 32.87 -38.52 -17.44
N PHE A 1511 31.65 -38.28 -16.96
CA PHE A 1511 30.89 -37.13 -17.43
C PHE A 1511 31.58 -35.82 -17.05
N LYS A 1512 31.77 -35.61 -15.74
CA LYS A 1512 32.50 -34.45 -15.23
C LYS A 1512 31.83 -33.14 -15.66
N ILE A 1513 30.61 -32.94 -15.18
CA ILE A 1513 29.88 -31.70 -15.43
C ILE A 1513 30.57 -30.58 -14.65
N ARG A 1514 31.16 -29.62 -15.37
CA ARG A 1514 31.89 -28.52 -14.77
C ARG A 1514 33.00 -29.03 -13.84
N ASP A 1515 33.64 -30.11 -14.26
CA ASP A 1515 34.69 -30.78 -13.48
C ASP A 1515 34.19 -31.13 -12.08
N GLN A 1516 33.16 -31.96 -12.04
CA GLN A 1516 32.58 -32.38 -10.77
C GLN A 1516 32.27 -33.87 -10.67
N LEU A 1517 32.40 -34.64 -11.75
CA LEU A 1517 32.13 -36.08 -11.73
C LEU A 1517 30.72 -36.36 -11.22
N VAL A 1518 29.74 -35.90 -11.98
CA VAL A 1518 28.34 -35.98 -11.56
C VAL A 1518 27.84 -37.40 -11.44
N VAL A 1519 28.59 -38.39 -11.92
CA VAL A 1519 28.12 -39.78 -11.89
C VAL A 1519 28.35 -40.45 -10.55
N GLY A 1520 29.13 -39.86 -9.66
CA GLY A 1520 29.39 -40.47 -8.36
C GLY A 1520 29.32 -39.51 -7.20
N GLN A 1521 28.45 -38.50 -7.29
CA GLN A 1521 28.33 -37.53 -6.21
C GLN A 1521 27.67 -38.15 -4.98
N LEU A 1522 27.97 -37.58 -3.82
CA LEU A 1522 27.46 -38.09 -2.55
C LEU A 1522 26.16 -37.41 -2.17
N ILE A 1523 25.24 -38.21 -1.63
CA ILE A 1523 23.94 -37.70 -1.18
C ILE A 1523 23.59 -38.38 0.14
N PRO A 1524 22.72 -37.74 0.93
CA PRO A 1524 22.24 -38.41 2.15
C PRO A 1524 21.49 -39.70 1.81
N ASP A 1525 21.66 -40.69 2.70
CA ASP A 1525 21.07 -42.00 2.46
C ASP A 1525 19.55 -41.96 2.40
N CYS A 1526 18.93 -40.90 2.92
CA CYS A 1526 17.48 -40.80 2.91
C CYS A 1526 16.94 -40.82 1.49
N TYR A 1527 17.63 -40.13 0.56
CA TYR A 1527 17.18 -40.10 -0.82
C TYR A 1527 17.25 -41.48 -1.46
N VAL A 1528 18.33 -42.23 -1.22
CA VAL A 1528 18.44 -43.57 -1.76
C VAL A 1528 17.37 -44.48 -1.17
N GLU A 1529 17.09 -44.32 0.12
CA GLU A 1529 16.01 -45.10 0.73
C GLU A 1529 14.67 -44.78 0.10
N LEU A 1530 14.40 -43.50 -0.15
CA LEU A 1530 13.16 -43.12 -0.81
C LEU A 1530 13.07 -43.73 -2.20
N GLU A 1531 14.18 -43.71 -2.94
CA GLU A 1531 14.19 -44.31 -4.27
C GLU A 1531 13.89 -45.79 -4.19
N LYS A 1532 14.51 -46.50 -3.25
CA LYS A 1532 14.27 -47.93 -3.10
C LYS A 1532 12.81 -48.20 -2.79
N ILE A 1533 12.21 -47.40 -1.90
CA ILE A 1533 10.80 -47.57 -1.59
C ILE A 1533 9.94 -47.31 -2.82
N ILE A 1534 10.31 -46.34 -3.64
CA ILE A 1534 9.48 -46.00 -4.79
C ILE A 1534 9.49 -47.13 -5.82
N LEU A 1535 10.67 -47.65 -6.16
CA LEU A 1535 10.67 -48.80 -7.08
C LEU A 1535 10.08 -50.05 -6.43
N SER A 1536 10.14 -50.17 -5.10
CA SER A 1536 9.44 -51.28 -4.46
C SER A 1536 7.94 -51.16 -4.63
N GLU A 1537 7.41 -49.95 -4.51
CA GLU A 1537 5.99 -49.68 -4.62
C GLU A 1537 5.51 -49.60 -6.06
N ARG A 1538 6.43 -49.54 -7.03
CA ARG A 1538 6.03 -49.40 -8.44
C ARG A 1538 5.11 -50.53 -8.89
N LYS A 1539 5.20 -51.71 -8.27
CA LYS A 1539 4.46 -52.87 -8.72
C LYS A 1539 3.02 -52.89 -8.19
N ASN A 1540 2.84 -52.61 -6.91
CA ASN A 1540 1.54 -52.84 -6.28
C ASN A 1540 0.48 -51.80 -6.67
N VAL A 1541 0.82 -50.78 -7.46
CA VAL A 1541 -0.16 -49.76 -7.86
C VAL A 1541 -1.03 -50.36 -8.95
N PRO A 1542 -2.31 -50.00 -9.04
CA PRO A 1542 -3.15 -50.53 -10.12
C PRO A 1542 -2.60 -50.16 -11.50
N ILE A 1543 -2.79 -51.09 -12.45
CA ILE A 1543 -2.24 -50.91 -13.78
C ILE A 1543 -2.87 -49.71 -14.49
N GLU A 1544 -4.19 -49.51 -14.33
CA GLU A 1544 -4.86 -48.42 -15.03
C GLU A 1544 -4.31 -47.07 -14.61
N PHE A 1545 -4.04 -46.89 -13.32
CA PHE A 1545 -3.48 -45.65 -12.78
C PHE A 1545 -2.24 -46.00 -11.97
N PRO A 1546 -1.07 -46.07 -12.62
CA PRO A 1546 0.16 -46.39 -11.89
C PRO A 1546 0.56 -45.34 -10.87
N VAL A 1547 -0.29 -44.37 -10.64
CA VAL A 1547 0.04 -43.21 -9.81
C VAL A 1547 -0.49 -43.42 -8.39
N ILE A 1548 0.32 -43.04 -7.41
CA ILE A 1548 -0.10 -42.94 -6.03
C ILE A 1548 -0.31 -41.47 -5.69
N ASP A 1549 -1.17 -41.21 -4.71
CA ASP A 1549 -1.49 -39.85 -4.30
C ASP A 1549 -0.54 -39.42 -3.19
N ARG A 1550 -0.71 -38.17 -2.73
CA ARG A 1550 0.16 -37.65 -1.68
C ARG A 1550 -0.06 -38.39 -0.37
N LYS A 1551 -1.31 -38.71 -0.04
CA LYS A 1551 -1.60 -39.36 1.23
C LYS A 1551 -0.90 -40.71 1.33
N ARG A 1552 -0.90 -41.48 0.25
CA ARG A 1552 -0.21 -42.76 0.26
C ARG A 1552 1.30 -42.56 0.44
N LEU A 1553 1.84 -41.50 -0.15
CA LEU A 1553 3.26 -41.22 0.03
C LEU A 1553 3.59 -40.91 1.48
N LEU A 1554 2.78 -40.07 2.11
CA LEU A 1554 3.03 -39.75 3.52
C LEU A 1554 2.85 -40.97 4.40
N GLN A 1555 1.88 -41.84 4.06
CA GLN A 1555 1.74 -43.10 4.80
C GLN A 1555 2.98 -43.97 4.64
N LEU A 1556 3.53 -44.04 3.43
CA LEU A 1556 4.75 -44.83 3.21
C LEU A 1556 5.94 -44.24 3.95
N VAL A 1557 6.07 -42.90 3.94
CA VAL A 1557 7.21 -42.26 4.58
C VAL A 1557 7.10 -42.39 6.10
N ARG A 1558 5.88 -42.42 6.64
CA ARG A 1558 5.72 -42.61 8.07
C ARG A 1558 5.92 -44.07 8.46
N GLU A 1559 5.49 -45.00 7.61
CA GLU A 1559 5.55 -46.42 7.95
C GLU A 1559 6.98 -46.90 8.12
N ASN A 1560 7.87 -46.49 7.23
CA ASN A 1560 9.25 -46.96 7.27
C ASN A 1560 10.04 -46.15 8.29
N GLN A 1561 11.36 -46.33 8.28
CA GLN A 1561 12.25 -45.66 9.22
C GLN A 1561 12.75 -44.31 8.70
N LEU A 1562 12.20 -43.84 7.58
CA LEU A 1562 12.63 -42.58 7.00
C LEU A 1562 12.41 -41.42 7.98
N GLN A 1563 13.42 -40.57 8.13
CA GLN A 1563 13.41 -39.48 9.09
C GLN A 1563 13.33 -38.11 8.41
N LEU A 1564 12.52 -38.02 7.36
CA LEU A 1564 12.32 -36.77 6.64
C LEU A 1564 10.93 -36.24 6.98
N ASP A 1565 10.87 -34.98 7.41
CA ASP A 1565 9.59 -34.37 7.74
C ASP A 1565 9.00 -33.72 6.49
N GLU A 1566 7.91 -32.98 6.66
CA GLU A 1566 7.24 -32.35 5.52
C GLU A 1566 8.11 -31.30 4.85
N ASN A 1567 9.15 -30.82 5.53
CA ASN A 1567 10.05 -29.85 4.91
C ASN A 1567 11.02 -30.50 3.94
N GLU A 1568 11.45 -31.74 4.22
CA GLU A 1568 12.37 -32.43 3.32
C GLU A 1568 11.69 -32.96 2.06
N LEU A 1569 10.39 -33.24 2.12
CA LEU A 1569 9.71 -33.84 0.97
C LEU A 1569 9.78 -33.04 -0.32
N PRO A 1570 9.64 -31.71 -0.33
CA PRO A 1570 9.77 -31.01 -1.62
C PRO A 1570 11.13 -31.23 -2.28
N HIS A 1571 12.21 -31.02 -1.55
CA HIS A 1571 13.54 -31.20 -2.13
C HIS A 1571 13.78 -32.67 -2.49
N ALA A 1572 13.36 -33.59 -1.62
CA ALA A 1572 13.57 -35.00 -1.88
C ALA A 1572 12.84 -35.45 -3.13
N VAL A 1573 11.58 -35.04 -3.27
CA VAL A 1573 10.82 -35.45 -4.45
C VAL A 1573 11.35 -34.74 -5.70
N HIS A 1574 11.86 -33.52 -5.55
CA HIS A 1574 12.47 -32.87 -6.72
C HIS A 1574 13.72 -33.62 -7.18
N PHE A 1575 14.56 -34.03 -6.24
CA PHE A 1575 15.76 -34.78 -6.61
C PHE A 1575 15.38 -36.12 -7.23
N LEU A 1576 14.38 -36.80 -6.65
CA LEU A 1576 13.94 -38.06 -7.21
C LEU A 1576 13.31 -37.86 -8.58
N ASN A 1577 12.73 -36.69 -8.83
CA ASN A 1577 12.23 -36.36 -10.15
C ASN A 1577 13.36 -36.18 -11.15
N GLU A 1578 14.38 -35.41 -10.77
CA GLU A 1578 15.54 -35.22 -11.61
C GLU A 1578 16.24 -36.55 -11.89
N SER A 1579 16.16 -37.50 -10.96
CA SER A 1579 16.76 -38.81 -11.18
C SER A 1579 16.02 -39.58 -12.26
N GLY A 1580 14.70 -39.43 -12.36
CA GLY A 1580 13.93 -40.04 -13.43
C GLY A 1580 13.05 -41.20 -13.04
N VAL A 1581 13.01 -41.59 -11.76
CA VAL A 1581 12.13 -42.67 -11.35
C VAL A 1581 10.67 -42.21 -11.37
N LEU A 1582 10.41 -40.97 -10.95
CA LEU A 1582 9.06 -40.42 -10.90
C LEU A 1582 9.11 -38.96 -11.34
N LEU A 1583 7.95 -38.41 -11.66
CA LEU A 1583 7.81 -37.02 -12.04
C LEU A 1583 6.83 -36.33 -11.11
N HIS A 1584 7.26 -35.24 -10.49
CA HIS A 1584 6.44 -34.46 -9.58
C HIS A 1584 6.38 -33.02 -10.07
N PHE A 1585 5.17 -32.47 -10.14
CA PHE A 1585 4.96 -31.11 -10.63
C PHE A 1585 4.70 -30.20 -9.44
N GLN A 1586 5.66 -29.32 -9.16
CA GLN A 1586 5.59 -28.42 -8.02
C GLN A 1586 4.94 -27.09 -8.35
N ASP A 1587 4.49 -26.89 -9.58
CA ASP A 1587 3.91 -25.62 -9.98
C ASP A 1587 2.53 -25.53 -9.32
N PRO A 1588 2.27 -24.53 -8.47
CA PRO A 1588 0.98 -24.46 -7.78
C PRO A 1588 -0.09 -23.77 -8.61
N ALA A 1589 -0.18 -24.10 -9.90
CA ALA A 1589 -1.22 -23.56 -10.75
C ALA A 1589 -1.99 -24.71 -11.39
N LEU A 1590 -1.32 -25.83 -11.60
CA LEU A 1590 -1.98 -27.02 -12.11
C LEU A 1590 -2.88 -27.62 -11.03
N GLN A 1591 -3.87 -28.38 -11.49
CA GLN A 1591 -4.68 -29.19 -10.60
C GLN A 1591 -4.02 -30.51 -10.25
N LEU A 1592 -2.69 -30.59 -10.40
CA LEU A 1592 -1.96 -31.84 -10.27
C LEU A 1592 -0.87 -31.76 -9.21
N SER A 1593 -0.81 -30.68 -8.44
CA SER A 1593 0.32 -30.46 -7.53
C SER A 1593 0.35 -31.47 -6.40
N ASP A 1594 -0.79 -32.06 -6.05
CA ASP A 1594 -0.87 -33.03 -4.97
C ASP A 1594 -0.74 -34.46 -5.46
N LEU A 1595 -0.48 -34.66 -6.74
CA LEU A 1595 -0.41 -35.99 -7.33
C LEU A 1595 1.01 -36.25 -7.83
N TYR A 1596 1.58 -37.39 -7.42
CA TYR A 1596 2.96 -37.73 -7.74
C TYR A 1596 2.99 -38.86 -8.77
N PHE A 1597 3.59 -38.57 -9.93
CA PHE A 1597 3.52 -39.44 -11.09
C PHE A 1597 4.66 -40.46 -11.03
N VAL A 1598 4.37 -41.61 -10.42
CA VAL A 1598 5.26 -42.76 -10.57
C VAL A 1598 4.99 -43.43 -11.91
N GLU A 1599 5.96 -44.24 -12.36
CA GLU A 1599 5.88 -44.92 -13.66
C GLU A 1599 5.69 -43.91 -14.77
N PRO A 1600 6.72 -43.13 -15.11
CA PRO A 1600 6.57 -42.14 -16.19
C PRO A 1600 6.29 -42.74 -17.55
N LYS A 1601 6.62 -44.02 -17.75
CA LYS A 1601 6.40 -44.64 -19.05
C LYS A 1601 4.92 -44.64 -19.42
N TRP A 1602 4.06 -45.03 -18.47
CA TRP A 1602 2.63 -45.01 -18.73
C TRP A 1602 2.14 -43.59 -18.98
N LEU A 1603 2.67 -42.61 -18.22
CA LEU A 1603 2.26 -41.24 -18.42
C LEU A 1603 2.55 -40.79 -19.84
N CYS A 1604 3.77 -41.01 -20.32
CA CYS A 1604 4.12 -40.60 -21.68
C CYS A 1604 3.29 -41.35 -22.72
N LYS A 1605 3.10 -42.65 -22.51
CA LYS A 1605 2.36 -43.45 -23.49
C LYS A 1605 0.91 -43.01 -23.59
N ILE A 1606 0.26 -42.73 -22.46
CA ILE A 1606 -1.14 -42.31 -22.51
C ILE A 1606 -1.27 -40.84 -22.88
N MET A 1607 -0.23 -40.04 -22.67
CA MET A 1607 -0.24 -38.66 -23.14
C MET A 1607 -0.17 -38.58 -24.65
N ALA A 1608 0.74 -39.32 -25.27
CA ALA A 1608 0.92 -39.26 -26.70
C ALA A 1608 -0.15 -40.04 -27.45
N GLN A 1609 -1.28 -40.33 -26.81
CA GLN A 1609 -2.29 -41.17 -27.41
C GLN A 1609 -3.08 -40.44 -28.49
N ILE A 1610 -3.40 -39.16 -28.28
CA ILE A 1610 -4.23 -38.45 -29.26
C ILE A 1610 -3.44 -38.01 -30.48
N LEU A 1611 -2.12 -37.94 -30.40
CA LEU A 1611 -1.32 -37.57 -31.57
C LEU A 1611 -1.39 -38.65 -32.64
N THR A 1612 -1.42 -39.92 -32.23
CA THR A 1612 -1.46 -41.04 -33.17
C THR A 1612 -2.87 -41.43 -33.55
N VAL A 1613 -3.88 -40.70 -33.09
CA VAL A 1613 -5.27 -40.94 -33.46
C VAL A 1613 -5.80 -39.68 -34.15
N LYS A 1614 -6.86 -39.86 -34.93
CA LYS A 1614 -7.48 -38.75 -35.64
C LYS A 1614 -8.05 -37.72 -34.66
N LYS A 1620 -16.24 -29.16 -42.49
CA LYS A 1620 -16.80 -29.02 -41.15
C LYS A 1620 -16.02 -27.99 -40.35
N HIS A 1621 -14.71 -28.17 -40.28
CA HIS A 1621 -13.83 -27.29 -39.54
C HIS A 1621 -12.42 -27.41 -40.11
N PRO A 1622 -11.59 -26.39 -39.95
CA PRO A 1622 -10.19 -26.51 -40.41
C PRO A 1622 -9.45 -27.59 -39.62
N LYS A 1623 -8.48 -28.20 -40.28
CA LYS A 1623 -7.72 -29.27 -39.65
C LYS A 1623 -6.92 -28.74 -38.47
N GLY A 1624 -6.95 -29.49 -37.37
CA GLY A 1624 -6.26 -29.11 -36.15
C GLY A 1624 -7.13 -28.49 -35.08
N ILE A 1625 -8.42 -28.29 -35.35
CA ILE A 1625 -9.35 -27.73 -34.37
C ILE A 1625 -10.30 -28.84 -33.96
N ILE A 1626 -10.26 -29.22 -32.69
CA ILE A 1626 -11.14 -30.23 -32.13
C ILE A 1626 -11.76 -29.70 -30.84
N SER A 1627 -12.85 -30.34 -30.44
CA SER A 1627 -13.53 -30.02 -29.18
C SER A 1627 -13.40 -31.21 -28.23
N ARG A 1628 -13.94 -31.05 -27.03
CA ARG A 1628 -13.80 -32.06 -25.99
C ARG A 1628 -14.53 -33.34 -26.42
N ARG A 1629 -13.77 -34.36 -26.77
CA ARG A 1629 -14.34 -35.65 -27.14
C ARG A 1629 -13.31 -36.74 -26.89
N ASP A 1630 -13.80 -37.95 -26.75
CA ASP A 1630 -12.93 -39.10 -26.51
C ASP A 1630 -12.03 -39.38 -27.71
N ASN A 1644 -13.38 -39.77 -14.77
CA ASN A 1644 -13.18 -39.08 -13.50
C ASN A 1644 -11.93 -38.22 -13.54
N TYR A 1645 -10.83 -38.79 -14.04
CA TYR A 1645 -9.57 -38.07 -14.10
C TYR A 1645 -9.48 -37.13 -15.30
N MET A 1646 -10.44 -37.21 -16.23
CA MET A 1646 -10.33 -36.47 -17.48
C MET A 1646 -10.25 -34.97 -17.25
N SER A 1647 -10.97 -34.46 -16.24
CA SER A 1647 -10.96 -33.03 -15.97
C SER A 1647 -9.55 -32.54 -15.64
N GLN A 1648 -8.70 -33.42 -15.12
CA GLN A 1648 -7.30 -33.08 -14.90
C GLN A 1648 -6.43 -33.48 -16.08
N TYR A 1649 -6.86 -34.48 -16.85
CA TYR A 1649 -6.05 -35.04 -17.93
C TYR A 1649 -5.78 -34.00 -19.01
N PHE A 1650 -6.74 -33.11 -19.27
CA PHE A 1650 -6.51 -32.06 -20.24
C PHE A 1650 -5.57 -30.99 -19.70
N LYS A 1651 -5.51 -30.82 -18.38
CA LYS A 1651 -4.68 -29.77 -17.79
C LYS A 1651 -3.21 -29.98 -18.12
N LEU A 1652 -2.76 -31.23 -18.09
CA LEU A 1652 -1.39 -31.52 -18.49
C LEU A 1652 -1.18 -31.29 -19.99
N LEU A 1653 -2.21 -31.57 -20.79
CA LEU A 1653 -2.04 -31.50 -22.24
C LEU A 1653 -1.71 -30.09 -22.69
N GLU A 1654 -2.38 -29.09 -22.12
CA GLU A 1654 -2.07 -27.71 -22.46
C GLU A 1654 -0.78 -27.22 -21.80
N LYS A 1655 -0.23 -27.98 -20.85
CA LYS A 1655 1.06 -27.64 -20.26
C LYS A 1655 2.23 -28.28 -21.01
N PHE A 1656 2.01 -29.40 -21.67
CA PHE A 1656 2.99 -30.00 -22.56
C PHE A 1656 2.61 -29.82 -24.03
N GLN A 1657 2.04 -28.66 -24.37
CA GLN A 1657 1.82 -28.21 -25.75
C GLN A 1657 1.24 -29.31 -26.64
N ILE A 1658 0.20 -29.97 -26.14
CA ILE A 1658 -0.55 -30.93 -26.95
C ILE A 1658 -1.91 -30.39 -27.35
N ALA A 1659 -2.53 -29.54 -26.53
CA ALA A 1659 -3.80 -28.92 -26.86
C ALA A 1659 -3.78 -27.43 -26.54
N LEU A 1668 -7.21 -26.57 -29.86
CA LEU A 1668 -6.47 -26.91 -31.08
C LEU A 1668 -5.27 -27.78 -30.75
N VAL A 1669 -4.87 -28.60 -31.72
CA VAL A 1669 -3.68 -29.43 -31.59
C VAL A 1669 -2.61 -28.86 -32.51
N PRO A 1670 -1.51 -28.32 -31.98
CA PRO A 1670 -0.46 -27.79 -32.85
C PRO A 1670 0.12 -28.83 -33.80
N SER A 1671 0.13 -30.11 -33.40
CA SER A 1671 0.45 -31.17 -34.35
C SER A 1671 -0.69 -31.35 -35.33
N SER A 1672 -0.34 -31.64 -36.58
CA SER A 1672 -1.32 -31.77 -37.67
C SER A 1672 -2.16 -30.50 -37.79
N LEU A 1673 -1.48 -29.41 -38.11
CA LEU A 1673 -2.08 -28.09 -38.14
C LEU A 1673 -1.79 -27.38 -39.46
N SER A 1674 -2.00 -28.09 -40.58
CA SER A 1674 -2.01 -27.48 -41.91
C SER A 1674 -0.69 -26.76 -42.20
N ASP A 1675 0.35 -27.57 -42.37
CA ASP A 1675 1.68 -27.03 -42.64
C ASP A 1675 1.67 -26.05 -43.81
N HIS A 1676 0.85 -26.30 -44.82
CA HIS A 1676 0.71 -25.35 -45.92
C HIS A 1676 0.08 -24.06 -45.41
N ARG A 1677 0.73 -22.94 -45.70
CA ARG A 1677 0.27 -21.66 -45.19
C ARG A 1677 -1.01 -21.23 -45.90
N PRO A 1678 -2.08 -20.94 -45.16
CA PRO A 1678 -3.33 -20.52 -45.80
C PRO A 1678 -3.18 -19.15 -46.44
N VAL A 1679 -4.03 -18.88 -47.42
CA VAL A 1679 -3.97 -17.63 -48.15
C VAL A 1679 -4.33 -16.47 -47.23
N ILE A 1680 -3.47 -15.46 -47.19
CA ILE A 1680 -3.63 -14.31 -46.31
C ILE A 1680 -3.31 -13.05 -47.11
N GLU A 1681 -4.21 -12.07 -47.06
CA GLU A 1681 -4.00 -10.78 -47.70
C GLU A 1681 -3.75 -9.75 -46.59
N LEU A 1682 -2.55 -9.19 -46.56
CA LEU A 1682 -2.23 -8.19 -45.57
C LEU A 1682 -3.04 -6.92 -45.85
N PRO A 1683 -3.70 -6.34 -44.85
CA PRO A 1683 -4.43 -5.08 -45.09
C PRO A 1683 -3.53 -3.95 -45.55
N HIS A 1684 -2.28 -3.90 -45.09
CA HIS A 1684 -1.34 -2.85 -45.46
C HIS A 1684 -0.10 -3.52 -46.04
N CYS A 1685 0.22 -3.22 -47.30
CA CYS A 1685 1.39 -3.76 -47.95
C CYS A 1685 2.11 -2.69 -48.73
N GLU A 1686 2.27 -1.50 -48.13
CA GLU A 1686 2.77 -0.33 -48.83
C GLU A 1686 4.23 -0.02 -48.52
N ASN A 1687 4.93 -0.91 -47.80
CA ASN A 1687 6.35 -0.74 -47.48
C ASN A 1687 6.63 0.55 -46.72
N SER A 1688 5.61 1.14 -46.10
CA SER A 1688 5.80 2.38 -45.35
C SER A 1688 5.10 2.39 -44.00
N GLU A 1689 4.21 1.43 -43.72
CA GLU A 1689 3.50 1.41 -42.44
C GLU A 1689 3.49 0.00 -41.83
N ILE A 1690 4.33 -0.89 -42.30
CA ILE A 1690 4.48 -2.22 -41.73
C ILE A 1690 5.87 -2.31 -41.11
N ILE A 1691 5.92 -2.65 -39.82
CA ILE A 1691 7.16 -2.97 -39.14
C ILE A 1691 7.36 -4.47 -39.24
N ILE A 1692 8.52 -4.87 -39.77
CA ILE A 1692 8.84 -6.27 -40.04
C ILE A 1692 10.12 -6.61 -39.30
N ARG A 1693 10.11 -7.73 -38.59
CA ARG A 1693 11.27 -8.21 -37.85
C ARG A 1693 11.60 -9.64 -38.27
N LEU A 1694 12.88 -9.91 -38.48
CA LEU A 1694 13.37 -11.22 -38.87
C LEU A 1694 14.14 -11.85 -37.72
N TYR A 1695 14.06 -13.17 -37.61
CA TYR A 1695 14.62 -13.92 -36.50
C TYR A 1695 15.39 -15.13 -37.01
N GLU A 1696 16.31 -14.90 -37.94
CA GLU A 1696 17.02 -16.00 -38.58
C GLU A 1696 17.72 -16.89 -37.56
N MET A 1697 17.49 -18.19 -37.67
CA MET A 1697 18.14 -19.21 -36.86
C MET A 1697 18.51 -20.37 -37.76
N PRO A 1698 19.51 -21.16 -37.37
CA PRO A 1698 19.91 -22.29 -38.22
C PRO A 1698 18.80 -23.30 -38.48
N TYR A 1699 17.94 -23.52 -37.50
CA TYR A 1699 16.84 -24.47 -37.65
C TYR A 1699 15.69 -24.02 -36.77
N PHE A 1700 14.65 -24.84 -36.71
CA PHE A 1700 13.53 -24.62 -35.80
C PHE A 1700 13.62 -25.63 -34.67
N PRO A 1701 13.99 -25.24 -33.46
CA PRO A 1701 14.11 -26.22 -32.37
C PRO A 1701 12.77 -26.91 -32.12
N MET A 1702 12.85 -28.14 -31.64
CA MET A 1702 11.66 -28.97 -31.49
C MET A 1702 10.60 -28.25 -30.67
N GLY A 1703 9.38 -28.24 -31.18
CA GLY A 1703 8.29 -27.60 -30.46
C GLY A 1703 8.50 -26.14 -30.20
N PHE A 1704 9.21 -25.43 -31.08
CA PHE A 1704 9.30 -23.99 -30.95
C PHE A 1704 7.97 -23.34 -31.29
N TRP A 1705 7.40 -23.72 -32.43
CA TRP A 1705 6.12 -23.15 -32.83
C TRP A 1705 5.00 -23.60 -31.90
N SER A 1706 5.08 -24.84 -31.42
CA SER A 1706 4.08 -25.32 -30.47
C SER A 1706 4.11 -24.52 -29.19
N ARG A 1707 5.31 -24.21 -28.66
CA ARG A 1707 5.34 -23.39 -27.47
C ARG A 1707 4.96 -21.95 -27.77
N LEU A 1708 5.14 -21.50 -29.01
CA LEU A 1708 4.92 -20.10 -29.33
C LEU A 1708 3.43 -19.80 -29.52
N ILE A 1709 2.80 -20.46 -30.50
CA ILE A 1709 1.40 -20.16 -30.79
C ILE A 1709 0.47 -20.51 -29.64
N ASN A 1710 0.95 -21.28 -28.66
CA ASN A 1710 0.23 -21.47 -27.41
C ASN A 1710 0.61 -20.44 -26.37
N ARG A 1711 1.45 -19.47 -26.72
CA ARG A 1711 1.89 -18.41 -25.81
C ARG A 1711 1.46 -17.03 -26.25
N LEU A 1712 1.30 -16.77 -27.55
CA LEU A 1712 0.86 -15.47 -28.00
C LEU A 1712 -0.58 -15.18 -27.59
N LEU A 1713 -1.42 -16.20 -27.56
CA LEU A 1713 -2.84 -16.06 -27.25
C LEU A 1713 -3.07 -15.29 -25.94
N LEU A 1727 -12.17 -7.30 -26.19
CA LEU A 1727 -12.30 -7.41 -27.64
C LEU A 1727 -11.63 -8.68 -28.15
N ARG A 1728 -12.43 -9.71 -28.39
CA ARG A 1728 -11.90 -10.99 -28.86
C ARG A 1728 -11.51 -10.88 -30.33
N PRO A 1729 -10.26 -11.15 -30.68
CA PRO A 1729 -9.83 -11.02 -32.08
C PRO A 1729 -10.25 -12.21 -32.92
N ASN A 1730 -10.10 -12.05 -34.22
CA ASN A 1730 -10.30 -13.11 -35.19
C ASN A 1730 -8.94 -13.59 -35.69
N ARG A 1731 -8.73 -14.90 -35.66
CA ARG A 1731 -7.43 -15.46 -35.98
C ARG A 1731 -7.61 -16.85 -36.59
N MET A 1732 -6.68 -17.23 -37.44
CA MET A 1732 -6.62 -18.59 -37.98
C MET A 1732 -5.17 -19.07 -37.90
N TYR A 1733 -4.97 -20.26 -37.36
CA TYR A 1733 -3.65 -20.78 -37.07
C TYR A 1733 -3.23 -21.82 -38.10
N TRP A 1734 -1.93 -21.95 -38.30
CA TRP A 1734 -1.36 -23.07 -39.03
C TRP A 1734 -0.13 -23.54 -38.27
N ARG A 1735 0.64 -24.43 -38.90
CA ARG A 1735 1.70 -25.12 -38.17
C ARG A 1735 2.78 -24.16 -37.71
N GLN A 1736 3.12 -23.17 -38.53
CA GLN A 1736 4.25 -22.26 -38.25
C GLN A 1736 3.82 -20.81 -38.43
N GLY A 1737 2.69 -20.43 -37.84
CA GLY A 1737 2.26 -19.05 -37.89
C GLY A 1737 0.88 -18.90 -37.27
N ILE A 1738 0.56 -17.65 -36.93
CA ILE A 1738 -0.69 -17.38 -36.24
C ILE A 1738 -1.56 -16.33 -36.93
N TYR A 1739 -1.00 -15.17 -37.28
CA TYR A 1739 -1.75 -14.08 -37.89
C TYR A 1739 -3.06 -13.79 -37.14
N LEU A 1740 -2.90 -13.26 -35.94
CA LEU A 1740 -4.05 -12.84 -35.14
C LEU A 1740 -4.28 -11.34 -35.32
N ASN A 1741 -5.52 -10.97 -35.61
CA ASN A 1741 -5.84 -9.58 -35.94
C ASN A 1741 -7.12 -9.14 -35.24
N TRP A 1742 -7.17 -7.87 -34.87
CA TRP A 1742 -8.35 -7.24 -34.31
C TRP A 1742 -9.03 -6.26 -35.27
N SER A 1743 -8.24 -5.49 -36.01
CA SER A 1743 -8.76 -4.43 -36.86
C SER A 1743 -7.77 -4.18 -37.98
N PRO A 1744 -8.17 -3.47 -39.03
CA PRO A 1744 -7.22 -3.17 -40.11
C PRO A 1744 -6.00 -2.39 -39.65
N GLU A 1745 -6.09 -1.68 -38.52
CA GLU A 1745 -4.93 -1.00 -37.95
C GLU A 1745 -4.33 -1.75 -36.76
N ALA A 1746 -4.80 -2.96 -36.49
CA ALA A 1746 -4.26 -3.77 -35.38
C ALA A 1746 -4.24 -5.23 -35.83
N TYR A 1747 -3.07 -5.71 -36.21
CA TYR A 1747 -2.91 -7.09 -36.62
C TYR A 1747 -1.49 -7.53 -36.31
N CYS A 1748 -1.27 -8.84 -36.33
CA CYS A 1748 0.06 -9.38 -36.11
C CYS A 1748 0.17 -10.67 -36.90
N LEU A 1749 1.09 -10.70 -37.85
CA LEU A 1749 1.36 -11.90 -38.63
C LEU A 1749 2.77 -12.36 -38.30
N VAL A 1750 2.89 -13.39 -37.49
CA VAL A 1750 4.17 -14.03 -37.20
C VAL A 1750 4.15 -15.39 -37.87
N GLY A 1751 5.23 -15.71 -38.57
CA GLY A 1751 5.25 -16.95 -39.33
C GLY A 1751 6.67 -17.30 -39.73
N SER A 1752 6.78 -18.38 -40.49
CA SER A 1752 8.06 -18.85 -40.99
C SER A 1752 8.07 -18.67 -42.50
N GLU A 1753 9.05 -17.92 -43.00
CA GLU A 1753 9.18 -17.70 -44.43
C GLU A 1753 10.64 -17.88 -44.83
N VAL A 1754 10.87 -18.69 -45.85
CA VAL A 1754 12.21 -19.03 -46.27
C VAL A 1754 12.60 -18.15 -47.45
N LEU A 1755 13.90 -18.10 -47.73
CA LEU A 1755 14.44 -17.29 -48.80
C LEU A 1755 15.17 -18.19 -49.81
N ASP A 1756 15.14 -17.78 -51.08
CA ASP A 1756 15.83 -18.52 -52.10
C ASP A 1756 17.34 -18.51 -51.85
N ASN A 1757 17.98 -19.65 -52.07
CA ASN A 1757 19.41 -19.82 -51.82
C ASN A 1757 19.77 -19.49 -50.37
N HIS A 1758 18.88 -19.85 -49.45
CA HIS A 1758 19.11 -19.65 -48.02
C HIS A 1758 18.70 -20.92 -47.28
N PRO A 1759 19.65 -21.75 -46.87
CA PRO A 1759 19.28 -22.99 -46.17
C PRO A 1759 18.61 -22.78 -44.83
N GLU A 1760 18.81 -21.64 -44.18
CA GLU A 1760 18.28 -21.42 -42.85
C GLU A 1760 16.76 -21.22 -42.90
N SER A 1761 16.16 -21.20 -41.73
CA SER A 1761 14.74 -20.93 -41.56
C SER A 1761 14.58 -19.56 -40.90
N PHE A 1762 13.73 -18.72 -41.48
CA PHE A 1762 13.56 -17.34 -41.04
C PHE A 1762 12.18 -17.14 -40.44
N LEU A 1763 12.13 -16.45 -39.31
CA LEU A 1763 10.89 -16.11 -38.62
C LEU A 1763 10.58 -14.64 -38.88
N LYS A 1764 9.40 -14.37 -39.43
CA LYS A 1764 8.99 -13.04 -39.84
C LYS A 1764 7.83 -12.56 -38.99
N ILE A 1765 7.94 -11.36 -38.44
CA ILE A 1765 6.89 -10.71 -37.67
C ILE A 1765 6.51 -9.43 -38.40
N THR A 1766 5.24 -9.31 -38.77
CA THR A 1766 4.72 -8.14 -39.48
C THR A 1766 3.59 -7.53 -38.69
N VAL A 1767 3.73 -6.24 -38.37
CA VAL A 1767 2.69 -5.50 -37.66
C VAL A 1767 2.49 -4.16 -38.34
N PRO A 1768 1.34 -3.53 -38.15
CA PRO A 1768 1.18 -2.16 -38.64
C PRO A 1768 2.01 -1.19 -37.81
N SER A 1769 2.31 -0.04 -38.41
CA SER A 1769 3.19 0.93 -37.77
C SER A 1769 2.48 1.81 -36.76
N CYS A 1770 1.19 1.59 -36.51
CA CYS A 1770 0.46 2.41 -35.56
C CYS A 1770 0.86 2.05 -34.13
N ARG A 1771 0.30 2.79 -33.17
CA ARG A 1771 0.61 2.54 -31.76
C ARG A 1771 0.19 1.15 -31.34
N LYS A 1772 -1.00 0.71 -31.75
CA LYS A 1772 -1.44 -0.64 -31.43
C LYS A 1772 -0.53 -1.68 -32.08
N GLY A 1773 -0.14 -1.44 -33.34
CA GLY A 1773 0.79 -2.34 -33.99
C GLY A 1773 2.13 -2.38 -33.29
N CYS A 1774 2.61 -1.22 -32.83
CA CYS A 1774 3.86 -1.17 -32.10
C CYS A 1774 3.79 -1.96 -30.80
N ILE A 1775 2.68 -1.84 -30.08
CA ILE A 1775 2.50 -2.59 -28.85
C ILE A 1775 2.45 -4.08 -29.14
N LEU A 1776 1.75 -4.46 -30.21
CA LEU A 1776 1.69 -5.88 -30.58
C LEU A 1776 3.08 -6.42 -30.90
N LEU A 1777 3.86 -5.66 -31.68
CA LEU A 1777 5.21 -6.10 -32.02
C LEU A 1777 6.07 -6.22 -30.77
N GLY A 1778 5.98 -5.25 -29.87
CA GLY A 1778 6.74 -5.33 -28.64
C GLY A 1778 6.38 -6.57 -27.84
N GLN A 1779 5.08 -6.81 -27.65
CA GLN A 1779 4.65 -7.96 -26.86
C GLN A 1779 5.12 -9.27 -27.47
N VAL A 1780 4.99 -9.42 -28.78
CA VAL A 1780 5.46 -10.63 -29.44
C VAL A 1780 6.97 -10.78 -29.29
N VAL A 1781 7.69 -9.66 -29.32
CA VAL A 1781 9.15 -9.73 -29.20
C VAL A 1781 9.54 -10.23 -27.81
N ASP A 1782 8.94 -9.67 -26.74
CA ASP A 1782 9.29 -10.20 -25.42
C ASP A 1782 8.87 -11.66 -25.28
N HIS A 1783 7.72 -12.04 -25.82
CA HIS A 1783 7.31 -13.43 -25.69
C HIS A 1783 8.31 -14.37 -26.34
N ILE A 1784 8.72 -14.05 -27.58
CA ILE A 1784 9.67 -14.91 -28.28
C ILE A 1784 11.01 -14.93 -27.57
N ASP A 1785 11.51 -13.77 -27.15
CA ASP A 1785 12.80 -13.72 -26.50
C ASP A 1785 12.79 -14.48 -25.18
N SER A 1786 11.72 -14.33 -24.39
CA SER A 1786 11.63 -15.05 -23.13
C SER A 1786 11.57 -16.55 -23.37
N LEU A 1787 10.80 -17.00 -24.37
CA LEU A 1787 10.75 -18.43 -24.66
C LEU A 1787 12.11 -18.94 -25.07
N MET A 1788 12.83 -18.20 -25.91
CA MET A 1788 14.14 -18.64 -26.36
C MET A 1788 15.13 -18.71 -25.20
N GLU A 1789 15.13 -17.71 -24.32
CA GLU A 1789 16.06 -17.71 -23.20
C GLU A 1789 15.74 -18.83 -22.22
N GLU A 1790 14.46 -19.03 -21.92
CA GLU A 1790 14.08 -19.98 -20.88
C GLU A 1790 14.20 -21.42 -21.36
N TRP A 1791 13.77 -21.72 -22.58
CA TRP A 1791 13.65 -23.10 -23.04
C TRP A 1791 14.85 -23.58 -23.84
N PHE A 1792 15.47 -22.74 -24.65
CA PHE A 1792 16.59 -23.12 -25.50
C PHE A 1792 17.77 -22.20 -25.22
N PRO A 1793 18.42 -22.36 -24.07
CA PRO A 1793 19.58 -21.49 -23.78
C PRO A 1793 20.74 -21.70 -24.71
N GLY A 1794 20.78 -22.81 -25.44
CA GLY A 1794 21.86 -23.04 -26.39
C GLY A 1794 21.83 -22.09 -27.57
N LEU A 1795 20.65 -21.57 -27.91
CA LEU A 1795 20.55 -20.58 -28.98
C LEU A 1795 21.24 -19.29 -28.58
N LEU A 1796 20.91 -18.75 -27.41
CA LEU A 1796 21.56 -17.55 -26.90
C LEU A 1796 22.76 -17.95 -26.04
N GLU A 1797 23.81 -18.38 -26.73
CA GLU A 1797 25.04 -18.86 -26.07
C GLU A 1797 26.22 -18.42 -26.93
N ILE A 1798 26.79 -17.26 -26.60
CA ILE A 1798 27.95 -16.76 -27.32
C ILE A 1798 29.14 -17.64 -26.96
N ASP A 1799 29.55 -18.50 -27.89
CA ASP A 1799 30.66 -19.40 -27.63
C ASP A 1799 31.98 -18.63 -27.65
N ILE A 1800 32.79 -18.82 -26.61
CA ILE A 1800 34.07 -18.15 -26.53
C ILE A 1800 35.00 -18.64 -27.64
N CYS A 1801 35.04 -19.95 -27.84
CA CYS A 1801 35.88 -20.52 -28.90
C CYS A 1801 35.26 -20.23 -30.26
N GLY A 1802 36.10 -19.79 -31.20
CA GLY A 1802 35.66 -19.52 -32.54
C GLY A 1802 35.35 -18.04 -32.78
N GLU A 1803 34.06 -17.71 -32.83
CA GLU A 1803 33.64 -16.35 -33.14
C GLU A 1803 32.30 -16.08 -32.47
N GLY A 1804 31.96 -14.80 -32.38
CA GLY A 1804 30.69 -14.39 -31.79
C GLY A 1804 29.53 -14.42 -32.75
N GLU A 1805 29.26 -15.59 -33.34
CA GLU A 1805 28.11 -15.74 -34.23
C GLU A 1805 26.80 -15.59 -33.46
N THR A 1806 26.77 -16.04 -32.21
CA THR A 1806 25.63 -15.97 -31.31
C THR A 1806 24.50 -16.91 -31.75
N LEU A 1807 24.68 -17.57 -32.90
CA LEU A 1807 23.78 -18.62 -33.36
C LEU A 1807 22.35 -18.12 -33.57
N LEU A 1808 22.11 -16.83 -33.36
CA LEU A 1808 20.77 -16.27 -33.39
C LEU A 1808 20.87 -14.82 -33.86
N LYS A 1809 20.39 -14.55 -35.07
CA LYS A 1809 20.41 -13.22 -35.63
C LYS A 1809 18.98 -12.68 -35.69
N LYS A 1810 18.78 -11.50 -35.12
CA LYS A 1810 17.46 -10.85 -35.09
C LYS A 1810 17.52 -9.62 -35.99
N TRP A 1811 17.23 -9.84 -37.28
CA TRP A 1811 17.27 -8.73 -38.22
C TRP A 1811 16.08 -7.80 -38.01
N ALA A 1812 16.32 -6.51 -38.18
CA ALA A 1812 15.27 -5.49 -38.16
C ALA A 1812 15.31 -4.76 -39.50
N LEU A 1813 14.18 -4.71 -40.19
CA LEU A 1813 14.13 -4.21 -41.55
C LEU A 1813 13.66 -2.76 -41.59
N TYR A 1814 14.20 -2.01 -42.54
CA TYR A 1814 13.87 -0.60 -42.72
C TYR A 1814 14.06 -0.23 -44.19
N SER A 1815 13.20 0.67 -44.66
CA SER A 1815 13.20 1.11 -46.05
C SER A 1815 13.28 2.63 -46.10
N PHE A 1816 14.26 3.15 -46.82
CA PHE A 1816 14.43 4.60 -46.91
C PHE A 1816 13.35 5.23 -47.78
N ASN A 1817 13.11 4.66 -48.95
CA ASN A 1817 12.17 5.23 -49.92
C ASN A 1817 10.79 4.65 -49.62
N ASP A 1818 9.95 5.45 -48.97
CA ASP A 1818 8.63 4.99 -48.56
C ASP A 1818 7.80 4.52 -49.75
N GLY A 1819 7.53 3.22 -49.82
CA GLY A 1819 6.72 2.68 -50.89
C GLY A 1819 7.53 2.34 -52.13
N GLU A 1820 7.30 1.15 -52.68
CA GLU A 1820 7.85 0.71 -53.96
C GLU A 1820 9.37 0.62 -53.95
N GLU A 1821 10.02 0.76 -52.79
CA GLU A 1821 11.46 0.57 -52.74
C GLU A 1821 11.84 -0.87 -53.02
N HIS A 1822 11.07 -1.82 -52.51
CA HIS A 1822 11.23 -3.26 -52.78
C HIS A 1822 12.57 -3.80 -52.31
N GLN A 1823 13.24 -3.09 -51.41
CA GLN A 1823 14.54 -3.54 -50.90
C GLN A 1823 14.72 -2.94 -49.51
N LYS A 1824 14.46 -3.74 -48.48
CA LYS A 1824 14.69 -3.33 -47.11
C LYS A 1824 16.11 -3.74 -46.72
N ILE A 1825 16.88 -2.77 -46.25
CA ILE A 1825 18.26 -3.03 -45.87
C ILE A 1825 18.28 -3.77 -44.54
N LEU A 1826 19.04 -4.87 -44.48
CA LEU A 1826 19.16 -5.63 -43.25
C LEU A 1826 19.88 -4.81 -42.19
N LEU A 1827 19.56 -5.08 -40.92
CA LEU A 1827 20.25 -4.45 -39.82
C LEU A 1827 20.16 -5.34 -38.59
N ASP A 1828 21.32 -5.71 -38.05
CA ASP A 1828 21.34 -6.50 -36.82
C ASP A 1828 20.88 -5.64 -35.64
N ASP A 1829 20.13 -6.27 -34.74
CA ASP A 1829 19.54 -5.53 -33.63
C ASP A 1829 20.59 -4.95 -32.70
N LEU A 1830 21.63 -5.73 -32.39
CA LEU A 1830 22.65 -5.25 -31.46
C LEU A 1830 23.42 -4.08 -32.04
N MET A 1831 23.68 -4.09 -33.34
CA MET A 1831 24.38 -2.98 -33.97
C MET A 1831 23.56 -1.69 -33.86
N LYS A 1832 22.26 -1.77 -34.09
CA LYS A 1832 21.40 -0.61 -33.93
C LYS A 1832 21.32 -0.17 -32.47
N LYS A 1833 21.27 -1.12 -31.55
CA LYS A 1833 21.25 -0.77 -30.13
C LYS A 1833 22.55 -0.09 -29.72
N ALA A 1834 23.66 -0.41 -30.37
CA ALA A 1834 24.89 0.34 -30.15
C ALA A 1834 24.72 1.79 -30.56
N GLU A 1835 23.80 2.07 -31.48
CA GLU A 1835 23.45 3.45 -31.85
C GLU A 1835 22.34 3.98 -30.95
N GLU A 1836 22.54 3.90 -29.64
CA GLU A 1836 21.59 4.41 -28.67
C GLU A 1836 21.81 5.89 -28.34
N GLY A 1837 22.90 6.48 -28.82
CA GLY A 1837 23.15 7.88 -28.57
C GLY A 1837 22.30 8.83 -29.38
N ASP A 1838 21.76 8.37 -30.51
CA ASP A 1838 20.93 9.18 -31.37
C ASP A 1838 19.61 8.46 -31.64
N LEU A 1839 18.62 9.24 -32.09
CA LEU A 1839 17.31 8.69 -32.41
C LEU A 1839 17.14 8.37 -33.89
N LEU A 1840 17.84 9.09 -34.77
CA LEU A 1840 17.72 8.91 -36.21
C LEU A 1840 18.84 7.99 -36.69
N VAL A 1841 18.51 7.12 -37.65
CA VAL A 1841 19.49 6.28 -38.30
C VAL A 1841 19.59 6.71 -39.76
N ASN A 1842 20.82 6.82 -40.25
CA ASN A 1842 21.12 7.37 -41.56
C ASN A 1842 22.30 6.65 -42.18
N PRO A 1843 22.35 6.57 -43.52
CA PRO A 1843 23.45 5.84 -44.18
C PRO A 1843 24.72 6.66 -44.22
N ASP A 1844 25.75 6.16 -44.92
CA ASP A 1844 27.02 6.89 -44.98
C ASP A 1844 26.84 8.30 -45.53
N GLN A 1845 25.83 8.50 -46.38
CA GLN A 1845 25.48 9.84 -46.86
C GLN A 1845 24.44 10.45 -45.94
N PRO A 1846 24.69 11.61 -45.34
CA PRO A 1846 23.72 12.21 -44.41
C PRO A 1846 22.52 12.86 -45.08
N ARG A 1847 22.30 12.61 -46.37
CA ARG A 1847 21.18 13.24 -47.06
C ARG A 1847 19.84 12.72 -46.54
N LEU A 1848 19.77 11.43 -46.23
CA LEU A 1848 18.52 10.80 -45.81
C LEU A 1848 18.66 10.19 -44.43
N THR A 1849 17.54 10.09 -43.72
CA THR A 1849 17.51 9.50 -42.39
C THR A 1849 16.10 9.00 -42.10
N ILE A 1850 16.00 8.15 -41.08
CA ILE A 1850 14.71 7.60 -40.66
C ILE A 1850 14.73 7.39 -39.15
N PRO A 1851 13.65 7.71 -38.44
CA PRO A 1851 13.65 7.49 -36.99
C PRO A 1851 13.70 6.02 -36.63
N ILE A 1852 14.35 5.74 -35.50
CA ILE A 1852 14.46 4.36 -35.04
C ILE A 1852 13.10 3.83 -34.61
N SER A 1853 12.27 4.69 -34.01
CA SER A 1853 10.98 4.23 -33.49
C SER A 1853 10.09 3.66 -34.58
N GLN A 1854 10.23 4.12 -35.82
CA GLN A 1854 9.41 3.61 -36.91
C GLN A 1854 9.86 2.23 -37.37
N ILE A 1855 11.14 1.90 -37.19
CA ILE A 1855 11.68 0.62 -37.64
C ILE A 1855 11.96 -0.33 -36.50
N ALA A 1856 12.11 0.16 -35.27
CA ALA A 1856 12.37 -0.70 -34.12
C ALA A 1856 11.79 -0.05 -32.88
N PRO A 1857 10.47 -0.12 -32.69
CA PRO A 1857 9.87 0.46 -31.50
C PRO A 1857 10.11 -0.36 -30.24
N ASP A 1858 10.52 -1.63 -30.38
CA ASP A 1858 10.86 -2.41 -29.20
C ASP A 1858 12.15 -1.95 -28.55
N LEU A 1859 12.93 -1.11 -29.23
CA LEU A 1859 14.21 -0.64 -28.72
C LEU A 1859 14.06 0.68 -27.99
N ILE A 1860 13.59 1.71 -28.69
CA ILE A 1860 13.29 2.99 -28.07
C ILE A 1860 11.93 2.90 -27.39
N LEU A 1861 11.79 3.54 -26.24
CA LEU A 1861 10.60 3.35 -25.40
C LEU A 1861 9.40 4.00 -26.08
N ALA A 1862 8.86 3.30 -27.07
CA ALA A 1862 7.70 3.78 -27.79
C ALA A 1862 6.65 2.70 -27.99
N ASP A 1863 6.84 1.53 -27.39
CA ASP A 1863 5.90 0.41 -27.49
C ASP A 1863 4.96 0.36 -26.30
N LEU A 1864 4.61 1.51 -25.74
CA LEU A 1864 3.77 1.62 -24.56
C LEU A 1864 2.56 2.50 -24.87
N PRO A 1865 1.47 2.36 -24.12
CA PRO A 1865 0.27 3.15 -24.44
C PRO A 1865 0.50 4.65 -24.43
N ARG A 1866 1.39 5.15 -23.57
CA ARG A 1866 1.66 6.57 -23.47
C ARG A 1866 3.07 6.87 -23.93
N ASN A 1867 3.23 7.95 -24.67
CA ASN A 1867 4.56 8.42 -25.07
C ASN A 1867 5.30 8.92 -23.83
N ILE A 1868 6.29 8.14 -23.39
CA ILE A 1868 7.04 8.46 -22.17
C ILE A 1868 8.49 8.66 -22.58
N MET A 1869 8.86 9.91 -22.82
CA MET A 1869 10.25 10.26 -23.06
C MET A 1869 10.50 11.64 -22.47
N LEU A 1870 11.74 11.89 -22.10
CA LEU A 1870 12.12 13.14 -21.45
C LEU A 1870 13.14 13.89 -22.29
N ASN A 1871 12.91 15.18 -22.46
CA ASN A 1871 13.88 16.04 -23.13
C ASN A 1871 15.04 16.30 -22.19
N ASN A 1872 16.23 15.84 -22.57
CA ASN A 1872 17.38 15.91 -21.67
C ASN A 1872 17.74 17.33 -21.30
N ASP A 1873 17.30 18.33 -22.07
CA ASP A 1873 17.52 19.71 -21.69
C ASP A 1873 16.75 20.07 -20.42
N GLU A 1874 15.52 19.58 -20.29
CA GLU A 1874 14.71 19.88 -19.12
C GLU A 1874 15.28 19.20 -17.87
N LEU A 1875 15.71 17.95 -18.00
CA LEU A 1875 16.25 17.22 -16.86
C LEU A 1875 17.57 17.84 -16.41
N GLU A 1876 17.74 17.96 -15.10
CA GLU A 1876 18.98 18.46 -14.49
C GLU A 1876 19.41 17.44 -13.45
N PHE A 1877 20.16 16.44 -13.89
CA PHE A 1877 20.52 15.30 -13.06
C PHE A 1877 21.99 14.98 -13.21
N GLU A 1878 22.62 14.61 -12.09
CA GLU A 1878 23.99 14.13 -12.11
C GLU A 1878 24.18 13.16 -10.96
N GLN A 1879 24.80 12.02 -11.25
CA GLN A 1879 25.02 11.00 -10.22
C GLN A 1879 26.07 11.47 -9.23
N ALA A 1880 25.75 11.36 -7.94
CA ALA A 1880 26.65 11.78 -6.88
C ALA A 1880 26.19 11.20 -5.56
N PRO A 1881 27.09 11.02 -4.58
CA PRO A 1881 26.64 10.59 -3.25
C PRO A 1881 25.67 11.55 -2.61
N GLU A 1882 25.81 12.86 -2.89
CA GLU A 1882 24.92 13.84 -2.27
C GLU A 1882 23.47 13.62 -2.68
N PHE A 1883 23.23 13.26 -3.93
CA PHE A 1883 21.89 13.14 -4.45
C PHE A 1883 21.27 11.78 -4.20
N LEU A 1884 22.01 10.86 -3.60
CA LEU A 1884 21.43 9.58 -3.20
C LEU A 1884 20.35 9.82 -2.14
N LEU A 1885 19.25 9.09 -2.26
CA LEU A 1885 18.14 9.23 -1.33
C LEU A 1885 18.24 8.18 -0.23
N GLY A 1886 18.22 8.65 1.02
CA GLY A 1886 18.24 7.74 2.15
C GLY A 1886 19.52 6.96 2.32
N ASP A 1887 20.62 7.44 1.73
CA ASP A 1887 21.91 6.76 1.79
C ASP A 1887 21.77 5.30 1.34
N GLY A 1888 21.42 5.16 0.07
CA GLY A 1888 21.40 3.85 -0.57
C GLY A 1888 20.42 2.87 0.01
N SER A 1889 19.51 3.34 0.87
CA SER A 1889 18.51 2.44 1.42
C SER A 1889 17.50 2.02 0.37
N PHE A 1890 17.24 2.88 -0.61
CA PHE A 1890 16.29 2.60 -1.67
C PHE A 1890 16.94 1.97 -2.89
N GLY A 1891 18.26 1.84 -2.90
CA GLY A 1891 18.94 1.23 -4.03
C GLY A 1891 19.70 2.23 -4.88
N SER A 1892 19.22 2.43 -6.09
CA SER A 1892 19.87 3.30 -7.07
C SER A 1892 18.97 4.48 -7.42
N VAL A 1893 18.31 5.06 -6.42
CA VAL A 1893 17.35 6.14 -6.61
C VAL A 1893 18.02 7.43 -6.16
N TYR A 1894 18.14 8.39 -7.08
CA TYR A 1894 18.78 9.67 -6.82
C TYR A 1894 17.76 10.79 -6.90
N ARG A 1895 18.19 11.99 -6.52
CA ARG A 1895 17.36 13.18 -6.55
C ARG A 1895 17.76 14.05 -7.73
N ALA A 1896 16.77 14.49 -8.52
CA ALA A 1896 17.04 15.29 -9.69
C ALA A 1896 15.91 16.31 -9.84
N ALA A 1897 16.00 17.12 -10.89
CA ALA A 1897 15.00 18.12 -11.19
C ALA A 1897 14.45 17.88 -12.58
N TYR A 1898 13.13 17.82 -12.70
CA TYR A 1898 12.45 17.61 -13.98
C TYR A 1898 11.36 18.65 -14.14
N GLU A 1899 11.33 19.31 -15.29
CA GLU A 1899 10.32 20.33 -15.60
C GLU A 1899 10.25 21.39 -14.51
N GLY A 1900 11.37 21.66 -13.86
CA GLY A 1900 11.46 22.64 -12.80
C GLY A 1900 11.21 22.09 -11.40
N GLU A 1901 10.41 21.04 -11.28
CA GLU A 1901 10.11 20.47 -9.97
C GLU A 1901 11.18 19.47 -9.58
N GLU A 1902 11.08 18.92 -8.38
CA GLU A 1902 12.01 17.92 -7.88
C GLU A 1902 11.41 16.52 -8.06
N VAL A 1903 12.26 15.57 -8.46
CA VAL A 1903 11.84 14.21 -8.73
C VAL A 1903 12.91 13.24 -8.22
N ALA A 1904 12.53 11.98 -8.11
CA ALA A 1904 13.45 10.90 -7.77
C ALA A 1904 13.62 10.02 -8.99
N VAL A 1905 14.86 9.90 -9.46
CA VAL A 1905 15.19 9.18 -10.69
C VAL A 1905 15.89 7.90 -10.30
N LYS A 1906 15.33 6.77 -10.72
CA LYS A 1906 15.98 5.48 -10.56
C LYS A 1906 16.92 5.26 -11.73
N ILE A 1907 18.16 4.91 -11.44
CA ILE A 1907 19.20 4.75 -12.45
C ILE A 1907 19.52 3.27 -12.57
N PHE A 1908 19.42 2.75 -13.78
CA PHE A 1908 19.75 1.35 -14.04
C PHE A 1908 21.23 1.23 -14.40
N ASN A 1909 21.72 -0.01 -14.34
CA ASN A 1909 23.13 -0.29 -14.64
C ASN A 1909 23.31 -0.36 -16.15
N LYS A 1910 24.48 -0.82 -16.60
CA LYS A 1910 24.83 -0.89 -18.01
C LYS A 1910 24.72 -2.30 -18.57
N HIS A 1911 23.84 -3.13 -18.02
CA HIS A 1911 23.66 -4.48 -18.53
C HIS A 1911 23.04 -4.51 -19.92
N THR A 1912 22.41 -3.41 -20.34
CA THR A 1912 21.80 -3.29 -21.66
C THR A 1912 20.73 -4.34 -21.89
N SER A 1913 20.10 -4.82 -20.82
CA SER A 1913 19.01 -5.79 -20.96
C SER A 1913 17.81 -5.15 -21.63
N LEU A 1914 17.36 -4.01 -21.14
CA LEU A 1914 16.17 -3.32 -21.64
C LEU A 1914 14.99 -4.30 -21.66
N ARG A 1915 14.91 -5.12 -20.64
CA ARG A 1915 13.80 -6.05 -20.45
C ARG A 1915 13.15 -5.90 -19.09
N LEU A 1916 13.94 -5.63 -18.04
CA LEU A 1916 13.34 -5.31 -16.76
C LEU A 1916 12.78 -3.89 -16.76
N LEU A 1917 13.41 -2.96 -17.47
CA LEU A 1917 12.89 -1.61 -17.53
C LEU A 1917 11.55 -1.56 -18.25
N ARG A 1918 11.43 -2.25 -19.38
CA ARG A 1918 10.16 -2.29 -20.09
C ARG A 1918 9.10 -3.04 -19.27
N GLN A 1919 9.51 -4.09 -18.58
CA GLN A 1919 8.56 -4.83 -17.73
C GLN A 1919 8.03 -3.95 -16.62
N GLU A 1920 8.90 -3.15 -16.00
CA GLU A 1920 8.45 -2.22 -14.97
C GLU A 1920 7.65 -1.07 -15.57
N LEU A 1921 7.91 -0.73 -16.83
CA LEU A 1921 7.20 0.38 -17.45
C LEU A 1921 5.79 0.00 -17.87
N VAL A 1922 5.57 -1.25 -18.29
CA VAL A 1922 4.25 -1.62 -18.77
C VAL A 1922 3.23 -1.60 -17.63
N VAL A 1923 3.64 -1.96 -16.41
CA VAL A 1923 2.71 -1.95 -15.29
C VAL A 1923 2.39 -0.53 -14.87
N LEU A 1924 3.38 0.37 -14.89
CA LEU A 1924 3.18 1.74 -14.44
C LEU A 1924 2.33 2.55 -15.41
N CYS A 1925 2.04 2.03 -16.60
CA CYS A 1925 1.17 2.71 -17.53
C CYS A 1925 -0.31 2.45 -17.27
N HIS A 1926 -0.63 1.54 -16.36
CA HIS A 1926 -2.01 1.19 -16.06
C HIS A 1926 -2.43 1.58 -14.65
N LEU A 1927 -1.52 2.08 -13.82
CA LEU A 1927 -1.80 2.39 -12.43
C LEU A 1927 -1.89 3.90 -12.26
N HIS A 1928 -3.10 4.42 -12.09
CA HIS A 1928 -3.34 5.84 -11.84
C HIS A 1928 -4.17 5.95 -10.57
N HIS A 1929 -3.57 6.48 -9.50
CA HIS A 1929 -4.27 6.61 -8.22
C HIS A 1929 -3.54 7.63 -7.37
N PRO A 1930 -4.26 8.39 -6.55
CA PRO A 1930 -3.58 9.34 -5.65
C PRO A 1930 -2.66 8.66 -4.66
N SER A 1931 -2.98 7.45 -4.24
CA SER A 1931 -2.17 6.72 -3.26
C SER A 1931 -1.16 5.78 -3.90
N LEU A 1932 -1.05 5.79 -5.22
CA LEU A 1932 -0.04 5.04 -5.94
C LEU A 1932 0.90 6.01 -6.62
N ILE A 1933 2.21 5.75 -6.52
CA ILE A 1933 3.18 6.66 -7.12
C ILE A 1933 2.99 6.67 -8.62
N SER A 1934 3.22 7.83 -9.23
CA SER A 1934 2.85 8.07 -10.62
C SER A 1934 4.07 8.21 -11.51
N LEU A 1935 3.94 7.75 -12.75
CA LEU A 1935 5.03 7.80 -13.71
C LEU A 1935 5.13 9.16 -14.38
N LEU A 1936 6.35 9.67 -14.47
CA LEU A 1936 6.60 10.96 -15.11
C LEU A 1936 7.39 10.83 -16.41
N ALA A 1937 8.51 10.10 -16.39
CA ALA A 1937 9.35 10.00 -17.57
C ALA A 1937 10.16 8.72 -17.50
N ALA A 1938 10.68 8.30 -18.65
CA ALA A 1938 11.49 7.10 -18.74
C ALA A 1938 12.42 7.24 -19.94
N GLY A 1939 13.73 7.35 -19.68
CA GLY A 1939 14.69 7.64 -20.70
C GLY A 1939 15.42 6.41 -21.22
N ILE A 1940 16.27 6.65 -22.22
CA ILE A 1940 17.09 5.59 -22.80
C ILE A 1940 18.58 5.92 -22.78
N ARG A 1941 18.98 7.19 -22.84
CA ARG A 1941 20.42 7.50 -22.81
C ARG A 1941 21.07 7.05 -21.51
N PRO A 1942 20.54 7.38 -20.33
CA PRO A 1942 21.05 6.72 -19.12
C PRO A 1942 20.18 5.55 -18.69
N ARG A 1943 19.04 5.38 -19.38
CA ARG A 1943 18.05 4.36 -19.04
C ARG A 1943 17.55 4.53 -17.61
N MET A 1944 16.88 5.65 -17.37
CA MET A 1944 16.43 6.04 -16.05
C MET A 1944 14.92 5.83 -15.90
N LEU A 1945 14.41 6.25 -14.75
CA LEU A 1945 12.98 6.19 -14.46
C LEU A 1945 12.65 7.34 -13.52
N VAL A 1946 11.91 8.33 -14.00
CA VAL A 1946 11.58 9.51 -13.21
C VAL A 1946 10.27 9.27 -12.47
N MET A 1947 10.27 9.49 -11.16
CA MET A 1947 9.10 9.37 -10.31
C MET A 1947 9.02 10.59 -9.40
N GLU A 1948 7.85 10.77 -8.78
CA GLU A 1948 7.68 11.88 -7.87
C GLU A 1948 8.57 11.72 -6.64
N LEU A 1949 8.91 12.83 -6.02
CA LEU A 1949 9.73 12.83 -4.82
C LEU A 1949 8.84 13.16 -3.63
N ALA A 1950 8.79 12.24 -2.67
CA ALA A 1950 8.05 12.44 -1.42
C ALA A 1950 8.96 13.14 -0.43
N SER A 1951 8.68 14.42 -0.17
CA SER A 1951 9.62 15.25 0.56
C SER A 1951 9.86 14.80 1.99
N LYS A 1952 8.94 14.04 2.57
CA LYS A 1952 9.06 13.65 3.97
C LYS A 1952 9.73 12.29 4.15
N GLY A 1953 10.18 11.66 3.06
CA GLY A 1953 10.88 10.41 3.15
C GLY A 1953 9.95 9.22 3.30
N SER A 1954 10.56 8.09 3.64
CA SER A 1954 9.79 6.87 3.86
C SER A 1954 9.18 6.88 5.26
N LEU A 1955 8.18 6.02 5.44
CA LEU A 1955 7.50 5.94 6.73
C LEU A 1955 8.44 5.38 7.81
N ASP A 1956 9.25 4.38 7.45
CA ASP A 1956 10.13 3.75 8.43
C ASP A 1956 11.07 4.78 9.04
N ARG A 1957 11.72 5.58 8.20
CA ARG A 1957 12.63 6.60 8.71
C ARG A 1957 11.89 7.61 9.58
N LEU A 1958 10.66 7.96 9.20
CA LEU A 1958 9.90 8.92 9.98
C LEU A 1958 9.63 8.39 11.39
N LEU A 1959 9.08 7.18 11.48
CA LEU A 1959 8.75 6.67 12.82
C LEU A 1959 9.99 6.28 13.60
N GLN A 1960 11.12 6.06 12.94
CA GLN A 1960 12.36 5.83 13.66
C GLN A 1960 13.11 7.11 13.99
N GLN A 1961 12.68 8.25 13.47
CA GLN A 1961 13.36 9.51 13.72
C GLN A 1961 12.47 10.57 14.34
N ASP A 1962 11.23 10.70 13.88
CA ASP A 1962 10.31 11.73 14.37
C ASP A 1962 9.10 11.04 14.99
N LYS A 1963 9.20 10.74 16.29
CA LYS A 1963 8.15 10.03 16.99
C LYS A 1963 7.03 10.96 17.46
N ALA A 1964 7.31 12.25 17.59
CA ALA A 1964 6.32 13.21 18.06
C ALA A 1964 5.44 13.74 16.93
N SER A 1965 5.71 13.37 15.68
CA SER A 1965 4.94 13.86 14.55
C SER A 1965 3.82 12.90 14.14
N LEU A 1966 3.76 11.70 14.71
CA LEU A 1966 2.74 10.73 14.33
C LEU A 1966 1.54 10.86 15.26
N THR A 1967 0.80 11.95 15.06
CA THR A 1967 -0.39 12.20 15.85
C THR A 1967 -1.50 11.22 15.47
N ARG A 1968 -2.50 11.13 16.35
CA ARG A 1968 -3.57 10.16 16.17
C ARG A 1968 -4.42 10.45 14.93
N THR A 1969 -4.40 11.68 14.43
CA THR A 1969 -5.13 12.04 13.22
C THR A 1969 -4.26 12.00 11.97
N LEU A 1970 -3.03 11.51 12.09
CA LEU A 1970 -2.14 11.28 10.97
C LEU A 1970 -1.94 9.81 10.66
N GLN A 1971 -1.88 8.97 11.70
CA GLN A 1971 -1.78 7.53 11.49
C GLN A 1971 -3.00 7.01 10.76
N HIS A 1972 -4.19 7.52 11.09
CA HIS A 1972 -5.38 7.09 10.38
C HIS A 1972 -5.31 7.48 8.91
N ARG A 1973 -4.82 8.68 8.60
CA ARG A 1973 -4.71 9.09 7.22
C ARG A 1973 -3.72 8.23 6.45
N ILE A 1974 -2.58 7.93 7.08
CA ILE A 1974 -1.58 7.07 6.43
C ILE A 1974 -2.17 5.71 6.14
N ALA A 1975 -2.83 5.11 7.14
CA ALA A 1975 -3.41 3.79 6.95
C ALA A 1975 -4.52 3.82 5.91
N LEU A 1976 -5.32 4.89 5.89
CA LEU A 1976 -6.40 4.99 4.91
C LEU A 1976 -5.84 5.08 3.49
N HIS A 1977 -4.79 5.87 3.30
CA HIS A 1977 -4.21 5.98 1.96
C HIS A 1977 -3.57 4.68 1.51
N VAL A 1978 -2.88 3.99 2.42
CA VAL A 1978 -2.27 2.70 2.06
C VAL A 1978 -3.36 1.68 1.73
N ALA A 1979 -4.44 1.66 2.52
CA ALA A 1979 -5.54 0.75 2.23
C ALA A 1979 -6.19 1.08 0.90
N ASP A 1980 -6.31 2.37 0.57
CA ASP A 1980 -6.84 2.77 -0.73
C ASP A 1980 -5.95 2.26 -1.85
N GLY A 1981 -4.64 2.38 -1.69
CA GLY A 1981 -3.73 1.88 -2.71
C GLY A 1981 -3.83 0.38 -2.89
N LEU A 1982 -3.90 -0.36 -1.79
CA LEU A 1982 -4.04 -1.80 -1.88
C LEU A 1982 -5.38 -2.19 -2.53
N ARG A 1983 -6.44 -1.47 -2.20
CA ARG A 1983 -7.73 -1.73 -2.82
C ARG A 1983 -7.68 -1.51 -4.32
N TYR A 1984 -7.05 -0.41 -4.76
CA TYR A 1984 -6.95 -0.18 -6.20
C TYR A 1984 -6.09 -1.24 -6.86
N LEU A 1985 -4.98 -1.63 -6.23
CA LEU A 1985 -4.11 -2.64 -6.82
C LEU A 1985 -4.85 -3.96 -7.00
N HIS A 1986 -5.52 -4.43 -5.95
CA HIS A 1986 -6.24 -5.69 -6.05
C HIS A 1986 -7.50 -5.58 -6.90
N SER A 1987 -7.98 -4.35 -7.16
CA SER A 1987 -9.13 -4.19 -8.03
C SER A 1987 -8.80 -4.59 -9.46
N ALA A 1988 -7.61 -4.24 -9.94
CA ALA A 1988 -7.16 -4.55 -11.28
C ALA A 1988 -6.31 -5.81 -11.33
N MET A 1989 -6.55 -6.76 -10.41
CA MET A 1989 -5.94 -8.08 -10.34
C MET A 1989 -4.45 -8.04 -10.03
N ILE A 1990 -3.84 -6.87 -9.92
CA ILE A 1990 -2.42 -6.79 -9.57
C ILE A 1990 -2.26 -7.09 -8.08
N ILE A 1991 -1.22 -7.84 -7.74
CA ILE A 1991 -0.97 -8.25 -6.36
C ILE A 1991 0.37 -7.69 -5.92
N TYR A 1992 0.38 -7.00 -4.79
CA TYR A 1992 1.62 -6.50 -4.20
C TYR A 1992 2.36 -7.63 -3.52
N ARG A 1993 3.68 -7.47 -3.40
CA ARG A 1993 4.51 -8.52 -2.82
C ARG A 1993 4.51 -8.47 -1.30
N ASP A 1994 5.03 -7.39 -0.72
CA ASP A 1994 5.07 -7.27 0.73
C ASP A 1994 5.10 -5.81 1.11
N LEU A 1995 4.27 -5.44 2.08
CA LEU A 1995 4.16 -4.06 2.54
C LEU A 1995 4.92 -3.91 3.85
N LYS A 1996 5.84 -2.97 3.90
CA LYS A 1996 6.65 -2.70 5.08
C LYS A 1996 6.61 -1.20 5.34
N PRO A 1997 6.93 -0.78 6.57
CA PRO A 1997 7.09 0.66 6.83
C PRO A 1997 8.14 1.33 5.98
N HIS A 1998 8.94 0.55 5.24
CA HIS A 1998 9.90 1.09 4.29
C HIS A 1998 9.31 1.31 2.90
N ASN A 1999 8.27 0.57 2.54
CA ASN A 1999 7.68 0.65 1.21
C ASN A 1999 6.63 1.75 1.09
N VAL A 2000 6.44 2.57 2.13
CA VAL A 2000 5.42 3.61 2.13
C VAL A 2000 6.10 4.96 2.25
N LEU A 2001 5.82 5.85 1.31
CA LEU A 2001 6.40 7.18 1.26
C LEU A 2001 5.40 8.20 1.78
N LEU A 2002 5.89 9.15 2.57
CA LEU A 2002 5.06 10.22 3.10
C LEU A 2002 5.32 11.50 2.33
N PHE A 2003 4.26 12.09 1.80
CA PHE A 2003 4.40 13.29 0.97
C PHE A 2003 4.27 14.58 1.76
N THR A 2004 3.55 14.58 2.87
CA THR A 2004 3.42 15.78 3.69
C THR A 2004 2.94 15.39 5.08
N LEU A 2005 3.42 16.11 6.09
CA LEU A 2005 3.01 15.92 7.48
C LEU A 2005 1.91 16.89 7.87
N TYR A 2006 0.83 16.95 7.07
CA TYR A 2006 -0.30 17.82 7.34
C TYR A 2006 -1.55 16.96 7.31
N PRO A 2007 -2.26 16.81 8.44
CA PRO A 2007 -3.38 15.85 8.48
C PRO A 2007 -4.48 16.13 7.48
N ASN A 2008 -4.72 17.39 7.12
CA ASN A 2008 -5.83 17.76 6.26
C ASN A 2008 -5.41 17.92 4.81
N ALA A 2009 -4.46 17.11 4.34
CA ALA A 2009 -4.02 17.19 2.96
C ALA A 2009 -4.76 16.15 2.11
N ALA A 2010 -4.66 16.32 0.80
CA ALA A 2010 -5.30 15.39 -0.12
C ALA A 2010 -4.54 14.08 -0.20
N ILE A 2011 -3.21 14.12 -0.17
CA ILE A 2011 -2.38 12.93 -0.18
C ILE A 2011 -1.35 13.04 0.93
N ILE A 2012 -1.20 11.97 1.71
CA ILE A 2012 -0.22 11.96 2.79
C ILE A 2012 0.71 10.76 2.63
N ALA A 2013 0.23 9.70 1.98
CA ALA A 2013 1.03 8.49 1.83
C ALA A 2013 0.81 7.90 0.45
N LYS A 2014 1.87 7.29 -0.07
CA LYS A 2014 1.82 6.57 -1.33
C LYS A 2014 2.68 5.33 -1.20
N ILE A 2015 2.44 4.36 -2.08
CA ILE A 2015 3.15 3.10 -2.04
C ILE A 2015 4.33 3.17 -3.01
N ALA A 2016 5.29 2.29 -2.80
CA ALA A 2016 6.46 2.21 -3.66
C ALA A 2016 7.01 0.79 -3.63
N ASP A 2017 7.61 0.37 -4.75
CA ASP A 2017 8.17 -0.97 -4.86
C ASP A 2017 9.39 -0.88 -5.78
N TYR A 2018 10.56 -0.71 -5.18
CA TYR A 2018 11.79 -0.64 -5.94
C TYR A 2018 12.21 -2.03 -6.37
N GLY A 2019 13.12 -2.09 -7.33
CA GLY A 2019 13.63 -3.35 -7.85
C GLY A 2019 14.78 -3.88 -7.01
N THR A 2020 15.60 -4.72 -7.67
CA THR A 2020 16.79 -5.31 -7.06
C THR A 2020 16.45 -6.08 -5.80
N PRO A 2036 11.44 -11.18 5.23
CA PRO A 2036 11.83 -11.05 6.64
C PRO A 2036 10.67 -11.33 7.60
N GLY A 2037 10.51 -10.48 8.61
CA GLY A 2037 9.45 -10.68 9.59
C GLY A 2037 8.07 -10.28 9.14
N PHE A 2038 7.97 -9.42 8.12
CA PHE A 2038 6.67 -8.97 7.61
C PHE A 2038 6.13 -9.94 6.56
N ARG A 2039 5.98 -11.19 6.99
CA ARG A 2039 5.59 -12.28 6.10
C ARG A 2039 4.30 -12.92 6.59
N ALA A 2040 3.41 -13.20 5.64
CA ALA A 2040 2.16 -13.87 5.96
C ALA A 2040 2.41 -15.34 6.29
N PRO A 2041 1.68 -15.92 7.26
CA PRO A 2041 1.86 -17.33 7.63
C PRO A 2041 1.10 -18.29 6.73
N GLU A 2042 1.19 -18.07 5.42
CA GLU A 2042 0.53 -18.92 4.44
C GLU A 2042 1.53 -19.37 3.38
N VAL A 2043 2.55 -18.55 3.15
CA VAL A 2043 3.60 -18.85 2.20
C VAL A 2043 4.94 -19.09 2.89
N ALA A 2044 5.23 -18.34 3.95
CA ALA A 2044 6.45 -18.58 4.71
C ALA A 2044 6.42 -19.95 5.37
N ARG A 2045 5.26 -20.36 5.88
CA ARG A 2045 5.08 -21.68 6.46
C ARG A 2045 4.26 -22.52 5.47
N GLY A 2046 4.96 -23.13 4.52
CA GLY A 2046 4.35 -23.95 3.51
C GLY A 2046 4.70 -23.49 2.11
N ASN A 2047 3.82 -23.79 1.16
CA ASN A 2047 4.01 -23.38 -0.23
C ASN A 2047 2.66 -23.26 -0.90
N VAL A 2048 2.33 -22.06 -1.38
CA VAL A 2048 1.08 -21.81 -2.07
C VAL A 2048 1.25 -20.53 -2.87
N ILE A 2049 0.44 -20.37 -3.91
CA ILE A 2049 0.52 -19.17 -4.74
C ILE A 2049 0.16 -17.95 -3.91
N TYR A 2050 0.93 -16.88 -4.08
CA TYR A 2050 0.68 -15.64 -3.36
C TYR A 2050 -0.68 -15.07 -3.75
N ASN A 2051 -1.44 -14.65 -2.74
CA ASN A 2051 -2.77 -14.09 -2.95
C ASN A 2051 -2.90 -12.77 -2.20
N GLN A 2052 -3.97 -12.04 -2.49
CA GLN A 2052 -4.20 -10.76 -1.85
C GLN A 2052 -4.40 -10.89 -0.34
N GLN A 2053 -4.73 -12.08 0.14
CA GLN A 2053 -4.85 -12.28 1.58
C GLN A 2053 -3.51 -12.09 2.28
N ALA A 2054 -2.41 -12.50 1.64
CA ALA A 2054 -1.10 -12.22 2.19
C ALA A 2054 -0.84 -10.71 2.23
N ASP A 2055 -1.30 -9.99 1.22
CA ASP A 2055 -1.19 -8.53 1.24
C ASP A 2055 -1.97 -7.94 2.39
N VAL A 2056 -3.17 -8.47 2.65
CA VAL A 2056 -3.97 -7.98 3.77
C VAL A 2056 -3.25 -8.25 5.09
N TYR A 2057 -2.63 -9.42 5.21
CA TYR A 2057 -1.87 -9.72 6.43
C TYR A 2057 -0.69 -8.77 6.60
N SER A 2058 0.01 -8.49 5.51
CA SER A 2058 1.13 -7.54 5.59
C SER A 2058 0.64 -6.14 5.96
N PHE A 2059 -0.52 -5.75 5.44
CA PHE A 2059 -1.10 -4.46 5.78
C PHE A 2059 -1.47 -4.42 7.26
N GLY A 2060 -2.00 -5.53 7.79
CA GLY A 2060 -2.26 -5.60 9.22
C GLY A 2060 -1.00 -5.47 10.04
N LEU A 2061 0.09 -6.08 9.57
CA LEU A 2061 1.37 -5.88 10.22
C LEU A 2061 1.77 -4.41 10.21
N LEU A 2062 1.60 -3.75 9.06
CA LEU A 2062 1.92 -2.34 8.95
C LEU A 2062 1.07 -1.50 9.90
N LEU A 2063 -0.21 -1.86 10.04
CA LEU A 2063 -1.07 -1.18 11.00
C LEU A 2063 -0.56 -1.39 12.42
N TYR A 2064 -0.09 -2.59 12.74
CA TYR A 2064 0.45 -2.85 14.06
C TYR A 2064 1.66 -1.96 14.32
N ASP A 2065 2.55 -1.83 13.33
CA ASP A 2065 3.72 -0.99 13.53
C ASP A 2065 3.37 0.49 13.60
N ILE A 2066 2.37 0.92 12.83
CA ILE A 2066 1.95 2.32 12.85
C ILE A 2066 1.30 2.67 14.19
N LEU A 2067 0.44 1.78 14.70
CA LEU A 2067 -0.23 2.01 15.96
C LEU A 2067 0.77 2.21 17.09
N THR A 2068 1.79 1.37 17.13
CA THR A 2068 2.90 1.61 18.04
C THR A 2068 3.71 2.82 17.58
N THR A 2069 4.25 3.56 18.55
CA THR A 2069 4.99 4.77 18.24
C THR A 2069 6.21 4.46 17.38
N GLY A 2070 6.93 3.40 17.70
CA GLY A 2070 8.10 3.01 16.93
C GLY A 2070 7.95 1.63 16.32
N GLY A 2071 7.12 0.80 16.92
CA GLY A 2071 6.90 -0.54 16.41
C GLY A 2071 7.89 -1.54 16.94
N ARG A 2072 7.76 -2.76 16.43
CA ARG A 2072 8.62 -3.88 16.80
C ARG A 2072 9.82 -3.96 15.85
N ILE A 2073 10.47 -2.82 15.61
CA ILE A 2073 11.54 -2.78 14.62
C ILE A 2073 12.71 -1.99 15.19
N VAL A 2074 12.49 -1.35 16.34
CA VAL A 2074 13.58 -0.70 17.05
C VAL A 2074 14.54 -1.74 17.62
N GLU A 2075 14.00 -2.88 18.08
CA GLU A 2075 14.83 -3.89 18.71
C GLU A 2075 15.88 -4.45 17.75
N GLY A 2076 15.47 -4.76 16.52
CA GLY A 2076 16.39 -5.34 15.56
C GLY A 2076 16.89 -6.71 15.97
N LEU A 2077 15.97 -7.66 16.12
CA LEU A 2077 16.31 -9.02 16.53
C LEU A 2077 15.56 -9.97 15.60
N LYS A 2078 15.53 -11.25 15.96
CA LYS A 2078 14.77 -12.22 15.19
C LYS A 2078 13.28 -12.00 15.39
N PHE A 2079 12.53 -11.95 14.28
CA PHE A 2079 11.09 -11.74 14.30
C PHE A 2079 10.43 -12.86 13.50
N PRO A 2080 10.13 -13.99 14.14
CA PRO A 2080 9.53 -15.17 13.49
C PRO A 2080 8.18 -14.87 12.85
N GLY A 2090 -0.29 -15.59 14.77
CA GLY A 2090 -1.27 -15.01 15.67
C GLY A 2090 -0.81 -14.97 17.11
N LYS A 2091 0.51 -14.97 17.30
CA LYS A 2091 1.12 -14.93 18.63
C LYS A 2091 1.63 -13.54 19.00
N LEU A 2092 1.25 -12.52 18.25
CA LEU A 2092 1.73 -11.18 18.52
C LEU A 2092 1.15 -10.66 19.84
N PRO A 2093 1.89 -9.88 20.60
CA PRO A 2093 1.41 -9.41 21.90
C PRO A 2093 0.40 -8.28 21.74
N ASP A 2094 -0.31 -8.00 22.82
CA ASP A 2094 -1.23 -6.88 22.83
C ASP A 2094 -0.43 -5.59 22.82
N PRO A 2095 -0.59 -4.72 21.83
CA PRO A 2095 0.28 -3.54 21.75
C PRO A 2095 0.18 -2.63 22.96
N VAL A 2096 -1.02 -2.44 23.50
CA VAL A 2096 -1.19 -1.62 24.68
C VAL A 2096 -0.50 -2.24 25.89
N LYS A 2097 -0.37 -3.57 25.89
CA LYS A 2097 0.14 -4.27 27.07
C LYS A 2097 1.57 -3.87 27.39
N GLU A 2098 2.44 -3.76 26.37
CA GLU A 2098 3.85 -3.49 26.63
C GLU A 2098 4.45 -2.37 25.79
N TYR A 2099 3.86 -2.01 24.66
CA TYR A 2099 4.50 -1.02 23.79
C TYR A 2099 4.18 0.41 24.20
N GLY A 2100 3.35 0.61 25.22
CA GLY A 2100 3.05 1.95 25.71
C GLY A 2100 2.11 2.75 24.84
N CYS A 2101 1.51 2.14 23.82
CA CYS A 2101 0.61 2.86 22.93
C CYS A 2101 -0.74 3.10 23.62
N ALA A 2102 -1.35 4.23 23.30
CA ALA A 2102 -2.67 4.53 23.79
C ALA A 2102 -3.69 3.56 23.17
N PRO A 2103 -4.77 3.27 23.88
CA PRO A 2103 -5.76 2.32 23.34
C PRO A 2103 -6.42 2.87 22.09
N TRP A 2104 -6.90 1.96 21.25
CA TRP A 2104 -7.57 2.36 20.03
C TRP A 2104 -8.51 1.25 19.55
N PRO A 2105 -9.73 1.20 20.05
CA PRO A 2105 -10.67 0.17 19.59
C PRO A 2105 -11.09 0.40 18.15
N MET A 2106 -11.49 -0.68 17.50
CA MET A 2106 -11.85 -0.74 16.08
C MET A 2106 -10.61 -0.51 15.21
N VAL A 2107 -9.48 -0.23 15.84
CA VAL A 2107 -8.18 -0.29 15.18
C VAL A 2107 -7.40 -1.50 15.63
N GLU A 2108 -7.37 -1.75 16.95
CA GLU A 2108 -6.87 -3.03 17.45
C GLU A 2108 -7.77 -4.17 16.98
N LYS A 2109 -9.08 -3.93 16.94
CA LYS A 2109 -9.99 -4.92 16.39
C LYS A 2109 -9.71 -5.15 14.90
N LEU A 2110 -9.40 -4.07 14.17
CA LEU A 2110 -9.05 -4.23 12.76
C LEU A 2110 -7.75 -5.01 12.59
N ILE A 2111 -6.77 -4.74 13.43
CA ILE A 2111 -5.52 -5.51 13.38
C ILE A 2111 -5.82 -6.98 13.63
N LYS A 2112 -6.58 -7.27 14.68
CA LYS A 2112 -6.88 -8.66 15.01
C LYS A 2112 -7.68 -9.34 13.92
N GLN A 2113 -8.52 -8.60 13.20
CA GLN A 2113 -9.19 -9.16 12.04
C GLN A 2113 -8.27 -9.31 10.85
N CYS A 2114 -7.15 -8.59 10.82
CA CYS A 2114 -6.19 -8.67 9.74
C CYS A 2114 -5.03 -9.62 10.04
N LEU A 2115 -5.03 -10.26 11.20
CA LEU A 2115 -3.91 -11.11 11.61
C LEU A 2115 -4.38 -12.53 11.96
N LYS A 2116 -5.45 -12.99 11.33
CA LYS A 2116 -5.94 -14.33 11.60
C LYS A 2116 -5.24 -15.36 10.72
N GLU A 2117 -5.04 -16.55 11.27
CA GLU A 2117 -4.29 -17.59 10.59
C GLU A 2117 -5.04 -18.18 9.40
N ASN A 2118 -6.32 -17.87 9.24
CA ASN A 2118 -7.09 -18.40 8.12
C ASN A 2118 -7.25 -17.31 7.07
N PRO A 2119 -6.52 -17.37 5.95
CA PRO A 2119 -6.64 -16.30 4.95
C PRO A 2119 -8.04 -16.11 4.40
N GLN A 2120 -8.82 -17.19 4.25
CA GLN A 2120 -10.17 -17.06 3.71
C GLN A 2120 -11.05 -16.20 4.59
N GLU A 2121 -10.78 -16.18 5.91
CA GLU A 2121 -11.59 -15.38 6.81
C GLU A 2121 -11.23 -13.90 6.74
N ARG A 2122 -9.97 -13.57 6.52
CA ARG A 2122 -9.52 -12.19 6.60
C ARG A 2122 -10.25 -11.33 5.58
N PRO A 2123 -10.59 -10.10 5.93
CA PRO A 2123 -11.41 -9.28 5.02
C PRO A 2123 -10.65 -8.93 3.75
N THR A 2124 -11.40 -8.78 2.67
CA THR A 2124 -10.82 -8.32 1.42
C THR A 2124 -10.32 -6.89 1.58
N SER A 2125 -9.29 -6.55 0.80
CA SER A 2125 -8.76 -5.19 0.84
C SER A 2125 -9.82 -4.17 0.43
N ALA A 2126 -10.87 -4.61 -0.27
CA ALA A 2126 -11.96 -3.70 -0.59
C ALA A 2126 -12.76 -3.33 0.65
N GLN A 2127 -12.88 -4.25 1.59
CA GLN A 2127 -13.64 -4.00 2.82
C GLN A 2127 -12.78 -3.44 3.94
N VAL A 2128 -11.47 -3.68 3.92
CA VAL A 2128 -10.62 -3.15 4.97
C VAL A 2128 -10.54 -1.63 4.88
N PHE A 2129 -10.54 -1.09 3.67
CA PHE A 2129 -10.59 0.36 3.51
C PHE A 2129 -11.91 0.91 4.03
N ASP A 2130 -13.01 0.20 3.81
CA ASP A 2130 -14.30 0.63 4.34
C ASP A 2130 -14.29 0.64 5.86
N ILE A 2131 -13.75 -0.41 6.49
CA ILE A 2131 -13.67 -0.44 7.94
C ILE A 2131 -12.80 0.69 8.46
N LEU A 2132 -11.70 0.96 7.75
CA LEU A 2132 -10.80 2.06 8.12
C LEU A 2132 -11.40 3.43 7.82
N ASN A 2133 -12.53 3.49 7.12
CA ASN A 2133 -13.17 4.76 6.77
C ASN A 2133 -14.39 4.91 7.66
N SER A 2134 -14.21 5.58 8.80
CA SER A 2134 -15.31 5.83 9.73
C SER A 2134 -14.90 6.96 10.67
N ALA A 2135 -15.77 7.95 10.82
CA ALA A 2135 -15.48 9.04 11.73
C ALA A 2135 -15.42 8.57 13.18
N GLU A 2136 -16.15 7.50 13.51
CA GLU A 2136 -16.06 6.94 14.84
C GLU A 2136 -14.70 6.33 15.10
N LEU A 2137 -14.05 5.78 14.07
CA LEU A 2137 -12.78 5.09 14.25
C LEU A 2137 -11.68 6.03 14.73
N VAL A 2138 -11.63 7.23 14.16
CA VAL A 2138 -10.61 8.20 14.58
C VAL A 2138 -10.91 8.70 15.98
N CYS A 2139 -12.15 9.12 16.22
CA CYS A 2139 -12.53 9.74 17.49
C CYS A 2139 -13.23 8.73 18.39
N LEU A 2140 -12.42 7.84 18.97
CA LEU A 2140 -12.88 6.92 20.00
C LEU A 2140 -11.66 6.47 20.77
N THR A 2141 -11.50 6.95 22.00
CA THR A 2141 -10.30 6.63 22.76
C THR A 2141 -10.42 5.27 23.44
N ARG A 2142 -11.37 5.13 24.36
CA ARG A 2142 -11.47 3.95 25.19
C ARG A 2142 -12.89 3.42 25.22
N ARG A 2143 -13.01 2.11 25.41
CA ARG A 2143 -14.29 1.43 25.53
C ARG A 2143 -14.16 0.43 26.67
N ILE A 2144 -14.46 0.88 27.89
CA ILE A 2144 -14.28 0.08 29.09
C ILE A 2144 -15.53 -0.75 29.34
N LEU A 2145 -15.34 -2.04 29.58
CA LEU A 2145 -16.44 -2.95 29.91
C LEU A 2145 -16.44 -3.19 31.41
N LEU A 2146 -17.58 -2.93 32.05
CA LEU A 2146 -17.70 -3.10 33.48
C LEU A 2146 -17.98 -4.55 33.84
N PRO A 2147 -17.78 -4.93 35.10
CA PRO A 2147 -18.16 -6.29 35.53
C PRO A 2147 -19.64 -6.55 35.30
N LYS A 2148 -19.95 -7.79 34.94
CA LYS A 2148 -21.31 -8.12 34.54
C LYS A 2148 -22.28 -7.93 35.70
N ASN A 2149 -23.54 -7.67 35.35
CA ASN A 2149 -24.61 -7.45 36.32
C ASN A 2149 -24.28 -6.30 37.27
N VAL A 2150 -23.72 -5.23 36.73
CA VAL A 2150 -23.45 -4.01 37.48
C VAL A 2150 -24.24 -2.87 36.84
N ILE A 2151 -25.05 -2.19 37.64
CA ILE A 2151 -25.92 -1.12 37.17
C ILE A 2151 -25.46 0.18 37.79
N VAL A 2152 -25.21 1.18 36.95
CA VAL A 2152 -24.77 2.50 37.38
C VAL A 2152 -25.79 3.53 36.91
N GLU A 2153 -26.28 4.36 37.83
CA GLU A 2153 -27.31 5.34 37.51
C GLU A 2153 -26.70 6.70 37.16
N CYS A 2154 -25.76 7.17 37.96
CA CYS A 2154 -25.11 8.46 37.73
C CYS A 2154 -23.61 8.30 37.85
N MET A 2155 -22.89 9.12 37.09
CA MET A 2155 -21.43 9.08 37.07
C MET A 2155 -20.89 10.49 37.16
N VAL A 2156 -19.66 10.61 37.66
CA VAL A 2156 -18.98 11.90 37.75
C VAL A 2156 -17.51 11.70 37.42
N ALA A 2157 -16.88 12.80 36.99
CA ALA A 2157 -15.46 12.79 36.65
C ALA A 2157 -14.63 13.36 37.80
N THR A 2158 -13.33 13.10 37.75
CA THR A 2158 -12.41 13.60 38.75
C THR A 2158 -11.06 13.83 38.09
N HIS A 2159 -10.70 15.09 37.88
CA HIS A 2159 -9.43 15.44 37.26
C HIS A 2159 -9.06 16.89 37.56
N ASN A 2164 -4.42 10.44 38.33
CA ASN A 2164 -4.85 11.29 37.22
C ASN A 2164 -6.37 11.34 37.13
N ALA A 2165 -6.87 11.40 35.90
CA ALA A 2165 -8.32 11.43 35.68
C ALA A 2165 -8.94 10.11 36.10
N SER A 2166 -10.16 10.19 36.63
CA SER A 2166 -10.86 9.00 37.11
C SER A 2166 -12.36 9.26 37.06
N ILE A 2167 -13.13 8.20 37.26
CA ILE A 2167 -14.58 8.26 37.23
C ILE A 2167 -15.13 7.66 38.50
N TRP A 2168 -16.07 8.35 39.12
CA TRP A 2168 -16.81 7.84 40.28
C TRP A 2168 -18.21 7.49 39.80
N LEU A 2169 -18.54 6.21 39.84
CA LEU A 2169 -19.79 5.70 39.30
C LEU A 2169 -20.66 5.19 40.45
N GLY A 2170 -21.89 5.71 40.52
CA GLY A 2170 -22.82 5.30 41.55
C GLY A 2170 -23.38 3.91 41.34
N LEU A 2179 -20.15 4.18 45.89
CA LEU A 2179 -19.33 5.05 45.06
C LEU A 2179 -18.17 4.29 44.43
N SER A 2180 -18.48 3.49 43.42
CA SER A 2180 -17.46 2.70 42.74
C SER A 2180 -16.48 3.60 42.01
N PHE A 2181 -15.26 3.11 41.86
CA PHE A 2181 -14.18 3.88 41.28
C PHE A 2181 -13.66 3.24 40.00
N LEU A 2182 -13.21 4.07 39.07
CA LEU A 2182 -12.64 3.60 37.81
C LEU A 2182 -11.48 4.49 37.45
N ASP A 2183 -10.37 3.88 37.05
CA ASP A 2183 -9.14 4.60 36.70
C ASP A 2183 -9.03 4.72 35.19
N LEU A 2184 -8.77 5.94 34.71
CA LEU A 2184 -8.69 6.18 33.27
C LEU A 2184 -7.51 5.43 32.65
N ASN A 2185 -6.37 5.42 33.33
CA ASN A 2185 -5.17 4.78 32.81
C ASN A 2185 -4.98 3.36 33.32
N THR A 2186 -5.94 2.83 34.08
CA THR A 2186 -5.79 1.47 34.61
C THR A 2186 -7.03 0.60 34.49
N GLU A 2187 -8.21 1.15 34.23
CA GLU A 2187 -9.46 0.39 34.21
C GLU A 2187 -9.69 -0.35 35.53
N GLY A 2188 -9.34 0.31 36.64
CA GLY A 2188 -9.39 -0.29 37.95
C GLY A 2188 -10.74 -0.23 38.63
N TYR A 2189 -11.66 -1.12 38.25
CA TYR A 2189 -12.94 -1.21 38.94
C TYR A 2189 -12.73 -1.52 40.41
N THR A 2190 -13.54 -0.89 41.26
CA THR A 2190 -13.44 -1.11 42.70
C THR A 2190 -14.77 -0.82 43.39
N CYS A 2201 -28.59 9.40 42.48
CA CYS A 2201 -27.86 10.48 41.81
C CYS A 2201 -26.46 10.63 42.40
N LEU A 2202 -25.63 11.43 41.73
CA LEU A 2202 -24.27 11.67 42.18
C LEU A 2202 -23.83 13.06 41.73
N ALA A 2203 -22.74 13.52 42.30
CA ALA A 2203 -22.22 14.85 41.99
C ALA A 2203 -20.71 14.83 42.16
N LEU A 2204 -20.11 16.01 42.22
CA LEU A 2204 -18.66 16.14 42.41
C LEU A 2204 -18.31 17.52 42.93
N GLU A 2212 -12.91 21.29 45.57
CA GLU A 2212 -13.63 20.50 46.56
C GLU A 2212 -13.55 19.01 46.23
N SER A 2213 -12.48 18.36 46.70
CA SER A 2213 -12.27 16.93 46.45
C SER A 2213 -13.19 16.11 47.34
N TRP A 2214 -14.48 16.14 46.99
CA TRP A 2214 -15.49 15.41 47.73
C TRP A 2214 -16.62 15.03 46.79
N ILE A 2215 -17.41 14.04 47.21
CA ILE A 2215 -18.55 13.55 46.44
C ILE A 2215 -19.78 13.57 47.34
N VAL A 2216 -20.95 13.70 46.73
CA VAL A 2216 -22.22 13.71 47.44
C VAL A 2216 -23.19 12.80 46.71
N SER A 2217 -23.85 11.92 47.47
CA SER A 2217 -24.82 10.99 46.90
C SER A 2217 -26.08 10.98 47.74
N GLY A 2218 -27.21 10.77 47.08
CA GLY A 2218 -28.49 10.68 47.76
C GLY A 2218 -29.23 9.40 47.43
N THR A 2219 -29.59 8.63 48.46
CA THR A 2219 -30.27 7.37 48.24
C THR A 2219 -31.69 7.61 47.71
N GLN A 2220 -32.27 6.54 47.17
CA GLN A 2220 -33.62 6.63 46.63
C GLN A 2220 -34.65 6.95 47.70
N SER A 2221 -34.34 6.68 48.96
CA SER A 2221 -35.20 7.02 50.08
C SER A 2221 -34.82 8.35 50.72
N GLY A 2222 -33.84 9.06 50.15
CA GLY A 2222 -33.36 10.29 50.73
C GLY A 2222 -32.03 10.08 51.43
N THR A 2223 -31.89 10.66 52.62
CA THR A 2223 -30.70 10.49 53.46
C THR A 2223 -29.43 10.92 52.72
N LEU A 2224 -29.38 12.22 52.44
CA LEU A 2224 -28.24 12.78 51.73
C LEU A 2224 -26.94 12.50 52.47
N LEU A 2225 -25.93 12.05 51.73
CA LEU A 2225 -24.64 11.71 52.30
C LEU A 2225 -23.53 12.36 51.49
N VAL A 2226 -22.42 12.67 52.16
CA VAL A 2226 -21.26 13.27 51.53
C VAL A 2226 -20.00 12.59 52.06
N ILE A 2227 -19.06 12.31 51.16
CA ILE A 2227 -17.79 11.70 51.52
C ILE A 2227 -16.67 12.53 50.94
N ASN A 2228 -15.69 12.88 51.77
CA ASN A 2228 -14.56 13.69 51.33
C ASN A 2228 -13.66 12.89 50.40
N LEU A 2238 -25.55 14.61 56.37
CA LEU A 2238 -26.34 15.83 56.28
C LEU A 2238 -27.80 15.56 56.59
N GLU A 2239 -28.63 16.60 56.43
CA GLU A 2239 -30.05 16.46 56.71
C GLU A 2239 -30.72 15.57 55.66
N LYS A 2240 -31.62 14.71 56.12
CA LYS A 2240 -32.35 13.80 55.25
C LYS A 2240 -33.64 14.49 54.81
N MET A 2241 -33.73 14.82 53.52
CA MET A 2241 -34.88 15.54 53.01
C MET A 2241 -36.11 14.64 52.97
N THR A 2242 -37.28 15.28 52.86
CA THR A 2242 -38.55 14.55 52.84
C THR A 2242 -38.69 13.71 51.57
N ASP A 2243 -37.96 14.02 50.52
CA ASP A 2243 -38.02 13.25 49.28
C ASP A 2243 -36.60 13.01 48.79
N SER A 2244 -36.47 12.08 47.86
CA SER A 2244 -35.16 11.72 47.32
C SER A 2244 -34.53 12.89 46.60
N VAL A 2245 -33.21 13.02 46.73
CA VAL A 2245 -32.46 14.05 46.02
C VAL A 2245 -32.32 13.61 44.57
N THR A 2246 -32.98 14.33 43.66
CA THR A 2246 -33.00 13.94 42.25
C THR A 2246 -32.01 14.69 41.38
N CYS A 2247 -31.55 15.86 41.82
CA CYS A 2247 -30.60 16.65 41.04
C CYS A 2247 -29.46 17.10 41.94
N LEU A 2248 -28.30 17.27 41.34
CA LEU A 2248 -27.11 17.73 42.07
C LEU A 2248 -26.21 18.47 41.11
N TYR A 2249 -25.64 19.57 41.59
CA TYR A 2249 -24.77 20.39 40.75
C TYR A 2249 -23.85 21.17 41.68
N CYS A 2250 -22.63 21.41 41.22
CA CYS A 2250 -21.62 22.13 41.99
C CYS A 2250 -21.58 23.57 41.53
N ASN A 2251 -22.15 24.47 42.33
CA ASN A 2251 -22.16 25.89 42.03
C ASN A 2251 -22.05 26.70 43.33
N SER A 2252 -21.45 27.87 43.23
CA SER A 2252 -21.24 28.73 44.39
C SER A 2252 -21.93 30.08 44.21
N LEU A 2263 -24.27 24.48 45.51
CA LEU A 2263 -24.87 23.16 45.44
C LEU A 2263 -26.39 23.24 45.48
N LEU A 2264 -27.05 22.53 44.58
CA LEU A 2264 -28.51 22.45 44.55
C LEU A 2264 -28.94 21.00 44.54
N VAL A 2265 -29.96 20.68 45.34
CA VAL A 2265 -30.49 19.32 45.46
C VAL A 2265 -31.97 19.36 45.12
N GLY A 2266 -32.40 18.45 44.24
CA GLY A 2266 -33.79 18.37 43.84
C GLY A 2266 -34.62 17.56 44.80
N THR A 2267 -35.85 17.28 44.38
CA THR A 2267 -36.78 16.50 45.19
C THR A 2267 -37.81 15.84 44.28
N ALA A 2268 -38.34 14.70 44.73
CA ALA A 2268 -39.32 13.98 43.94
C ALA A 2268 -40.66 14.70 43.92
N ASP A 2269 -41.13 15.16 45.08
CA ASP A 2269 -42.40 15.85 45.16
C ASP A 2269 -42.33 17.30 44.70
N GLY A 2270 -41.12 17.80 44.44
CA GLY A 2270 -40.93 19.17 44.01
C GLY A 2270 -40.44 20.06 45.12
N LYS A 2271 -39.13 20.29 45.16
CA LYS A 2271 -38.48 21.12 46.16
C LYS A 2271 -37.01 21.26 45.80
N LEU A 2272 -36.46 22.46 46.00
CA LEU A 2272 -35.05 22.71 45.75
C LEU A 2272 -34.37 23.07 47.07
N ALA A 2273 -33.14 22.57 47.23
CA ALA A 2273 -32.33 22.85 48.42
C ALA A 2273 -31.02 23.46 47.99
N ILE A 2274 -30.73 24.65 48.49
CA ILE A 2274 -29.52 25.39 48.15
C ILE A 2274 -28.55 25.29 49.32
N PHE A 2275 -27.31 24.89 49.02
CA PHE A 2275 -26.30 24.73 50.04
C PHE A 2275 -24.92 25.06 49.47
N LYS A 2289 -31.97 27.44 51.41
CA LYS A 2289 -33.30 27.62 50.83
C LYS A 2289 -34.04 26.30 50.73
N ILE A 2290 -35.35 26.33 50.98
CA ILE A 2290 -36.16 25.13 50.93
C ILE A 2290 -37.42 25.38 50.09
N LEU A 2291 -37.30 26.30 49.13
CA LEU A 2291 -38.45 26.64 48.28
C LEU A 2291 -38.89 25.44 47.46
N ASN A 2292 -40.20 25.27 47.33
CA ASN A 2292 -40.80 24.18 46.58
C ASN A 2292 -41.49 24.75 45.35
N ILE A 2293 -41.15 24.22 44.17
CA ILE A 2293 -41.73 24.66 42.91
C ILE A 2293 -42.16 23.41 42.15
N GLY A 2294 -43.45 23.08 42.23
CA GLY A 2294 -44.01 21.94 41.54
C GLY A 2294 -44.86 21.11 42.46
N ASN A 2295 -45.16 19.89 42.03
CA ASN A 2295 -45.97 18.97 42.82
C ASN A 2295 -45.72 17.52 42.40
N MET A 2301 -35.39 19.31 39.61
CA MET A 2301 -35.15 17.87 39.50
C MET A 2301 -34.18 17.55 38.37
N CYS A 2302 -33.76 18.59 37.64
CA CYS A 2302 -32.79 18.43 36.56
C CYS A 2302 -32.11 19.77 36.35
N LEU A 2303 -30.92 19.92 36.89
CA LEU A 2303 -30.24 21.21 36.85
C LEU A 2303 -29.53 21.40 35.51
N SER A 2304 -28.98 22.59 35.33
CA SER A 2304 -28.22 22.96 34.15
C SER A 2304 -27.44 24.24 34.44
N GLU A 2305 -26.79 24.79 33.42
CA GLU A 2305 -26.05 26.02 33.59
C GLU A 2305 -25.99 26.74 32.24
N SER A 2306 -25.78 28.05 32.31
CA SER A 2306 -25.71 28.91 31.12
C SER A 2306 -26.96 28.77 30.26
N VAL A 2314 -25.63 32.85 35.51
CA VAL A 2314 -27.03 32.49 35.70
C VAL A 2314 -27.16 30.97 35.76
N MET A 2315 -28.37 30.46 35.52
CA MET A 2315 -28.64 29.04 35.56
C MET A 2315 -29.94 28.77 34.82
N TRP A 2316 -30.47 27.56 34.96
CA TRP A 2316 -31.72 27.16 34.33
C TRP A 2316 -32.16 25.86 34.99
N GLY A 2317 -33.17 25.23 34.40
CA GLY A 2317 -33.66 23.96 34.89
C GLY A 2317 -35.17 23.92 34.82
N GLY A 2318 -35.74 22.92 35.51
CA GLY A 2318 -37.18 22.81 35.56
C GLY A 2318 -37.66 21.69 36.46
N CYS A 2319 -38.90 21.80 36.93
CA CYS A 2319 -39.52 20.79 37.78
C CYS A 2319 -40.78 20.29 37.11
N GLY A 2320 -40.97 18.97 37.09
CA GLY A 2320 -42.13 18.41 36.43
C GLY A 2320 -42.15 18.79 34.96
N THR A 2321 -43.30 19.26 34.50
CA THR A 2321 -43.45 19.77 33.14
C THR A 2321 -43.19 21.28 33.06
N LYS A 2322 -42.93 21.92 34.19
CA LYS A 2322 -42.81 23.37 34.28
C LYS A 2322 -41.32 23.72 34.34
N ILE A 2323 -40.79 24.30 33.26
CA ILE A 2323 -39.40 24.73 33.25
C ILE A 2323 -39.33 26.13 33.82
N PHE A 2324 -38.14 26.50 34.28
CA PHE A 2324 -37.95 27.80 34.92
C PHE A 2324 -36.53 28.27 34.63
N SER A 2325 -36.10 29.30 35.36
CA SER A 2325 -34.74 29.81 35.26
C SER A 2325 -34.41 30.54 36.55
N PHE A 2326 -33.12 30.68 36.83
CA PHE A 2326 -32.70 31.28 38.08
C PHE A 2326 -31.27 31.78 37.95
N SER A 2327 -30.80 32.38 39.04
CA SER A 2327 -29.45 32.92 39.14
C SER A 2327 -29.03 32.83 40.60
N ASN A 2328 -28.01 33.60 40.98
CA ASN A 2328 -27.59 33.63 42.38
C ASN A 2328 -28.66 34.23 43.29
N ASP A 2329 -29.67 34.90 42.72
CA ASP A 2329 -30.73 35.50 43.51
C ASP A 2329 -31.70 34.48 44.08
N PHE A 2330 -31.64 33.23 43.63
CA PHE A 2330 -32.54 32.17 44.10
C PHE A 2330 -34.00 32.56 43.91
N THR A 2331 -34.31 33.13 42.74
CA THR A 2331 -35.67 33.50 42.39
C THR A 2331 -35.99 32.97 41.00
N ILE A 2332 -37.26 32.64 40.77
CA ILE A 2332 -37.71 32.11 39.48
C ILE A 2332 -37.87 33.28 38.53
N GLN A 2333 -36.81 33.56 37.75
CA GLN A 2333 -36.88 34.65 36.79
C GLN A 2333 -37.79 34.35 35.61
N LYS A 2334 -38.23 33.10 35.46
CA LYS A 2334 -39.13 32.72 34.39
C LYS A 2334 -39.85 31.45 34.80
N LEU A 2335 -40.94 31.14 34.09
CA LEU A 2335 -41.70 29.92 34.35
C LEU A 2335 -42.54 29.63 33.12
N ILE A 2336 -42.20 28.56 32.40
CA ILE A 2336 -42.87 28.21 31.15
C ILE A 2336 -43.38 26.78 31.28
N GLU A 2337 -44.66 26.59 30.97
CA GLU A 2337 -45.26 25.26 31.02
C GLU A 2337 -45.04 24.56 29.69
N THR A 2338 -44.27 23.47 29.71
CA THR A 2338 -44.05 22.68 28.51
C THR A 2338 -45.28 21.88 28.09
N ARG A 2339 -46.29 21.80 28.94
CA ARG A 2339 -47.55 21.16 28.54
C ARG A 2339 -48.32 22.01 27.53
N THR A 2340 -48.00 23.30 27.43
CA THR A 2340 -48.66 24.18 26.47
C THR A 2340 -48.36 23.77 25.03
N SER A 2341 -47.29 23.03 24.80
CA SER A 2341 -46.97 22.56 23.45
C SER A 2341 -47.69 21.25 23.14
N GLN A 2342 -49.00 21.24 23.37
CA GLN A 2342 -49.82 20.07 23.05
C GLN A 2342 -50.44 20.16 21.66
N LEU A 2343 -50.33 21.31 20.99
CA LEU A 2343 -50.88 21.44 19.64
C LEU A 2343 -50.03 20.71 18.61
N PHE A 2344 -48.72 20.60 18.84
CA PHE A 2344 -47.84 19.92 17.91
C PHE A 2344 -47.64 18.46 18.28
N SER A 2345 -47.12 18.19 19.47
CA SER A 2345 -46.87 16.83 19.92
C SER A 2345 -48.09 16.28 20.65
N TYR A 2346 -48.12 14.95 20.76
CA TYR A 2346 -49.20 14.30 21.49
C TYR A 2346 -49.07 14.57 22.98
N ALA A 2347 -50.17 14.33 23.71
CA ALA A 2347 -50.15 14.51 25.15
C ALA A 2347 -49.25 13.50 25.85
N ALA A 2348 -48.93 12.39 25.19
CA ALA A 2348 -48.03 11.41 25.79
C ALA A 2348 -46.63 11.98 26.01
N PHE A 2349 -46.13 12.76 25.05
CA PHE A 2349 -44.80 13.33 25.14
C PHE A 2349 -44.77 14.73 25.73
N SER A 2350 -45.82 15.52 25.52
CA SER A 2350 -45.82 16.90 25.99
C SER A 2350 -46.07 17.00 27.49
N ASP A 2351 -46.93 16.14 28.02
CA ASP A 2351 -47.35 16.24 29.42
C ASP A 2351 -46.41 15.55 30.40
N SER A 2352 -45.36 14.90 29.90
CA SER A 2352 -44.41 14.24 30.80
C SER A 2352 -43.57 15.26 31.55
N ASN A 2353 -42.68 14.76 32.40
CA ASN A 2353 -41.84 15.62 33.20
C ASN A 2353 -40.65 16.13 32.38
N ILE A 2354 -39.80 16.92 33.04
CA ILE A 2354 -38.58 17.43 32.43
C ILE A 2354 -37.41 16.56 32.90
N ILE A 2355 -36.78 15.88 31.96
CA ILE A 2355 -35.64 15.01 32.28
C ILE A 2355 -34.34 15.78 32.29
N THR A 2356 -34.13 16.62 31.27
CA THR A 2356 -32.91 17.42 31.20
C THR A 2356 -33.16 18.61 30.28
N VAL A 2357 -32.31 19.62 30.44
CA VAL A 2357 -32.40 20.84 29.65
C VAL A 2357 -30.98 21.32 29.36
N VAL A 2358 -30.78 21.84 28.15
CA VAL A 2358 -29.49 22.38 27.72
C VAL A 2358 -29.72 23.78 27.18
N VAL A 2359 -28.98 24.75 27.71
CA VAL A 2359 -29.16 26.15 27.37
C VAL A 2359 -27.82 26.77 27.02
N ASP A 2360 -27.67 27.21 25.78
CA ASP A 2360 -26.58 28.09 25.39
C ASP A 2360 -27.08 29.41 24.84
N THR A 2361 -28.02 29.37 23.90
CA THR A 2361 -28.77 30.55 23.48
C THR A 2361 -30.26 30.28 23.34
N ALA A 2362 -30.68 29.03 23.18
CA ALA A 2362 -32.08 28.64 23.12
C ALA A 2362 -32.23 27.32 23.87
N LEU A 2363 -33.14 27.29 24.84
CA LEU A 2363 -33.28 26.11 25.68
C LEU A 2363 -33.79 24.93 24.87
N TYR A 2364 -33.24 23.75 25.15
CA TYR A 2364 -33.74 22.50 24.61
C TYR A 2364 -34.04 21.57 25.78
N ILE A 2365 -35.29 21.14 25.89
CA ILE A 2365 -35.76 20.35 27.02
C ILE A 2365 -36.22 18.99 26.52
N ALA A 2366 -35.90 17.94 27.27
CA ALA A 2366 -36.24 16.58 26.92
C ALA A 2366 -37.24 16.01 27.92
N LYS A 2367 -38.25 15.31 27.41
CA LYS A 2367 -39.29 14.71 28.24
C LYS A 2367 -39.20 13.20 28.19
N GLN A 2368 -39.77 12.55 29.21
CA GLN A 2368 -39.68 11.10 29.33
C GLN A 2368 -40.45 10.41 28.20
N ASN A 2369 -39.78 9.48 27.51
CA ASN A 2369 -40.37 8.77 26.39
C ASN A 2369 -40.92 9.73 25.35
N SER A 2370 -40.19 10.81 25.10
CA SER A 2370 -40.59 11.84 24.13
C SER A 2370 -39.57 11.90 23.02
N PRO A 2371 -39.85 11.28 21.87
CA PRO A 2371 -38.88 11.30 20.77
C PRO A 2371 -38.77 12.63 20.04
N VAL A 2372 -39.32 13.70 20.61
CA VAL A 2372 -39.27 15.04 20.00
C VAL A 2372 -38.80 15.99 21.08
N VAL A 2373 -37.50 16.31 21.08
CA VAL A 2373 -36.97 17.29 22.03
C VAL A 2373 -37.61 18.64 21.76
N GLU A 2374 -38.07 19.29 22.82
CA GLU A 2374 -38.81 20.54 22.69
C GLU A 2374 -37.85 21.71 22.80
N VAL A 2375 -37.82 22.56 21.77
CA VAL A 2375 -37.00 23.76 21.79
C VAL A 2375 -37.85 24.93 22.27
N TRP A 2376 -37.39 25.61 23.31
CA TRP A 2376 -38.07 26.76 23.88
C TRP A 2376 -37.11 27.94 23.90
N ASP A 2377 -37.58 29.08 23.40
CA ASP A 2377 -36.77 30.28 23.39
C ASP A 2377 -36.74 30.92 24.78
N LYS A 2378 -35.75 31.77 25.00
CA LYS A 2378 -35.59 32.47 26.26
C LYS A 2378 -36.42 33.76 26.36
N LYS A 2379 -37.03 34.20 25.26
CA LYS A 2379 -37.83 35.41 25.25
C LYS A 2379 -39.28 35.16 24.87
N THR A 2380 -39.52 34.50 23.74
CA THR A 2380 -40.88 34.33 23.24
C THR A 2380 -41.67 33.26 23.96
N GLU A 2381 -41.03 32.50 24.85
CA GLU A 2381 -41.69 31.41 25.59
C GLU A 2381 -42.36 30.42 24.63
N LYS A 2382 -41.68 30.12 23.53
CA LYS A 2382 -42.18 29.17 22.56
C LYS A 2382 -41.04 28.64 21.68
N LEU A 2386 -39.35 21.88 17.72
CA LEU A 2386 -39.68 20.51 17.35
C LEU A 2386 -38.51 19.80 16.67
N ILE A 2387 -37.71 19.09 17.45
CA ILE A 2387 -36.65 18.25 16.92
C ILE A 2387 -37.07 16.79 17.02
N ASP A 2388 -37.70 16.27 15.97
CA ASP A 2388 -38.25 14.92 15.98
C ASP A 2388 -37.11 13.93 15.81
N CYS A 2389 -36.67 13.33 16.92
CA CYS A 2389 -35.57 12.37 16.86
C CYS A 2389 -35.96 11.13 16.04
N VAL A 2390 -37.20 10.67 16.19
CA VAL A 2390 -37.64 9.48 15.48
C VAL A 2390 -37.53 9.70 13.98
N HIS A 2391 -37.76 10.92 13.50
CA HIS A 2391 -37.60 11.20 12.08
C HIS A 2391 -36.14 11.03 11.66
N PHE A 2392 -35.20 11.51 12.47
CA PHE A 2392 -33.78 11.35 12.14
C PHE A 2392 -33.38 9.88 12.14
N LEU A 2393 -33.87 9.10 13.12
CA LEU A 2393 -33.57 7.67 13.13
C LEU A 2393 -34.15 6.99 11.90
N ARG A 2394 -35.38 7.35 11.51
CA ARG A 2394 -35.94 6.80 10.28
C ARG A 2394 -35.11 7.21 9.07
N GLU A 2395 -34.47 8.38 9.13
CA GLU A 2395 -33.56 8.80 8.06
C GLU A 2395 -32.27 7.98 8.05
N VAL A 2396 -31.97 7.26 9.13
CA VAL A 2396 -30.77 6.44 9.20
C VAL A 2396 -31.15 4.96 9.11
N TYR A 2410 -34.13 0.77 17.99
CA TYR A 2410 -34.35 2.17 17.65
C TYR A 2410 -35.48 2.75 18.48
N SER A 2411 -35.26 2.85 19.79
CA SER A 2411 -36.28 3.39 20.68
C SER A 2411 -36.59 4.84 20.36
N GLY A 2412 -35.56 5.65 20.11
CA GLY A 2412 -35.76 7.03 19.76
C GLY A 2412 -36.19 7.93 20.90
N ARG A 2413 -36.30 7.41 22.12
CA ARG A 2413 -36.69 8.22 23.26
C ARG A 2413 -35.44 8.82 23.89
N VAL A 2414 -35.38 10.15 23.95
CA VAL A 2414 -34.23 10.81 24.53
C VAL A 2414 -34.12 10.47 26.00
N LYS A 2415 -32.90 10.20 26.46
CA LYS A 2415 -32.64 9.90 27.86
C LYS A 2415 -31.63 10.83 28.49
N THR A 2416 -30.65 11.32 27.72
CA THR A 2416 -29.70 12.30 28.21
C THR A 2416 -29.11 13.03 27.02
N LEU A 2417 -28.75 14.29 27.24
CA LEU A 2417 -28.15 15.08 26.18
C LEU A 2417 -27.22 16.13 26.79
N CYS A 2418 -26.27 16.59 25.98
CA CYS A 2418 -25.34 17.63 26.39
C CYS A 2418 -24.81 18.33 25.16
N LEU A 2419 -24.36 19.57 25.36
CA LEU A 2419 -23.88 20.40 24.27
C LEU A 2419 -22.36 20.35 24.19
N GLN A 2420 -21.80 21.11 23.27
CA GLN A 2420 -20.36 21.16 23.07
C GLN A 2420 -19.66 21.78 24.27
N ALA A 2424 -22.81 21.79 18.24
CA ALA A 2424 -23.07 20.38 18.00
C ALA A 2424 -23.75 19.75 19.22
N LEU A 2425 -25.05 19.51 19.11
CA LEU A 2425 -25.83 18.95 20.20
C LEU A 2425 -25.82 17.43 20.10
N TRP A 2426 -25.47 16.77 21.19
CA TRP A 2426 -25.45 15.31 21.26
C TRP A 2426 -26.69 14.86 22.02
N ILE A 2427 -27.52 14.04 21.36
CA ILE A 2427 -28.77 13.57 21.95
C ILE A 2427 -28.67 12.07 22.09
N GLY A 2428 -28.71 11.58 23.33
CA GLY A 2428 -28.63 10.16 23.56
C GLY A 2428 -30.00 9.51 23.63
N THR A 2429 -30.39 8.82 22.57
CA THR A 2429 -31.70 8.18 22.55
C THR A 2429 -31.69 6.93 23.42
N GLY A 2430 -32.89 6.49 23.80
CA GLY A 2430 -33.01 5.27 24.58
C GLY A 2430 -32.67 4.01 23.84
N GLY A 2431 -32.64 4.07 22.51
CA GLY A 2431 -32.29 2.92 21.70
C GLY A 2431 -30.81 2.63 21.60
N GLY A 2432 -29.97 3.46 22.20
CA GLY A 2432 -28.54 3.29 22.13
C GLY A 2432 -27.84 4.10 21.07
N HIS A 2433 -28.52 5.06 20.45
CA HIS A 2433 -27.96 5.86 19.37
C HIS A 2433 -27.69 7.27 19.84
N ILE A 2434 -26.51 7.79 19.48
CA ILE A 2434 -26.15 9.17 19.75
C ILE A 2434 -26.42 9.97 18.49
N LEU A 2435 -27.49 10.75 18.49
CA LEU A 2435 -27.74 11.66 17.39
C LEU A 2435 -26.86 12.89 17.54
N LEU A 2436 -26.15 13.24 16.47
CA LEU A 2436 -25.28 14.41 16.48
C LEU A 2436 -25.93 15.49 15.64
N LEU A 2437 -25.95 16.72 16.17
CA LEU A 2437 -26.57 17.84 15.48
C LEU A 2437 -25.65 19.04 15.60
N ASP A 2438 -26.00 20.12 14.90
CA ASP A 2438 -25.26 21.36 14.96
C ASP A 2438 -26.21 22.52 15.23
N LEU A 2439 -25.65 23.61 15.74
CA LEU A 2439 -26.42 24.79 16.09
C LEU A 2439 -26.61 25.71 14.88
N SER A 2440 -27.02 25.11 13.76
CA SER A 2440 -27.31 25.87 12.54
C SER A 2440 -28.13 24.96 11.64
N THR A 2441 -29.37 25.34 11.37
CA THR A 2441 -30.33 24.63 10.53
C THR A 2441 -30.77 23.29 11.13
N ARG A 2442 -30.24 22.90 12.29
CA ARG A 2442 -30.62 21.65 12.96
C ARG A 2442 -30.51 20.46 12.02
N ARG A 2443 -29.46 20.45 11.20
CA ARG A 2443 -29.25 19.39 10.24
C ARG A 2443 -28.53 18.21 10.88
N LEU A 2444 -28.97 17.01 10.53
CA LEU A 2444 -28.38 15.81 11.11
C LEU A 2444 -26.97 15.59 10.57
N ILE A 2445 -26.03 15.41 11.48
CA ILE A 2445 -24.63 15.19 11.14
C ILE A 2445 -24.31 13.70 11.08
N ARG A 2446 -24.65 12.96 12.13
CA ARG A 2446 -24.36 11.54 12.19
C ARG A 2446 -25.27 10.89 13.22
N VAL A 2447 -25.46 9.59 13.05
CA VAL A 2447 -26.19 8.77 14.01
C VAL A 2447 -25.21 7.71 14.50
N ILE A 2448 -24.51 8.01 15.59
CA ILE A 2448 -23.51 7.10 16.14
C ILE A 2448 -24.25 5.91 16.73
N TYR A 2449 -24.10 4.75 16.12
CA TYR A 2449 -24.73 3.52 16.60
C TYR A 2449 -23.75 2.76 17.47
N ASN A 2450 -23.50 3.31 18.65
CA ASN A 2450 -22.59 2.68 19.60
C ASN A 2450 -23.13 1.32 20.04
N PHE A 2451 -22.23 0.46 20.50
CA PHE A 2451 -22.59 -0.88 20.93
C PHE A 2451 -23.18 -0.89 22.33
N CYS A 2452 -23.60 0.26 22.86
CA CYS A 2452 -24.11 0.32 24.22
C CYS A 2452 -25.52 -0.24 24.33
N ASN A 2453 -26.30 -0.19 23.25
CA ASN A 2453 -27.69 -0.61 23.16
C ASN A 2453 -28.64 0.25 23.99
N SER A 2454 -28.10 1.20 24.76
CA SER A 2454 -28.86 2.19 25.51
C SER A 2454 -27.86 3.19 26.06
N VAL A 2455 -28.37 4.32 26.53
CA VAL A 2455 -27.55 5.37 27.12
C VAL A 2455 -28.20 5.81 28.42
N ARG A 2456 -27.38 5.99 29.45
CA ARG A 2456 -27.86 6.47 30.74
C ARG A 2456 -27.42 7.90 31.02
N VAL A 2457 -26.12 8.16 31.01
CA VAL A 2457 -25.59 9.51 31.23
C VAL A 2457 -24.43 9.74 30.27
N MET A 2458 -24.41 10.90 29.62
CA MET A 2458 -23.30 11.34 28.82
C MET A 2458 -22.88 12.71 29.29
N MET A 2459 -21.57 12.95 29.33
CA MET A 2459 -21.08 14.22 29.85
C MET A 2459 -19.67 14.49 29.35
N THR A 2460 -19.31 15.77 29.33
CA THR A 2460 -17.97 16.17 28.93
C THR A 2460 -16.97 15.85 30.04
N ALA A 2461 -15.71 15.73 29.65
CA ALA A 2461 -14.64 15.43 30.58
C ALA A 2461 -13.32 15.90 29.99
N GLN A 2462 -12.32 16.02 30.86
CA GLN A 2462 -11.00 16.45 30.43
C GLN A 2462 -10.04 15.26 30.33
N ASN A 2468 -10.05 17.05 25.72
CA ASN A 2468 -11.50 17.18 25.76
C ASN A 2468 -12.18 15.93 25.20
N VAL A 2469 -12.87 15.19 26.06
CA VAL A 2469 -13.52 13.95 25.68
C VAL A 2469 -14.96 13.98 26.16
N MET A 2470 -15.73 12.98 25.73
CA MET A 2470 -17.13 12.84 26.09
C MET A 2470 -17.37 11.43 26.60
N LEU A 2471 -17.66 11.29 27.88
CA LEU A 2471 -17.94 10.00 28.48
C LEU A 2471 -19.40 9.64 28.27
N VAL A 2472 -19.65 8.36 27.99
CA VAL A 2472 -20.99 7.84 27.73
C VAL A 2472 -21.15 6.55 28.53
N LEU A 2473 -22.27 6.43 29.24
CA LEU A 2473 -22.59 5.22 29.98
C LEU A 2473 -23.77 4.52 29.33
N GLY A 2474 -23.64 3.21 29.08
CA GLY A 2474 -24.68 2.47 28.41
C GLY A 2474 -24.90 1.13 29.07
N TYR A 2475 -26.11 0.61 28.88
CA TYR A 2475 -26.54 -0.67 29.45
C TYR A 2475 -26.67 -1.68 28.33
N ASN A 2476 -25.83 -2.71 28.36
CA ASN A 2476 -25.90 -3.76 27.34
C ASN A 2476 -26.18 -5.13 27.96
N ILE A 2489 -26.66 -8.17 33.05
CA ILE A 2489 -26.58 -6.99 32.20
C ILE A 2489 -25.16 -6.44 32.22
N GLN A 2490 -24.82 -5.64 31.21
CA GLN A 2490 -23.47 -5.13 31.02
C GLN A 2490 -23.49 -3.60 30.96
N SER A 2491 -22.53 -2.98 31.64
CA SER A 2491 -22.38 -1.53 31.65
C SER A 2491 -21.13 -1.14 30.87
N CYS A 2492 -21.30 -0.36 29.81
CA CYS A 2492 -20.21 0.05 28.94
C CYS A 2492 -19.94 1.53 29.12
N LEU A 2493 -18.67 1.88 29.32
CA LEU A 2493 -18.25 3.27 29.44
C LEU A 2493 -17.39 3.60 28.22
N THR A 2494 -17.93 4.41 27.32
CA THR A 2494 -17.26 4.82 26.10
C THR A 2494 -16.70 6.22 26.29
N VAL A 2495 -15.55 6.49 25.68
CA VAL A 2495 -14.93 7.80 25.79
C VAL A 2495 -14.72 8.31 24.36
N TRP A 2496 -15.71 9.04 23.86
CA TRP A 2496 -15.58 9.66 22.55
C TRP A 2496 -14.70 10.90 22.64
N ASP A 2497 -14.28 11.40 21.48
CA ASP A 2497 -13.50 12.62 21.40
C ASP A 2497 -14.43 13.78 21.09
N ILE A 2498 -14.14 14.94 21.69
CA ILE A 2498 -14.97 16.13 21.47
C ILE A 2498 -14.90 16.56 20.01
N ASN A 2499 -13.80 16.30 19.34
CA ASN A 2499 -13.62 16.67 17.94
C ASN A 2499 -14.51 15.85 16.99
N LEU A 2500 -15.35 14.96 17.53
CA LEU A 2500 -16.13 14.06 16.68
C LEU A 2500 -17.02 14.78 15.67
N PRO A 2501 -17.79 15.82 16.03
CA PRO A 2501 -18.64 16.47 15.01
C PRO A 2501 -17.86 17.02 13.83
N HIS A 2502 -16.62 17.46 14.03
CA HIS A 2502 -15.81 17.90 12.91
C HIS A 2502 -15.35 16.71 12.06
N GLU A 2503 -14.87 15.65 12.71
CA GLU A 2503 -14.33 14.52 11.99
C GLU A 2503 -15.39 13.78 11.17
N VAL A 2504 -16.67 13.99 11.46
CA VAL A 2504 -17.71 13.44 10.60
C VAL A 2504 -17.70 14.15 9.26
N GLN A 2505 -17.47 15.46 9.27
CA GLN A 2505 -17.45 16.25 8.05
C GLN A 2505 -16.05 16.37 7.45
N ASN A 2506 -15.05 16.67 8.29
CA ASN A 2506 -13.70 16.88 7.77
C ASN A 2506 -13.21 15.67 7.00
N LEU A 2507 -13.57 14.47 7.44
CA LEU A 2507 -13.21 13.27 6.71
C LEU A 2507 -14.07 13.10 5.47
N GLU A 2508 -15.37 13.41 5.57
CA GLU A 2508 -16.27 13.15 4.45
C GLU A 2508 -15.91 13.98 3.23
N LYS A 2509 -15.57 15.25 3.42
CA LYS A 2509 -15.08 16.04 2.30
C LYS A 2509 -13.63 15.72 1.95
N HIS A 2510 -12.91 15.02 2.83
CA HIS A 2510 -11.56 14.58 2.50
C HIS A 2510 -11.56 13.39 1.57
N ILE A 2511 -12.56 12.53 1.65
CA ILE A 2511 -12.63 11.41 0.72
C ILE A 2511 -12.99 11.88 -0.68
N GLU A 2512 -13.97 12.77 -0.79
CA GLU A 2512 -14.42 13.21 -2.11
C GLU A 2512 -13.32 13.94 -2.85
N VAL A 2513 -12.60 14.83 -2.17
CA VAL A 2513 -11.48 15.52 -2.81
C VAL A 2513 -10.43 14.52 -3.26
N ARG A 2514 -10.39 13.34 -2.65
CA ARG A 2514 -9.54 12.28 -3.16
C ARG A 2514 -10.23 11.52 -4.28
N LYS A 2515 -11.51 11.18 -4.11
CA LYS A 2515 -12.22 10.38 -5.09
C LYS A 2515 -12.19 11.05 -6.46
N GLU A 2516 -12.52 12.35 -6.49
CA GLU A 2516 -12.44 13.09 -7.74
C GLU A 2516 -11.04 12.99 -8.34
N LEU A 2517 -10.01 13.15 -7.51
CA LEU A 2517 -8.64 12.96 -7.98
C LEU A 2517 -8.46 11.55 -8.54
N ALA A 2518 -8.94 10.55 -7.80
CA ALA A 2518 -8.83 9.17 -8.27
C ALA A 2518 -9.63 8.95 -9.54
N GLU A 2519 -10.56 9.85 -9.86
CA GLU A 2519 -11.26 9.81 -11.13
C GLU A 2519 -10.67 10.74 -12.16
N LYS A 2520 -9.98 11.81 -11.74
CA LYS A 2520 -9.34 12.69 -12.71
C LYS A 2520 -8.26 11.96 -13.48
N MET A 2521 -7.48 11.13 -12.78
CA MET A 2521 -6.48 10.31 -13.44
C MET A 2521 -7.12 9.20 -14.28
N ARG A 2522 -8.38 8.86 -14.00
CA ARG A 2522 -9.16 7.89 -14.78
C ARG A 2522 -8.45 6.56 -14.97
N THR B 51 -53.53 10.31 11.11
CA THR B 51 -54.97 10.12 11.29
C THR B 51 -55.47 10.96 12.47
N PRO B 52 -56.62 11.63 12.28
CA PRO B 52 -57.17 12.43 13.37
C PRO B 52 -57.58 11.62 14.59
N LEU B 53 -57.79 10.31 14.43
CA LEU B 53 -58.17 9.48 15.57
C LEU B 53 -57.08 9.45 16.63
N HIS B 54 -55.82 9.36 16.20
CA HIS B 54 -54.71 9.36 17.15
C HIS B 54 -54.66 10.68 17.93
N LEU B 55 -54.80 11.81 17.23
CA LEU B 55 -54.78 13.09 17.91
C LEU B 55 -55.96 13.23 18.87
N ALA B 56 -57.14 12.78 18.46
CA ALA B 56 -58.30 12.85 19.33
C ALA B 56 -58.11 11.99 20.57
N ALA B 57 -57.54 10.79 20.40
CA ALA B 57 -57.26 9.93 21.56
C ALA B 57 -56.24 10.58 22.49
N ASP B 58 -55.21 11.20 21.91
CA ASP B 58 -54.21 11.87 22.74
C ASP B 58 -54.83 13.03 23.52
N SER B 59 -55.70 13.80 22.88
CA SER B 59 -56.32 14.94 23.56
C SER B 59 -57.32 14.51 24.62
N GLY B 60 -57.82 13.28 24.55
CA GLY B 60 -58.79 12.79 25.51
C GLY B 60 -60.20 13.26 25.29
N HIS B 61 -60.49 13.91 24.16
CA HIS B 61 -61.83 14.41 23.87
C HIS B 61 -62.77 13.24 23.62
N LEU B 62 -63.72 13.02 24.54
CA LEU B 62 -64.64 11.90 24.40
C LEU B 62 -65.54 12.05 23.18
N GLU B 63 -66.06 13.27 22.96
CA GLU B 63 -66.94 13.49 21.81
C GLU B 63 -66.18 13.31 20.51
N ILE B 64 -64.98 13.87 20.41
CA ILE B 64 -64.19 13.75 19.18
C ILE B 64 -63.82 12.29 18.94
N VAL B 65 -63.41 11.58 19.99
CA VAL B 65 -63.05 10.16 19.84
C VAL B 65 -64.26 9.35 19.39
N GLU B 66 -65.42 9.60 19.98
CA GLU B 66 -66.62 8.88 19.60
C GLU B 66 -67.01 9.17 18.15
N VAL B 67 -66.90 10.43 17.73
CA VAL B 67 -67.21 10.79 16.35
C VAL B 67 -66.25 10.11 15.39
N LEU B 68 -64.95 10.10 15.72
CA LEU B 68 -63.98 9.44 14.86
C LEU B 68 -64.24 7.95 14.77
N LEU B 69 -64.58 7.31 15.89
CA LEU B 69 -64.88 5.88 15.87
C LEU B 69 -66.12 5.60 15.05
N LYS B 70 -67.16 6.43 15.18
CA LYS B 70 -68.39 6.23 14.43
C LYS B 70 -68.20 6.58 12.95
N THR B 71 -67.15 7.31 12.60
CA THR B 71 -66.91 7.65 11.21
C THR B 71 -66.59 6.42 10.37
N GLY B 72 -66.16 5.33 10.99
CA GLY B 72 -65.85 4.10 10.27
C GLY B 72 -64.44 3.61 10.46
N PRO B 85 -53.90 3.40 18.29
CA PRO B 85 -54.21 4.52 19.20
C PRO B 85 -54.38 4.07 20.65
N LEU B 86 -54.24 2.77 20.89
CA LEU B 86 -54.37 2.25 22.24
C LEU B 86 -53.26 2.78 23.14
N HIS B 87 -52.04 2.85 22.62
CA HIS B 87 -50.91 3.35 23.42
C HIS B 87 -51.12 4.80 23.81
N LEU B 88 -51.62 5.63 22.88
CA LEU B 88 -51.88 7.03 23.21
C LEU B 88 -52.94 7.15 24.30
N ALA B 89 -54.01 6.36 24.20
CA ALA B 89 -55.06 6.40 25.21
C ALA B 89 -54.52 5.94 26.57
N ALA B 90 -53.69 4.90 26.57
CA ALA B 90 -53.10 4.45 27.83
C ALA B 90 -52.20 5.52 28.44
N HIS B 91 -51.39 6.18 27.61
CA HIS B 91 -50.53 7.25 28.12
C HIS B 91 -51.35 8.40 28.68
N VAL B 92 -52.44 8.77 28.00
CA VAL B 92 -53.31 9.82 28.53
C VAL B 92 -54.01 9.37 29.79
N GLY B 93 -54.25 8.07 29.93
CA GLY B 93 -54.97 7.55 31.08
C GLY B 93 -56.43 7.93 31.15
N HIS B 94 -57.13 7.93 30.03
CA HIS B 94 -58.55 8.24 29.97
C HIS B 94 -59.34 6.94 29.90
N LEU B 95 -60.18 6.70 30.90
CA LEU B 95 -60.95 5.45 30.95
C LEU B 95 -61.93 5.37 29.78
N GLU B 96 -62.59 6.48 29.46
CA GLU B 96 -63.54 6.49 28.36
C GLU B 96 -62.86 6.18 27.03
N ILE B 97 -61.67 6.76 26.80
CA ILE B 97 -60.94 6.52 25.57
C ILE B 97 -60.52 5.05 25.48
N VAL B 98 -60.05 4.48 26.59
CA VAL B 98 -59.64 3.07 26.59
C VAL B 98 -60.84 2.17 26.31
N GLU B 99 -61.97 2.45 26.95
CA GLU B 99 -63.16 1.64 26.72
C GLU B 99 -63.64 1.74 25.28
N VAL B 100 -63.62 2.95 24.72
CA VAL B 100 -64.04 3.13 23.33
C VAL B 100 -63.08 2.41 22.39
N LEU B 101 -61.78 2.52 22.64
CA LEU B 101 -60.79 1.88 21.80
C LEU B 101 -60.56 0.43 22.24
N THR B 117 -45.85 -2.62 25.49
CA THR B 117 -47.16 -2.41 24.88
C THR B 117 -48.00 -1.46 25.71
N PRO B 118 -49.32 -1.46 25.48
CA PRO B 118 -50.19 -0.62 26.31
C PRO B 118 -50.13 -0.95 27.79
N LEU B 119 -49.95 -2.23 28.14
CA LEU B 119 -49.85 -2.60 29.54
C LEU B 119 -48.63 -1.98 30.19
N HIS B 120 -47.48 -2.01 29.49
CA HIS B 120 -46.27 -1.42 30.03
C HIS B 120 -46.42 0.09 30.21
N LEU B 121 -47.04 0.76 29.23
CA LEU B 121 -47.27 2.19 29.35
C LEU B 121 -48.18 2.52 30.53
N ALA B 122 -49.25 1.73 30.70
CA ALA B 122 -50.15 1.94 31.83
C ALA B 122 -49.44 1.72 33.16
N ALA B 123 -48.59 0.70 33.23
CA ALA B 123 -47.85 0.44 34.45
C ALA B 123 -46.87 1.59 34.74
N LEU B 124 -46.20 2.10 33.72
CA LEU B 124 -45.27 3.21 33.91
C LEU B 124 -46.00 4.46 34.38
N TYR B 125 -47.13 4.78 33.76
CA TYR B 125 -47.89 5.96 34.17
C TYR B 125 -48.55 5.75 35.52
N GLY B 126 -49.16 4.58 35.74
CA GLY B 126 -49.80 4.28 37.00
C GLY B 126 -51.30 4.50 37.00
N HIS B 127 -51.98 3.98 35.99
CA HIS B 127 -53.44 4.05 35.89
C HIS B 127 -53.99 2.66 36.16
N LEU B 128 -54.46 2.45 37.40
CA LEU B 128 -54.95 1.13 37.79
C LEU B 128 -56.17 0.72 36.98
N GLU B 129 -57.11 1.66 36.76
CA GLU B 129 -58.31 1.33 36.02
C GLU B 129 -57.99 0.94 34.57
N ILE B 130 -57.08 1.68 33.94
CA ILE B 130 -56.71 1.38 32.56
C ILE B 130 -56.03 0.03 32.47
N VAL B 131 -55.13 -0.27 33.41
CA VAL B 131 -54.45 -1.56 33.41
C VAL B 131 -55.44 -2.69 33.60
N GLU B 132 -56.38 -2.52 34.54
CA GLU B 132 -57.38 -3.56 34.77
C GLU B 132 -58.26 -3.77 33.54
N VAL B 133 -58.65 -2.68 32.88
CA VAL B 133 -59.49 -2.79 31.69
C VAL B 133 -58.73 -3.51 30.58
N LEU B 134 -57.46 -3.16 30.39
CA LEU B 134 -56.66 -3.82 29.36
C LEU B 134 -56.48 -5.30 29.68
N LEU B 135 -56.25 -5.64 30.95
CA LEU B 135 -56.13 -7.04 31.33
C LEU B 135 -57.43 -7.79 31.07
N LYS B 136 -58.56 -7.18 31.38
CA LYS B 136 -59.84 -7.80 31.10
C LYS B 136 -60.07 -7.96 29.61
N HIS B 137 -59.74 -6.95 28.82
CA HIS B 137 -59.92 -7.00 27.38
C HIS B 137 -58.85 -7.87 26.72
N TRP B 147 -35.53 -3.12 25.24
CA TRP B 147 -35.72 -4.46 24.69
C TRP B 147 -37.21 -4.80 24.56
N GLY B 148 -38.02 -4.31 25.50
CA GLY B 148 -39.43 -4.59 25.49
C GLY B 148 -39.81 -5.81 26.31
N GLU B 149 -39.41 -5.82 27.58
CA GLU B 149 -39.69 -6.95 28.46
C GLU B 149 -41.13 -6.87 28.96
N THR B 150 -41.46 -7.70 29.94
CA THR B 150 -42.83 -7.77 30.45
C THR B 150 -43.20 -6.47 31.15
N PRO B 151 -44.48 -6.10 31.13
CA PRO B 151 -44.90 -4.86 31.80
C PRO B 151 -44.62 -4.86 33.29
N PHE B 152 -44.69 -6.03 33.94
CA PHE B 152 -44.43 -6.09 35.38
C PHE B 152 -42.99 -5.73 35.71
N ASP B 153 -42.07 -5.85 34.76
CA ASP B 153 -40.68 -5.51 35.02
C ASP B 153 -40.53 -4.03 35.35
N LEU B 154 -41.21 -3.16 34.60
CA LEU B 154 -41.11 -1.73 34.83
C LEU B 154 -41.88 -1.26 36.05
N ALA B 155 -42.80 -2.08 36.56
CA ALA B 155 -43.60 -1.66 37.71
C ALA B 155 -42.73 -1.45 38.93
N ILE B 156 -41.77 -2.34 39.17
CA ILE B 156 -40.87 -2.18 40.32
C ILE B 156 -40.01 -0.93 40.15
N ASP B 157 -39.48 -0.71 38.95
CA ASP B 157 -38.65 0.47 38.72
C ASP B 157 -39.46 1.75 38.86
N ASN B 158 -40.70 1.76 38.34
CA ASN B 158 -41.54 2.95 38.44
C ASN B 158 -41.97 3.24 39.86
N GLY B 159 -41.96 2.25 40.74
CA GLY B 159 -42.31 2.45 42.14
C GLY B 159 -43.79 2.36 42.45
N ASN B 160 -44.64 2.03 41.47
CA ASN B 160 -46.07 1.91 41.71
C ASN B 160 -46.33 0.59 42.41
N GLU B 161 -46.49 0.64 43.74
CA GLU B 161 -46.66 -0.58 44.51
C GLU B 161 -47.96 -1.29 44.16
N ASP B 162 -49.05 -0.53 44.03
CA ASP B 162 -50.33 -1.15 43.70
C ASP B 162 -50.30 -1.78 42.31
N ILE B 163 -49.72 -1.09 41.34
CA ILE B 163 -49.61 -1.63 39.99
C ILE B 163 -48.71 -2.86 40.00
N ALA B 164 -47.62 -2.83 40.77
CA ALA B 164 -46.74 -3.98 40.86
C ALA B 164 -47.46 -5.19 41.44
N GLU B 165 -48.25 -4.97 42.51
CA GLU B 165 -49.01 -6.06 43.11
C GLU B 165 -50.04 -6.62 42.12
N VAL B 166 -50.71 -5.73 41.39
CA VAL B 166 -51.71 -6.17 40.41
C VAL B 166 -51.04 -6.99 39.32
N LEU B 167 -49.88 -6.54 38.83
CA LEU B 167 -49.17 -7.28 37.79
C LEU B 167 -48.70 -8.64 38.30
N GLN B 168 -48.18 -8.69 39.53
CA GLN B 168 -47.71 -9.95 40.09
C GLN B 168 -48.87 -10.92 40.31
N LYS B 169 -50.04 -10.40 40.66
CA LYS B 169 -51.20 -11.26 40.88
C LYS B 169 -51.59 -12.00 39.60
N ALA B 170 -51.56 -11.30 38.47
CA ALA B 170 -51.91 -11.92 37.19
C ALA B 170 -50.66 -12.46 36.51
#